data_4G0W
#
_entry.id   4G0W
#
_cell.length_a   80.662
_cell.length_b   176.424
_cell.length_c   93.635
_cell.angle_alpha   90.00
_cell.angle_beta   112.04
_cell.angle_gamma   90.00
#
_symmetry.space_group_name_H-M   'P 1 21 1'
#
loop_
_entity.id
_entity.type
_entity.pdbx_description
1 polymer 'DNA topoisomerase 2-beta'
2 polymer "DNA (5'-D(P*AP*GP*CP*CP*GP*AP*GP*C)-3')"
3 polymer "DNA (5'-D(P*TP*GP*CP*AP*GP*CP*TP*CP*GP*GP*CP*T)-3')"
4 non-polymer 'MAGNESIUM ION'
5 non-polymer 1,4-bis({2-[(2-hydroxyethyl)amino]ethyl}amino)anthracene-9,10-dione
6 water water
#
loop_
_entity_poly.entity_id
_entity_poly.type
_entity_poly.pdbx_seq_one_letter_code
_entity_poly.pdbx_strand_id
1 'polypeptide(L)'
;MASWSHPQFEKGADDDDKVPDPTSVDSVKYSKIKGIPKLDDANDAGGKHSLECTLILTEGDSAKSLAVSGLGVIGRDRYG
VFPLRGKILNVREASHKQIMENAEINNIIKIVGLQYKKSYDDAESLKTLRYGKIMIMTDQDQDGSHIKGLLINFIHHNWP
SLLKHGFLEEFITPIVKASKNKQELSFYSIPEFDEWKKHIENQKAWKIKYYKGLGTSTAKEAKEYFADMERHRILFRYAG
PEDDAAITLAFSKKKIDDRKEWLTNFMEDRRQRRLHGLPEQFLYGTATKHLTYNDFINKELILFSNSDNERSIPSLVDGF
KPGQRKVLFTCFKRNDKREVKVAQLAGSVAEMSAYHHGEQALMMTIVNLAQNFVGSNNINLLQPIGQFGTRLHGGKDAAS
PRYIFTMLSTLARLLFPAVDDNLLKFLYDDNQRVEPEWYIPIIPMVLINGAEGIGTGWACKLPNYDAREIVNNVRRMLDG
LDPHPMLPNYKNFKGTIQELGQNQYAVSGEIFVVDRNTVEITELPVRTWTQVYKEQVLEPMLNGTDKTPALISDYKEYHT
DTTVKFVVKMTEEKLAQAEAAGLHKVFKLQTTLTCNSMVLFDHMGCLKKYETVQDILKEFFDLRLSYYGLRKEWLVGMLG
AESTKLNNQARFILEKIQGKITIENRSKKDLIQMLVQRGYESDPVKAWKEAQEKAAEEDETQNQHDDSSSDSGTPSGPDF
NYILNMSLWSLTKEKVEELIKQRDAKGREVNDLKRKSPSDLWKEDLAAFVEELDKVESQEREDGAPGFSSISAHHHHHHH
HHH
;
A,B
2 'polydeoxyribonucleotide' (DA)(DG)(DC)(DC)(DG)(DA)(DG)(DC) C,E
3 'polydeoxyribonucleotide' (DT)(DG)(DC)(DA)(DG)(DC)(DT)(DC)(DG)(DG)(DC)(DT) D,F
#
# COMPACT_ATOMS: atom_id res chain seq x y z
N LYS A 34 -29.50 2.05 23.67
CA LYS A 34 -29.15 3.34 23.08
C LYS A 34 -27.86 3.91 23.68
N GLY A 35 -27.21 4.80 22.94
CA GLY A 35 -25.94 5.37 23.37
C GLY A 35 -24.76 4.56 22.84
N ILE A 36 -25.03 3.77 21.80
CA ILE A 36 -24.02 2.91 21.19
C ILE A 36 -23.74 3.36 19.77
N PRO A 37 -22.46 3.64 19.46
CA PRO A 37 -22.07 4.13 18.12
C PRO A 37 -22.12 3.01 17.09
N LYS A 38 -22.36 3.38 15.82
CA LYS A 38 -22.45 2.43 14.72
C LYS A 38 -23.76 1.65 14.68
N LEU A 39 -24.54 1.72 15.77
CA LEU A 39 -25.86 1.09 15.82
C LEU A 39 -26.94 1.95 15.18
N ASP A 40 -27.64 1.39 14.21
CA ASP A 40 -28.86 1.99 13.69
C ASP A 40 -30.05 1.22 14.23
N ASP A 41 -30.38 1.49 15.50
CA ASP A 41 -31.51 0.88 16.19
C ASP A 41 -32.77 0.94 15.35
N ALA A 42 -33.56 -0.13 15.41
CA ALA A 42 -34.84 -0.15 14.73
C ALA A 42 -35.79 0.81 15.43
N ASN A 43 -36.62 1.51 14.65
CA ASN A 43 -37.59 2.46 15.18
C ASN A 43 -38.51 1.85 16.25
N ASP A 44 -39.11 0.71 15.92
CA ASP A 44 -40.09 0.07 16.80
C ASP A 44 -39.47 -0.87 17.82
N ALA A 45 -38.15 -0.83 17.95
CA ALA A 45 -37.46 -1.67 18.91
C ALA A 45 -37.60 -1.13 20.33
N GLY A 46 -37.84 -2.04 21.28
CA GLY A 46 -37.97 -1.69 22.68
C GLY A 46 -39.42 -1.53 23.08
N GLY A 47 -40.28 -1.43 22.06
CA GLY A 47 -41.70 -1.22 22.25
C GLY A 47 -42.56 -2.47 22.05
N LYS A 48 -43.82 -2.25 21.70
CA LYS A 48 -44.80 -3.34 21.65
C LYS A 48 -44.68 -4.14 20.36
N HIS A 49 -43.71 -3.78 19.54
CA HIS A 49 -43.46 -4.55 18.32
C HIS A 49 -42.08 -5.21 18.33
N SER A 50 -41.43 -5.17 19.49
CA SER A 50 -40.11 -5.75 19.72
C SER A 50 -39.90 -7.11 19.06
N LEU A 51 -40.78 -8.06 19.38
CA LEU A 51 -40.60 -9.44 18.93
C LEU A 51 -40.87 -9.63 17.43
N GLU A 52 -41.15 -8.52 16.74
CA GLU A 52 -41.30 -8.54 15.29
C GLU A 52 -40.18 -7.71 14.68
N CYS A 53 -39.20 -7.38 15.51
CA CYS A 53 -38.04 -6.60 15.08
C CYS A 53 -36.78 -7.45 14.96
N THR A 54 -36.05 -7.23 13.87
CA THR A 54 -34.82 -7.95 13.57
C THR A 54 -33.58 -7.07 13.70
N LEU A 55 -32.62 -7.54 14.51
CA LEU A 55 -31.29 -6.95 14.54
C LEU A 55 -30.39 -7.64 13.50
N ILE A 56 -29.96 -6.88 12.49
CA ILE A 56 -28.97 -7.36 11.53
C ILE A 56 -27.53 -7.10 12.01
N LEU A 57 -26.80 -8.17 12.34
CA LEU A 57 -25.38 -8.10 12.68
C LEU A 57 -24.51 -8.36 11.46
N THR A 58 -23.73 -7.35 11.06
CA THR A 58 -22.93 -7.46 9.85
C THR A 58 -21.45 -7.67 10.12
N GLU A 59 -20.78 -8.40 9.24
CA GLU A 59 -19.33 -8.51 9.26
C GLU A 59 -18.75 -7.29 8.55
N GLY A 60 -18.35 -6.27 9.33
CA GLY A 60 -17.75 -5.06 8.79
C GLY A 60 -18.70 -3.89 8.57
N ASP A 61 -18.15 -2.67 8.55
CA ASP A 61 -18.98 -1.47 8.37
C ASP A 61 -19.56 -1.42 6.98
N SER A 62 -18.84 -1.93 6.00
CA SER A 62 -19.30 -1.93 4.62
C SER A 62 -20.59 -2.74 4.42
N ALA A 63 -20.66 -3.92 5.03
CA ALA A 63 -21.84 -4.76 4.96
C ALA A 63 -23.02 -4.11 5.66
N LYS A 64 -22.71 -3.32 6.68
CA LYS A 64 -23.73 -2.57 7.42
C LYS A 64 -24.38 -1.55 6.50
N SER A 65 -23.57 -0.84 5.73
CA SER A 65 -24.05 0.28 4.92
C SER A 65 -24.78 -0.19 3.67
N LEU A 66 -24.62 -1.46 3.32
CA LEU A 66 -25.38 -2.07 2.24
C LEU A 66 -26.72 -2.54 2.78
N ALA A 67 -26.74 -2.92 4.05
CA ALA A 67 -27.97 -3.27 4.71
C ALA A 67 -28.83 -2.02 4.86
N VAL A 68 -28.17 -0.91 5.15
CA VAL A 68 -28.82 0.39 5.32
C VAL A 68 -29.51 0.89 4.04
N SER A 69 -28.79 0.80 2.92
CA SER A 69 -29.32 1.21 1.62
C SER A 69 -30.29 0.18 1.04
N GLY A 70 -30.21 -1.05 1.55
CA GLY A 70 -31.10 -2.11 1.13
C GLY A 70 -32.46 -2.04 1.81
N LEU A 71 -32.50 -1.45 3.01
CA LEU A 71 -33.76 -1.26 3.72
C LEU A 71 -34.59 -0.16 3.09
N GLY A 72 -33.92 0.94 2.76
CA GLY A 72 -34.60 2.17 2.36
C GLY A 72 -35.20 2.81 3.59
N VAL A 73 -36.07 3.80 3.39
CA VAL A 73 -36.79 4.45 4.47
C VAL A 73 -37.70 3.46 5.19
N ILE A 74 -38.27 2.55 4.40
CA ILE A 74 -39.34 1.65 4.83
C ILE A 74 -38.91 0.62 5.88
N GLY A 75 -37.72 0.06 5.70
CA GLY A 75 -37.23 -1.00 6.57
C GLY A 75 -36.83 -0.58 7.98
N ARG A 76 -36.70 0.73 8.22
CA ARG A 76 -36.15 1.22 9.48
C ARG A 76 -37.07 1.01 10.70
N ASP A 77 -38.32 0.63 10.46
CA ASP A 77 -39.25 0.38 11.56
C ASP A 77 -39.00 -1.00 12.19
N ARG A 78 -38.83 -2.01 11.35
CA ARG A 78 -38.64 -3.37 11.84
C ARG A 78 -37.17 -3.85 11.90
N TYR A 79 -36.28 -3.16 11.19
CA TYR A 79 -34.89 -3.60 11.07
C TYR A 79 -33.86 -2.65 11.65
N GLY A 80 -33.05 -3.17 12.58
CA GLY A 80 -31.86 -2.48 13.06
C GLY A 80 -30.61 -3.10 12.45
N VAL A 81 -29.50 -2.36 12.46
CA VAL A 81 -28.25 -2.88 11.90
C VAL A 81 -27.04 -2.52 12.78
N PHE A 82 -26.14 -3.47 12.96
CA PHE A 82 -24.96 -3.25 13.82
C PHE A 82 -23.72 -4.03 13.34
N PRO A 83 -22.63 -3.30 13.04
CA PRO A 83 -21.45 -3.94 12.47
C PRO A 83 -20.54 -4.53 13.53
N LEU A 84 -19.86 -5.62 13.17
CA LEU A 84 -18.81 -6.19 14.00
C LEU A 84 -17.51 -6.09 13.22
N ARG A 85 -16.44 -5.72 13.91
CA ARG A 85 -15.14 -5.72 13.26
C ARG A 85 -14.30 -6.90 13.71
N GLY A 86 -13.99 -7.78 12.75
CA GLY A 86 -13.14 -8.91 13.01
C GLY A 86 -13.78 -9.98 13.87
N LYS A 87 -13.07 -11.11 14.00
CA LYS A 87 -13.53 -12.29 14.71
C LYS A 87 -13.92 -11.94 16.14
N ILE A 88 -14.93 -12.62 16.66
CA ILE A 88 -15.38 -12.34 18.01
C ILE A 88 -14.98 -13.45 18.99
N LEU A 89 -15.11 -13.14 20.27
CA LEU A 89 -14.76 -14.04 21.38
C LEU A 89 -15.51 -15.38 21.34
N ASN A 90 -14.79 -16.49 21.53
CA ASN A 90 -15.43 -17.76 21.80
C ASN A 90 -15.77 -17.79 23.29
N VAL A 91 -17.02 -17.48 23.62
CA VAL A 91 -17.42 -17.33 25.03
C VAL A 91 -17.53 -18.65 25.81
N ARG A 92 -17.65 -19.76 25.08
CA ARG A 92 -17.85 -21.07 25.69
C ARG A 92 -16.80 -21.48 26.72
N GLU A 93 -15.54 -21.15 26.49
CA GLU A 93 -14.53 -21.37 27.54
C GLU A 93 -13.59 -20.17 27.64
N ALA A 94 -14.14 -18.97 27.46
CA ALA A 94 -13.41 -17.76 27.72
C ALA A 94 -13.57 -17.46 29.21
N SER A 95 -12.53 -16.90 29.82
CA SER A 95 -12.54 -16.49 31.23
C SER A 95 -13.61 -15.43 31.52
N HIS A 96 -13.94 -15.23 32.79
CA HIS A 96 -15.02 -14.32 33.12
C HIS A 96 -14.62 -12.85 32.94
N LYS A 97 -13.36 -12.52 33.24
CA LYS A 97 -12.85 -11.18 32.98
C LYS A 97 -12.98 -10.85 31.49
N GLN A 98 -12.55 -11.81 30.67
CA GLN A 98 -12.61 -11.64 29.22
C GLN A 98 -14.03 -11.37 28.73
N ILE A 99 -14.98 -12.22 29.13
CA ILE A 99 -16.39 -12.07 28.73
C ILE A 99 -17.02 -10.75 29.19
N MET A 100 -16.74 -10.35 30.42
CA MET A 100 -17.32 -9.12 30.94
C MET A 100 -16.70 -7.87 30.31
N GLU A 101 -15.47 -7.98 29.82
CA GLU A 101 -14.77 -6.83 29.25
C GLU A 101 -14.92 -6.68 27.74
N ASN A 102 -15.47 -7.70 27.07
CA ASN A 102 -15.58 -7.68 25.62
C ASN A 102 -16.60 -6.67 25.11
N ALA A 103 -16.13 -5.76 24.27
CA ALA A 103 -16.98 -4.70 23.75
C ALA A 103 -18.16 -5.27 22.97
N GLU A 104 -17.87 -6.08 21.96
CA GLU A 104 -18.88 -6.55 21.02
C GLU A 104 -20.01 -7.29 21.70
N ILE A 105 -19.65 -8.27 22.51
CA ILE A 105 -20.61 -9.11 23.20
C ILE A 105 -21.53 -8.29 24.11
N ASN A 106 -20.96 -7.40 24.91
CA ASN A 106 -21.77 -6.48 25.71
C ASN A 106 -22.68 -5.59 24.87
N ASN A 107 -22.18 -5.10 23.74
CA ASN A 107 -22.98 -4.28 22.86
C ASN A 107 -24.18 -5.06 22.32
N ILE A 108 -23.98 -6.33 21.99
CA ILE A 108 -25.05 -7.16 21.46
C ILE A 108 -26.11 -7.40 22.53
N ILE A 109 -25.65 -7.68 23.75
CA ILE A 109 -26.51 -7.88 24.90
C ILE A 109 -27.38 -6.65 25.23
N LYS A 110 -26.77 -5.47 25.27
CA LYS A 110 -27.52 -4.24 25.52
C LYS A 110 -28.56 -3.98 24.42
N ILE A 111 -28.13 -4.06 23.16
CA ILE A 111 -29.00 -3.75 22.02
C ILE A 111 -30.22 -4.66 21.95
N VAL A 112 -30.03 -5.93 22.27
CA VAL A 112 -31.09 -6.92 22.16
C VAL A 112 -31.88 -6.99 23.46
N GLY A 113 -31.23 -6.72 24.59
CA GLY A 113 -31.91 -6.80 25.87
C GLY A 113 -31.72 -8.12 26.60
N LEU A 114 -30.86 -8.98 26.06
CA LEU A 114 -30.53 -10.26 26.67
C LEU A 114 -30.06 -10.11 28.11
N GLN A 115 -30.34 -11.12 28.92
CA GLN A 115 -29.83 -11.16 30.28
C GLN A 115 -29.24 -12.54 30.56
N TYR A 116 -28.03 -12.56 31.11
CA TYR A 116 -27.39 -13.83 31.45
C TYR A 116 -28.26 -14.63 32.41
N LYS A 117 -28.05 -15.94 32.42
CA LYS A 117 -28.75 -16.85 33.33
C LYS A 117 -30.27 -16.99 33.07
N LYS A 118 -30.94 -15.89 32.72
CA LYS A 118 -32.34 -15.93 32.32
C LYS A 118 -32.60 -16.77 31.05
N SER A 119 -33.26 -17.91 31.22
CA SER A 119 -33.66 -18.72 30.08
C SER A 119 -34.88 -18.07 29.43
N TYR A 120 -35.13 -18.44 28.17
CA TYR A 120 -36.29 -17.93 27.47
C TYR A 120 -37.23 -19.08 27.12
N ASP A 121 -37.90 -19.58 28.16
CA ASP A 121 -38.74 -20.76 28.04
C ASP A 121 -40.18 -20.45 27.61
N ASP A 122 -40.88 -19.61 28.38
CA ASP A 122 -42.28 -19.30 28.07
C ASP A 122 -42.49 -18.18 27.04
N ALA A 123 -43.36 -17.24 27.38
CA ALA A 123 -43.68 -16.11 26.50
C ALA A 123 -43.65 -14.79 27.26
N GLU A 124 -43.69 -14.87 28.59
CA GLU A 124 -43.55 -13.69 29.44
C GLU A 124 -42.07 -13.31 29.56
N SER A 125 -41.21 -14.32 29.39
CA SER A 125 -39.77 -14.11 29.30
C SER A 125 -39.41 -13.26 28.08
N LEU A 126 -39.87 -13.73 26.91
CA LEU A 126 -39.59 -13.06 25.63
C LEU A 126 -40.11 -11.63 25.53
N LYS A 127 -40.86 -11.17 26.53
CA LYS A 127 -41.38 -9.81 26.52
C LYS A 127 -40.33 -8.83 27.00
N THR A 128 -39.15 -9.34 27.30
CA THR A 128 -38.09 -8.51 27.85
C THR A 128 -37.07 -8.08 26.77
N LEU A 129 -37.21 -8.63 25.57
CA LEU A 129 -36.30 -8.35 24.44
C LEU A 129 -36.72 -7.13 23.62
N ARG A 130 -35.72 -6.39 23.12
CA ARG A 130 -35.94 -5.27 22.22
C ARG A 130 -36.06 -5.76 20.76
N TYR A 131 -35.55 -6.96 20.49
CA TYR A 131 -35.59 -7.56 19.15
C TYR A 131 -36.04 -9.00 19.23
N GLY A 132 -36.75 -9.46 18.18
CA GLY A 132 -37.24 -10.83 18.13
C GLY A 132 -36.37 -11.79 17.33
N LYS A 133 -35.53 -11.24 16.45
CA LYS A 133 -34.66 -12.04 15.63
C LYS A 133 -33.30 -11.36 15.48
N ILE A 134 -32.25 -12.17 15.41
CA ILE A 134 -30.93 -11.70 14.99
C ILE A 134 -30.65 -12.29 13.61
N MET A 135 -30.31 -11.42 12.67
CA MET A 135 -30.01 -11.86 11.30
C MET A 135 -28.55 -11.57 11.03
N ILE A 136 -27.77 -12.64 10.86
CA ILE A 136 -26.34 -12.59 10.64
C ILE A 136 -26.04 -12.41 9.17
N MET A 137 -25.34 -11.33 8.83
CA MET A 137 -24.99 -11.08 7.45
C MET A 137 -23.48 -10.98 7.33
N THR A 138 -22.85 -12.07 6.94
CA THR A 138 -21.40 -12.07 6.75
C THR A 138 -21.07 -12.19 5.28
N ASP A 139 -19.78 -12.07 4.96
CA ASP A 139 -19.26 -12.44 3.65
C ASP A 139 -19.62 -13.89 3.37
N GLN A 140 -19.88 -14.23 2.12
CA GLN A 140 -20.11 -15.63 1.76
C GLN A 140 -18.78 -16.32 1.49
N ASP A 141 -17.87 -16.23 2.45
CA ASP A 141 -16.57 -16.87 2.39
C ASP A 141 -16.35 -17.65 3.68
N GLN A 142 -15.26 -18.39 3.78
CA GLN A 142 -15.10 -19.26 4.95
C GLN A 142 -14.97 -18.49 6.26
N ASP A 143 -14.24 -17.38 6.25
CA ASP A 143 -14.10 -16.59 7.46
C ASP A 143 -15.43 -16.00 7.91
N GLY A 144 -16.26 -15.63 6.93
CA GLY A 144 -17.63 -15.30 7.17
C GLY A 144 -18.35 -16.42 7.91
N SER A 145 -18.20 -17.65 7.43
CA SER A 145 -18.85 -18.78 8.08
C SER A 145 -18.39 -18.89 9.53
N HIS A 146 -17.13 -18.53 9.77
CA HIS A 146 -16.54 -18.70 11.09
C HIS A 146 -17.18 -17.71 12.07
N ILE A 147 -17.40 -16.48 11.63
CA ILE A 147 -18.13 -15.53 12.45
C ILE A 147 -19.58 -15.98 12.74
N LYS A 148 -20.32 -16.41 11.71
CA LYS A 148 -21.63 -17.02 11.90
C LYS A 148 -21.57 -18.05 13.02
N GLY A 149 -20.60 -18.94 12.92
CA GLY A 149 -20.40 -19.96 13.92
C GLY A 149 -20.16 -19.41 15.32
N LEU A 150 -19.31 -18.40 15.44
CA LEU A 150 -18.97 -17.86 16.76
C LEU A 150 -20.16 -17.15 17.40
N LEU A 151 -20.96 -16.49 16.56
CA LEU A 151 -22.23 -15.91 16.98
C LEU A 151 -23.23 -16.98 17.44
N ILE A 152 -23.42 -18.00 16.60
CA ILE A 152 -24.27 -19.11 16.97
C ILE A 152 -23.82 -19.70 18.31
N ASN A 153 -22.52 -19.94 18.42
CA ASN A 153 -21.90 -20.42 19.64
C ASN A 153 -22.22 -19.57 20.87
N PHE A 154 -22.27 -18.26 20.66
CA PHE A 154 -22.51 -17.29 21.72
C PHE A 154 -23.93 -17.45 22.29
N ILE A 155 -24.93 -17.46 21.39
CA ILE A 155 -26.32 -17.68 21.78
C ILE A 155 -26.51 -19.06 22.43
N HIS A 156 -26.20 -20.13 21.69
CA HIS A 156 -26.31 -21.51 22.18
C HIS A 156 -25.73 -21.77 23.58
N HIS A 157 -24.70 -21.04 23.97
CA HIS A 157 -24.00 -21.35 25.21
C HIS A 157 -24.67 -20.65 26.37
N ASN A 158 -25.25 -19.48 26.08
CA ASN A 158 -25.91 -18.68 27.09
C ASN A 158 -27.43 -18.87 27.12
N TRP A 159 -28.04 -18.96 25.95
CA TRP A 159 -29.50 -19.04 25.86
C TRP A 159 -29.96 -20.06 24.83
N PRO A 160 -29.73 -21.35 25.12
CA PRO A 160 -30.04 -22.44 24.18
C PRO A 160 -31.53 -22.51 23.85
N SER A 161 -32.34 -22.14 24.84
CA SER A 161 -33.78 -22.05 24.65
C SER A 161 -34.12 -21.10 23.49
N LEU A 162 -33.40 -19.97 23.42
CA LEU A 162 -33.61 -19.01 22.34
C LEU A 162 -33.42 -19.62 20.95
N LEU A 163 -32.53 -20.60 20.86
CA LEU A 163 -32.25 -21.24 19.59
C LEU A 163 -33.46 -22.01 19.06
N LYS A 164 -34.24 -22.55 19.99
CA LYS A 164 -35.39 -23.38 19.64
C LYS A 164 -36.59 -22.55 19.16
N HIS A 165 -36.74 -21.34 19.69
CA HIS A 165 -37.82 -20.47 19.24
C HIS A 165 -37.60 -19.92 17.83
N GLY A 166 -36.42 -20.19 17.26
CA GLY A 166 -36.04 -19.68 15.95
C GLY A 166 -35.51 -18.25 15.98
N PHE A 167 -34.53 -18.01 16.85
CA PHE A 167 -34.03 -16.66 17.09
C PHE A 167 -33.07 -16.18 16.00
N LEU A 168 -32.33 -17.11 15.40
CA LEU A 168 -31.26 -16.76 14.45
C LEU A 168 -31.60 -17.01 12.98
N GLU A 169 -31.28 -16.02 12.15
CA GLU A 169 -31.45 -16.13 10.71
C GLU A 169 -30.13 -15.72 10.06
N GLU A 170 -30.03 -15.86 8.75
CA GLU A 170 -28.85 -15.38 8.07
C GLU A 170 -29.23 -14.76 6.73
N PHE A 171 -28.46 -13.77 6.30
CA PHE A 171 -28.69 -13.18 4.99
C PHE A 171 -27.61 -13.50 3.99
N ILE A 172 -27.90 -14.47 3.12
CA ILE A 172 -26.98 -14.91 2.08
C ILE A 172 -26.83 -13.88 0.95
N THR A 173 -25.63 -13.75 0.41
CA THR A 173 -25.40 -12.80 -0.69
C THR A 173 -24.98 -13.51 -1.98
N ALA A 227 -40.07 -10.41 -3.39
CA ALA A 227 -38.77 -9.79 -3.61
C ALA A 227 -37.67 -10.85 -3.54
N ASP A 228 -36.54 -10.57 -4.18
CA ASP A 228 -35.37 -11.44 -4.11
C ASP A 228 -34.92 -11.47 -2.64
N MET A 229 -35.19 -10.37 -1.94
CA MET A 229 -34.70 -10.18 -0.59
C MET A 229 -35.31 -11.17 0.41
N GLU A 230 -36.14 -12.08 -0.06
CA GLU A 230 -36.71 -13.09 0.83
C GLU A 230 -36.15 -14.48 0.51
N ARG A 231 -35.73 -14.68 -0.74
CA ARG A 231 -35.02 -15.89 -1.14
C ARG A 231 -33.55 -15.81 -0.73
N HIS A 232 -33.15 -14.68 -0.16
CA HIS A 232 -31.80 -14.49 0.39
C HIS A 232 -31.77 -14.76 1.90
N ARG A 233 -32.94 -14.93 2.51
CA ARG A 233 -33.05 -15.15 3.96
C ARG A 233 -33.15 -16.64 4.25
N ILE A 234 -32.43 -17.10 5.26
CA ILE A 234 -32.40 -18.52 5.61
C ILE A 234 -32.56 -18.66 7.11
N LEU A 235 -33.41 -19.59 7.54
CA LEU A 235 -33.73 -19.74 8.95
C LEU A 235 -32.93 -20.87 9.56
N PHE A 236 -32.21 -20.59 10.64
CA PHE A 236 -31.51 -21.64 11.36
C PHE A 236 -32.53 -22.40 12.20
N ARG A 237 -32.64 -23.70 11.94
CA ARG A 237 -33.61 -24.53 12.63
C ARG A 237 -32.95 -25.42 13.66
N TYR A 238 -33.42 -25.38 14.89
CA TYR A 238 -33.02 -26.37 15.87
C TYR A 238 -33.88 -27.62 15.66
N ALA A 239 -33.26 -28.80 15.75
CA ALA A 239 -33.97 -30.04 15.48
C ALA A 239 -33.46 -31.22 16.27
N GLY A 240 -33.31 -31.04 17.58
CA GLY A 240 -32.87 -32.14 18.44
C GLY A 240 -31.45 -31.98 18.91
N PRO A 241 -30.97 -32.94 19.72
CA PRO A 241 -29.68 -32.84 20.41
C PRO A 241 -28.46 -33.12 19.52
N GLU A 242 -28.67 -33.44 18.25
CA GLU A 242 -27.56 -33.60 17.30
C GLU A 242 -27.04 -32.23 16.84
N ASP A 243 -27.76 -31.18 17.22
CA ASP A 243 -27.34 -29.79 17.00
C ASP A 243 -26.50 -29.28 18.16
N ASP A 244 -26.85 -29.68 19.39
CA ASP A 244 -26.04 -29.31 20.53
C ASP A 244 -24.67 -29.98 20.39
N ALA A 245 -24.65 -31.16 19.78
CA ALA A 245 -23.41 -31.91 19.63
C ALA A 245 -22.50 -31.27 18.60
N ALA A 246 -23.09 -30.75 17.53
CA ALA A 246 -22.34 -30.17 16.41
C ALA A 246 -21.72 -28.82 16.77
N ILE A 247 -22.49 -28.01 17.48
CA ILE A 247 -22.00 -26.72 17.92
C ILE A 247 -20.85 -26.94 18.91
N THR A 248 -20.98 -27.93 19.76
CA THR A 248 -19.95 -28.21 20.75
C THR A 248 -18.71 -28.82 20.09
N LEU A 249 -18.92 -29.59 19.02
CA LEU A 249 -17.81 -30.17 18.27
C LEU A 249 -16.92 -29.06 17.71
N ALA A 250 -17.53 -27.98 17.23
CA ALA A 250 -16.77 -26.91 16.63
C ALA A 250 -16.08 -25.99 17.65
N PHE A 251 -16.71 -25.76 18.79
CA PHE A 251 -16.27 -24.68 19.65
C PHE A 251 -15.85 -25.05 21.07
N SER A 252 -15.82 -26.33 21.41
CA SER A 252 -15.42 -26.67 22.76
C SER A 252 -13.94 -27.07 22.84
N LYS A 253 -13.23 -26.48 23.80
CA LYS A 253 -11.83 -26.81 24.04
C LYS A 253 -11.64 -28.29 24.39
N LYS A 254 -12.74 -28.96 24.74
CA LYS A 254 -12.68 -30.37 25.13
C LYS A 254 -12.89 -31.31 23.95
N LYS A 255 -13.17 -30.76 22.78
CA LYS A 255 -13.41 -31.59 21.60
C LYS A 255 -12.31 -31.50 20.54
N ILE A 256 -11.05 -31.29 20.94
CA ILE A 256 -9.97 -31.15 19.96
C ILE A 256 -9.77 -32.46 19.21
N ASP A 257 -9.76 -33.56 19.97
CA ASP A 257 -9.60 -34.89 19.36
C ASP A 257 -10.77 -35.22 18.45
N ASP A 258 -11.96 -34.79 18.85
CA ASP A 258 -13.14 -34.98 18.03
C ASP A 258 -13.03 -34.21 16.72
N ARG A 259 -12.47 -33.01 16.79
CA ARG A 259 -12.29 -32.19 15.59
C ARG A 259 -11.29 -32.82 14.63
N LYS A 260 -10.28 -33.50 15.18
CA LYS A 260 -9.29 -34.17 14.33
C LYS A 260 -9.98 -35.25 13.50
N GLU A 261 -10.74 -36.10 14.18
CA GLU A 261 -11.55 -37.15 13.56
C GLU A 261 -12.50 -36.55 12.52
N TRP A 262 -13.23 -35.53 12.96
CA TRP A 262 -14.15 -34.76 12.13
C TRP A 262 -13.50 -34.32 10.82
N LEU A 263 -12.33 -33.71 10.96
CA LEU A 263 -11.62 -33.16 9.82
C LEU A 263 -10.90 -34.23 9.03
N THR A 264 -10.50 -35.30 9.71
CA THR A 264 -9.88 -36.44 9.03
C THR A 264 -10.89 -37.10 8.08
N ASN A 265 -12.13 -37.25 8.56
CA ASN A 265 -13.20 -37.80 7.75
C ASN A 265 -13.43 -36.89 6.54
N PHE A 266 -13.47 -35.59 6.81
CA PHE A 266 -13.74 -34.63 5.74
C PHE A 266 -12.70 -34.72 4.64
N MET A 267 -11.42 -34.74 5.04
CA MET A 267 -10.31 -34.73 4.09
C MET A 267 -10.26 -36.03 3.31
N GLU A 268 -10.62 -37.13 3.98
CA GLU A 268 -10.64 -38.44 3.37
C GLU A 268 -11.71 -38.49 2.28
N ASP A 269 -12.90 -37.98 2.61
CA ASP A 269 -14.00 -37.90 1.66
C ASP A 269 -13.63 -37.09 0.42
N ARG A 270 -13.01 -35.93 0.64
CA ARG A 270 -12.73 -35.02 -0.46
C ARG A 270 -11.64 -35.54 -1.39
N ARG A 271 -10.84 -36.49 -0.90
CA ARG A 271 -9.90 -37.20 -1.76
C ARG A 271 -10.66 -38.13 -2.69
N GLN A 272 -11.54 -38.95 -2.09
CA GLN A 272 -12.42 -39.85 -2.84
C GLN A 272 -13.22 -39.11 -3.91
N ARG A 273 -13.80 -37.98 -3.54
CA ARG A 273 -14.55 -37.16 -4.50
C ARG A 273 -13.65 -36.61 -5.61
N ARG A 274 -12.37 -36.38 -5.30
CA ARG A 274 -11.43 -35.84 -6.29
C ARG A 274 -11.04 -36.87 -7.36
N LEU A 275 -10.92 -38.13 -6.96
CA LEU A 275 -10.61 -39.22 -7.90
C LEU A 275 -11.77 -39.52 -8.85
N HIS A 276 -13.00 -39.24 -8.40
CA HIS A 276 -14.20 -39.52 -9.19
C HIS A 276 -14.80 -38.22 -9.74
N GLY A 277 -15.87 -37.72 -9.11
CA GLY A 277 -16.53 -36.52 -9.59
C GLY A 277 -17.17 -35.64 -8.53
N LEU A 278 -17.17 -34.33 -8.79
CA LEU A 278 -17.68 -33.30 -7.86
C LEU A 278 -16.87 -33.23 -6.58
N LYS A 289 -36.99 -21.28 4.16
CA LYS A 289 -35.87 -22.12 3.77
C LYS A 289 -34.96 -22.30 5.01
N HIS A 290 -34.79 -23.55 5.43
CA HIS A 290 -34.27 -23.83 6.76
C HIS A 290 -32.93 -24.54 6.71
N LEU A 291 -32.10 -24.27 7.71
CA LEU A 291 -30.80 -24.87 7.80
C LEU A 291 -30.59 -25.32 9.23
N THR A 292 -30.42 -26.61 9.45
CA THR A 292 -30.19 -27.10 10.81
C THR A 292 -28.78 -26.71 11.24
N TYR A 293 -28.56 -26.60 12.54
CA TYR A 293 -27.27 -26.18 13.03
C TYR A 293 -26.23 -27.22 12.69
N ASN A 294 -26.63 -28.47 12.81
CA ASN A 294 -25.81 -29.62 12.42
C ASN A 294 -25.37 -29.53 10.96
N ASP A 295 -26.30 -29.20 10.07
CA ASP A 295 -25.94 -29.04 8.67
C ASP A 295 -25.04 -27.84 8.45
N PHE A 296 -25.26 -26.78 9.21
CA PHE A 296 -24.39 -25.62 9.12
C PHE A 296 -22.94 -25.97 9.54
N ILE A 297 -22.81 -26.54 10.74
CA ILE A 297 -21.52 -27.03 11.22
C ILE A 297 -20.85 -28.02 10.28
N ASN A 298 -21.57 -29.08 9.90
CA ASN A 298 -20.96 -30.17 9.13
C ASN A 298 -20.92 -29.98 7.61
N LYS A 299 -21.49 -28.90 7.10
CA LYS A 299 -21.50 -28.66 5.66
C LYS A 299 -20.96 -27.29 5.27
N GLU A 300 -20.92 -26.34 6.21
CA GLU A 300 -20.39 -25.00 5.92
C GLU A 300 -19.16 -24.63 6.74
N LEU A 301 -19.27 -24.77 8.05
CA LEU A 301 -18.20 -24.33 8.94
C LEU A 301 -16.95 -25.18 8.78
N ILE A 302 -17.15 -26.45 8.46
CA ILE A 302 -16.03 -27.36 8.29
C ILE A 302 -15.14 -26.90 7.12
N LEU A 303 -15.72 -26.15 6.18
CA LEU A 303 -14.95 -25.56 5.10
C LEU A 303 -14.01 -24.47 5.60
N PHE A 304 -14.45 -23.68 6.58
CA PHE A 304 -13.53 -22.76 7.24
C PHE A 304 -12.43 -23.52 7.96
N SER A 305 -12.83 -24.54 8.71
CA SER A 305 -11.90 -25.30 9.52
C SER A 305 -10.81 -25.89 8.65
N ASN A 306 -11.19 -26.42 7.51
CA ASN A 306 -10.23 -26.98 6.59
C ASN A 306 -9.34 -25.88 6.02
N SER A 307 -9.97 -24.82 5.51
CA SER A 307 -9.23 -23.70 4.96
C SER A 307 -8.26 -23.08 5.97
N ASP A 308 -8.60 -23.16 7.25
CA ASP A 308 -7.75 -22.63 8.33
C ASP A 308 -6.46 -23.45 8.42
N ASN A 309 -6.59 -24.77 8.28
CA ASN A 309 -5.43 -25.64 8.22
C ASN A 309 -4.57 -25.40 7.01
N GLU A 310 -5.21 -25.29 5.84
CA GLU A 310 -4.49 -25.10 4.60
C GLU A 310 -3.71 -23.78 4.58
N ARG A 311 -4.10 -22.81 5.41
CA ARG A 311 -3.42 -21.54 5.38
C ARG A 311 -2.51 -21.33 6.58
N SER A 312 -2.66 -22.15 7.60
CA SER A 312 -1.88 -21.97 8.82
C SER A 312 -0.79 -23.01 9.00
N ILE A 313 -0.90 -24.14 8.30
CA ILE A 313 0.05 -25.23 8.47
C ILE A 313 0.84 -25.45 7.19
N PRO A 314 2.17 -25.34 7.30
CA PRO A 314 3.08 -25.26 6.14
C PRO A 314 3.18 -26.57 5.40
N SER A 315 3.82 -26.52 4.23
CA SER A 315 4.16 -27.72 3.48
C SER A 315 5.54 -28.23 3.86
N LEU A 316 5.65 -29.56 3.97
CA LEU A 316 6.93 -30.24 4.17
C LEU A 316 7.91 -29.85 3.10
N VAL A 317 7.42 -29.78 1.86
CA VAL A 317 8.30 -29.63 0.70
C VAL A 317 9.13 -28.35 0.73
N ASP A 318 8.48 -27.19 0.84
CA ASP A 318 9.23 -25.94 0.90
C ASP A 318 9.20 -25.19 2.24
N GLY A 319 8.50 -25.70 3.24
CA GLY A 319 8.36 -24.97 4.51
C GLY A 319 7.46 -23.74 4.52
N PHE A 320 6.69 -23.56 3.46
CA PHE A 320 5.85 -22.38 3.24
C PHE A 320 4.37 -22.66 3.50
N LYS A 321 3.68 -21.62 3.99
CA LYS A 321 2.22 -21.57 3.95
C LYS A 321 1.86 -20.82 2.67
N PRO A 322 0.61 -20.98 2.19
CA PRO A 322 0.27 -20.39 0.90
C PRO A 322 0.51 -18.88 0.79
N GLY A 323 0.22 -18.12 1.84
CA GLY A 323 0.54 -16.71 1.83
C GLY A 323 2.03 -16.41 1.68
N GLN A 324 2.88 -17.10 2.45
CA GLN A 324 4.31 -16.94 2.33
C GLN A 324 4.82 -17.34 0.95
N ARG A 325 4.20 -18.37 0.38
CA ARG A 325 4.61 -18.83 -0.95
C ARG A 325 4.27 -17.79 -1.99
N LYS A 326 3.18 -17.06 -1.78
CA LYS A 326 2.79 -16.00 -2.71
C LYS A 326 3.77 -14.84 -2.65
N VAL A 327 4.30 -14.56 -1.47
CA VAL A 327 5.28 -13.50 -1.31
C VAL A 327 6.55 -13.84 -2.08
N LEU A 328 6.98 -15.10 -2.03
CA LEU A 328 8.20 -15.49 -2.72
C LEU A 328 8.04 -15.47 -4.22
N PHE A 329 6.95 -16.07 -4.69
CA PHE A 329 6.58 -16.12 -6.10
C PHE A 329 6.56 -14.74 -6.72
N THR A 330 5.99 -13.79 -5.98
CA THR A 330 5.90 -12.42 -6.45
C THR A 330 7.29 -11.81 -6.54
N CYS A 331 8.12 -12.07 -5.53
CA CYS A 331 9.49 -11.55 -5.51
C CYS A 331 10.33 -12.15 -6.63
N PHE A 332 10.13 -13.43 -6.91
CA PHE A 332 10.84 -14.06 -8.01
C PHE A 332 10.43 -13.43 -9.34
N LYS A 333 9.13 -13.21 -9.54
CA LYS A 333 8.64 -12.57 -10.76
C LYS A 333 9.16 -11.14 -10.93
N ARG A 334 9.17 -10.39 -9.84
CA ARG A 334 9.59 -9.00 -9.89
C ARG A 334 11.05 -8.89 -10.22
N ASN A 335 11.86 -9.67 -9.49
CA ASN A 335 13.31 -9.63 -9.60
C ASN A 335 13.90 -8.25 -9.29
N ASP A 336 13.56 -7.73 -8.12
CA ASP A 336 13.99 -6.38 -7.71
C ASP A 336 15.47 -6.31 -7.40
N LYS A 337 16.17 -5.40 -8.06
CA LYS A 337 17.59 -5.22 -7.80
C LYS A 337 17.83 -4.12 -6.75
N ARG A 338 16.78 -3.37 -6.45
CA ARG A 338 16.83 -2.43 -5.32
C ARG A 338 15.62 -2.65 -4.40
N GLU A 339 15.71 -2.19 -3.15
CA GLU A 339 14.68 -2.46 -2.16
C GLU A 339 13.33 -1.83 -2.48
N VAL A 340 12.27 -2.45 -1.96
CA VAL A 340 10.92 -2.02 -2.17
C VAL A 340 10.28 -1.78 -0.81
N LYS A 341 9.44 -0.75 -0.67
CA LYS A 341 8.63 -0.60 0.54
C LYS A 341 7.82 -1.88 0.82
N VAL A 342 7.80 -2.32 2.06
CA VAL A 342 7.07 -3.54 2.39
C VAL A 342 5.60 -3.42 2.01
N ALA A 343 4.98 -2.31 2.40
CA ALA A 343 3.59 -2.03 2.05
C ALA A 343 3.38 -2.11 0.53
N GLN A 344 4.34 -1.60 -0.24
CA GLN A 344 4.21 -1.67 -1.68
CA GLN A 344 4.26 -1.67 -1.69
C GLN A 344 4.35 -3.11 -2.17
N LEU A 345 5.27 -3.85 -1.57
CA LEU A 345 5.46 -5.25 -1.92
C LEU A 345 4.17 -6.03 -1.67
N ALA A 346 3.49 -5.69 -0.58
CA ALA A 346 2.25 -6.38 -0.25
C ALA A 346 1.16 -6.22 -1.34
N GLY A 347 1.01 -5.00 -1.84
CA GLY A 347 0.02 -4.76 -2.88
C GLY A 347 0.39 -5.49 -4.15
N SER A 348 1.69 -5.57 -4.41
CA SER A 348 2.18 -6.31 -5.57
C SER A 348 1.85 -7.80 -5.47
N VAL A 349 2.04 -8.38 -4.29
CA VAL A 349 1.73 -9.78 -4.08
C VAL A 349 0.24 -10.01 -4.25
N ALA A 350 -0.56 -9.13 -3.66
CA ALA A 350 -2.01 -9.22 -3.77
C ALA A 350 -2.46 -9.29 -5.22
N GLU A 351 -1.83 -8.48 -6.04
CA GLU A 351 -2.15 -8.33 -7.46
C GLU A 351 -1.54 -9.44 -8.34
N MET A 352 -0.24 -9.71 -8.18
CA MET A 352 0.43 -10.73 -9.01
C MET A 352 0.03 -12.18 -8.70
N SER A 353 -0.49 -12.41 -7.51
CA SER A 353 -0.73 -13.79 -7.06
C SER A 353 -2.14 -14.04 -6.54
N ALA A 354 -3.05 -13.10 -6.80
CA ALA A 354 -4.47 -13.27 -6.48
C ALA A 354 -4.70 -13.60 -5.00
N TYR A 355 -4.03 -12.85 -4.14
CA TYR A 355 -4.25 -12.99 -2.71
C TYR A 355 -5.54 -12.24 -2.35
N HIS A 356 -6.45 -12.94 -1.69
CA HIS A 356 -7.79 -12.41 -1.46
C HIS A 356 -8.06 -12.02 -0.02
N HIS A 357 -7.09 -11.39 0.63
CA HIS A 357 -7.29 -11.01 2.02
C HIS A 357 -6.76 -9.63 2.31
N GLY A 358 -6.95 -9.19 3.55
CA GLY A 358 -6.44 -7.91 3.99
C GLY A 358 -4.94 -7.89 3.87
N GLU A 359 -4.41 -6.80 3.32
CA GLU A 359 -3.01 -6.70 3.02
C GLU A 359 -2.13 -6.56 4.24
N GLN A 360 -2.72 -6.15 5.36
CA GLN A 360 -1.97 -6.05 6.61
C GLN A 360 -1.33 -7.40 7.03
N ALA A 361 -2.10 -8.48 6.88
CA ALA A 361 -1.61 -9.80 7.18
C ALA A 361 -0.42 -10.14 6.28
N LEU A 362 -0.49 -9.74 5.01
CA LEU A 362 0.62 -9.92 4.08
C LEU A 362 1.87 -9.17 4.52
N MET A 363 1.72 -7.89 4.87
CA MET A 363 2.84 -7.08 5.33
C MET A 363 3.48 -7.71 6.58
N MET A 364 2.65 -8.28 7.43
CA MET A 364 3.19 -8.89 8.65
C MET A 364 3.95 -10.16 8.34
N THR A 365 3.46 -10.90 7.35
CA THR A 365 4.10 -12.11 6.87
C THR A 365 5.45 -11.79 6.24
N ILE A 366 5.48 -10.70 5.48
CA ILE A 366 6.72 -10.24 4.87
C ILE A 366 7.75 -9.86 5.93
N VAL A 367 7.29 -9.20 7.00
CA VAL A 367 8.21 -8.80 8.06
C VAL A 367 8.78 -10.04 8.76
N ASN A 368 7.97 -11.09 8.85
CA ASN A 368 8.31 -12.32 9.55
C ASN A 368 9.28 -13.16 8.71
N LEU A 369 9.15 -13.01 7.40
CA LEU A 369 10.08 -13.64 6.48
C LEU A 369 11.45 -12.98 6.45
N ALA A 370 11.54 -11.72 6.86
CA ALA A 370 12.79 -10.98 6.67
C ALA A 370 13.61 -10.91 7.96
N GLN A 371 12.95 -11.16 9.09
CA GLN A 371 13.58 -10.97 10.39
C GLN A 371 14.78 -11.89 10.58
N ASN A 372 15.82 -11.33 11.19
CA ASN A 372 17.06 -12.10 11.30
C ASN A 372 17.73 -12.09 12.65
N PHE A 373 16.96 -11.81 13.70
CA PHE A 373 17.48 -11.84 15.07
C PHE A 373 17.47 -13.24 15.69
N VAL A 374 18.15 -13.37 16.82
CA VAL A 374 18.32 -14.66 17.47
C VAL A 374 16.98 -15.23 17.88
N GLY A 375 16.57 -16.30 17.21
CA GLY A 375 15.32 -16.95 17.54
C GLY A 375 14.23 -16.80 16.49
N SER A 376 14.53 -16.07 15.42
CA SER A 376 13.63 -15.99 14.28
C SER A 376 14.14 -16.92 13.20
N ASN A 377 14.60 -16.38 12.08
CA ASN A 377 15.01 -17.21 10.96
C ASN A 377 16.49 -17.54 10.98
N ASN A 378 16.85 -18.82 10.81
CA ASN A 378 18.23 -19.20 10.53
C ASN A 378 18.71 -18.66 9.20
N ILE A 379 17.84 -18.68 8.19
CA ILE A 379 18.13 -18.02 6.93
C ILE A 379 16.91 -17.22 6.46
N ASN A 380 16.98 -15.90 6.57
CA ASN A 380 15.90 -15.05 6.06
C ASN A 380 15.99 -14.95 4.55
N LEU A 381 14.90 -15.31 3.87
CA LEU A 381 14.84 -15.23 2.40
C LEU A 381 14.68 -13.80 1.92
N LEU A 382 14.25 -12.93 2.81
CA LEU A 382 14.02 -11.53 2.49
C LEU A 382 14.98 -10.68 3.31
N GLN A 383 15.41 -9.55 2.75
CA GLN A 383 16.36 -8.72 3.48
C GLN A 383 15.65 -7.71 4.35
N PRO A 384 16.03 -7.65 5.64
CA PRO A 384 15.42 -6.67 6.56
C PRO A 384 16.12 -5.31 6.46
N ILE A 385 15.69 -4.53 5.48
CA ILE A 385 16.24 -3.20 5.26
CA ILE A 385 16.24 -3.20 5.26
C ILE A 385 15.40 -2.13 5.96
N GLY A 386 15.82 -1.79 7.18
CA GLY A 386 15.09 -0.86 8.01
C GLY A 386 14.89 -1.52 9.38
N GLN A 387 13.99 -0.99 10.18
CA GLN A 387 13.73 -1.59 11.50
C GLN A 387 12.65 -2.69 11.42
N PHE A 388 13.07 -3.95 11.38
CA PHE A 388 12.15 -5.08 11.28
C PHE A 388 11.97 -5.76 12.63
N GLY A 389 12.49 -5.13 13.67
CA GLY A 389 12.38 -5.68 15.00
C GLY A 389 13.66 -6.32 15.48
N THR A 390 13.75 -6.51 16.79
CA THR A 390 14.99 -6.95 17.40
C THR A 390 14.69 -7.97 18.47
N ARG A 391 15.73 -8.65 18.95
CA ARG A 391 15.58 -9.57 20.07
C ARG A 391 15.20 -8.88 21.37
N LEU A 392 15.27 -7.54 21.42
CA LEU A 392 14.86 -6.81 22.62
CA LEU A 392 14.87 -6.81 22.62
C LEU A 392 13.37 -6.99 22.89
N HIS A 393 12.59 -7.18 21.82
CA HIS A 393 11.13 -7.30 21.91
C HIS A 393 10.49 -8.42 21.09
N GLY A 394 11.30 -9.33 20.57
CA GLY A 394 10.76 -10.38 19.74
C GLY A 394 10.17 -9.82 18.45
N GLY A 395 10.78 -8.76 17.96
CA GLY A 395 10.35 -8.17 16.71
C GLY A 395 9.14 -7.26 16.84
N LYS A 396 8.52 -7.25 18.01
CA LYS A 396 7.36 -6.40 18.24
C LYS A 396 7.70 -4.93 18.04
N ASP A 397 9.00 -4.62 17.96
CA ASP A 397 9.47 -3.25 17.80
C ASP A 397 9.73 -2.87 16.33
N ALA A 398 9.24 -3.68 15.40
CA ALA A 398 9.36 -3.34 13.97
C ALA A 398 8.65 -2.04 13.65
N ALA A 399 9.25 -1.29 12.74
CA ALA A 399 8.64 -0.08 12.25
C ALA A 399 7.45 -0.42 11.38
N SER A 400 6.62 0.57 11.09
CA SER A 400 5.45 0.39 10.26
C SER A 400 5.87 0.03 8.83
N PRO A 401 5.13 -0.89 8.20
CA PRO A 401 5.43 -1.40 6.86
C PRO A 401 5.56 -0.33 5.78
N ARG A 402 5.15 0.91 6.03
CA ARG A 402 5.27 1.99 5.05
CA ARG A 402 5.33 1.91 4.98
C ARG A 402 6.65 2.67 5.10
N TYR A 403 7.48 2.23 6.04
CA TYR A 403 8.76 2.88 6.30
C TYR A 403 9.90 1.88 6.38
N ILE A 404 9.61 0.63 6.02
CA ILE A 404 10.63 -0.39 5.92
C ILE A 404 10.64 -1.04 4.53
N PHE A 405 11.80 -1.58 4.18
CA PHE A 405 12.07 -2.01 2.81
C PHE A 405 12.62 -3.41 2.79
N THR A 406 12.39 -4.12 1.71
CA THR A 406 12.97 -5.43 1.59
C THR A 406 13.28 -5.78 0.14
N MET A 407 14.04 -6.85 -0.05
CA MET A 407 14.34 -7.42 -1.35
C MET A 407 14.83 -8.83 -1.07
N LEU A 408 14.94 -9.65 -2.10
CA LEU A 408 15.39 -11.02 -1.92
C LEU A 408 16.79 -11.09 -1.30
N SER A 409 17.03 -12.11 -0.49
CA SER A 409 18.37 -12.49 -0.10
C SER A 409 19.07 -13.09 -1.31
N THR A 410 20.37 -12.86 -1.42
CA THR A 410 21.14 -13.52 -2.48
C THR A 410 21.07 -15.05 -2.36
N LEU A 411 20.77 -15.54 -1.16
CA LEU A 411 20.62 -16.97 -0.91
C LEU A 411 19.29 -17.55 -1.42
N ALA A 412 18.33 -16.70 -1.77
CA ALA A 412 17.01 -17.18 -2.16
C ALA A 412 16.99 -17.99 -3.46
N ARG A 413 17.51 -17.43 -4.56
CA ARG A 413 17.54 -18.21 -5.79
C ARG A 413 18.57 -19.32 -5.73
N LEU A 414 19.46 -19.25 -4.74
CA LEU A 414 20.38 -20.36 -4.53
C LEU A 414 19.67 -21.54 -3.88
N LEU A 415 18.73 -21.23 -3.01
CA LEU A 415 17.97 -22.27 -2.33
C LEU A 415 16.82 -22.81 -3.20
N PHE A 416 16.28 -21.93 -4.04
CA PHE A 416 15.14 -22.23 -4.92
C PHE A 416 15.52 -21.93 -6.36
N PRO A 417 16.38 -22.77 -6.97
CA PRO A 417 16.96 -22.47 -8.29
C PRO A 417 15.91 -22.20 -9.37
N ALA A 418 16.09 -21.12 -10.11
CA ALA A 418 15.12 -20.71 -11.13
C ALA A 418 14.77 -21.82 -12.10
N VAL A 419 15.75 -22.61 -12.52
CA VAL A 419 15.49 -23.63 -13.52
C VAL A 419 14.44 -24.63 -13.06
N ASP A 420 14.41 -24.91 -11.77
CA ASP A 420 13.44 -25.87 -11.24
C ASP A 420 12.01 -25.38 -11.37
N ASP A 421 11.82 -24.07 -11.56
CA ASP A 421 10.50 -23.50 -11.84
C ASP A 421 9.79 -24.22 -13.00
N ASN A 422 10.56 -24.66 -13.99
CA ASN A 422 9.99 -25.41 -15.10
C ASN A 422 9.36 -26.74 -14.67
N LEU A 423 9.67 -27.17 -13.44
CA LEU A 423 9.20 -28.46 -12.97
C LEU A 423 8.00 -28.32 -12.02
N LEU A 424 7.66 -27.08 -11.66
CA LEU A 424 6.59 -26.87 -10.69
C LEU A 424 5.20 -26.88 -11.34
N LYS A 425 4.18 -27.22 -10.55
CA LYS A 425 2.79 -27.14 -10.96
C LYS A 425 2.17 -25.82 -10.48
N PHE A 426 2.05 -24.85 -11.39
CA PHE A 426 1.54 -23.53 -11.04
C PHE A 426 0.02 -23.48 -10.99
N LEU A 427 -0.53 -23.01 -9.87
CA LEU A 427 -1.97 -22.90 -9.69
C LEU A 427 -2.61 -21.74 -10.46
N TYR A 428 -3.94 -21.79 -10.52
CA TYR A 428 -4.74 -20.81 -11.25
C TYR A 428 -5.86 -20.24 -10.39
N ASP A 429 -5.96 -18.90 -10.35
CA ASP A 429 -7.12 -18.27 -9.73
C ASP A 429 -7.90 -17.45 -10.76
N ASP A 430 -9.00 -18.05 -11.23
CA ASP A 430 -9.79 -17.57 -12.36
C ASP A 430 -8.92 -17.10 -13.53
N ASN A 431 -8.36 -18.07 -14.27
CA ASN A 431 -7.65 -17.82 -15.53
C ASN A 431 -6.42 -16.91 -15.46
N GLN A 432 -5.98 -16.62 -14.23
CA GLN A 432 -4.69 -15.99 -14.00
C GLN A 432 -3.79 -17.07 -13.40
N ARG A 433 -2.55 -17.15 -13.87
CA ARG A 433 -1.64 -18.13 -13.28
C ARG A 433 -0.93 -17.49 -12.08
N VAL A 434 -0.97 -18.18 -10.95
CA VAL A 434 -0.42 -17.65 -9.70
C VAL A 434 0.75 -18.53 -9.19
N GLU A 435 0.97 -18.57 -7.86
CA GLU A 435 2.08 -19.33 -7.28
C GLU A 435 1.89 -20.85 -7.45
N PRO A 436 2.97 -21.65 -7.34
CA PRO A 436 2.87 -23.11 -7.51
C PRO A 436 2.30 -23.79 -6.28
N GLU A 437 1.91 -25.07 -6.37
CA GLU A 437 1.39 -25.76 -5.20
C GLU A 437 2.47 -25.89 -4.14
N TRP A 438 3.71 -26.10 -4.57
CA TRP A 438 4.91 -25.85 -3.73
C TRP A 438 6.17 -25.55 -4.56
N TYR A 439 7.17 -24.94 -3.92
CA TYR A 439 8.51 -24.91 -4.48
C TYR A 439 9.24 -26.16 -4.03
N ILE A 440 10.39 -26.43 -4.65
CA ILE A 440 11.21 -27.58 -4.31
C ILE A 440 12.65 -27.13 -4.06
N PRO A 441 12.93 -26.65 -2.83
CA PRO A 441 14.26 -26.12 -2.50
C PRO A 441 15.37 -27.20 -2.45
N ILE A 442 16.64 -26.80 -2.40
CA ILE A 442 17.72 -27.77 -2.44
C ILE A 442 18.01 -28.45 -1.11
N ILE A 443 17.61 -27.81 -0.01
CA ILE A 443 17.60 -28.42 1.33
C ILE A 443 16.21 -28.18 1.95
N PRO A 444 15.84 -28.94 3.00
CA PRO A 444 14.47 -28.78 3.49
C PRO A 444 14.24 -27.54 4.35
N MET A 445 13.74 -26.47 3.74
CA MET A 445 13.56 -25.18 4.40
C MET A 445 12.67 -25.22 5.64
N VAL A 446 11.68 -26.12 5.62
CA VAL A 446 10.80 -26.32 6.77
C VAL A 446 11.56 -26.59 8.09
N LEU A 447 12.71 -27.24 7.98
CA LEU A 447 13.60 -27.48 9.11
C LEU A 447 14.50 -26.29 9.46
N ILE A 448 14.93 -25.53 8.46
CA ILE A 448 15.87 -24.42 8.66
CA ILE A 448 15.87 -24.44 8.70
C ILE A 448 15.28 -23.29 9.50
N ASN A 449 14.12 -22.80 9.09
CA ASN A 449 13.51 -21.70 9.82
C ASN A 449 12.43 -22.14 10.80
N GLY A 450 12.23 -23.45 10.89
CA GLY A 450 11.29 -24.00 11.85
C GLY A 450 9.86 -23.51 11.71
N ALA A 451 9.17 -24.05 10.72
CA ALA A 451 7.74 -23.86 10.56
C ALA A 451 6.93 -23.76 11.86
N GLU A 452 5.94 -22.87 11.90
CA GLU A 452 4.94 -22.94 12.96
C GLU A 452 3.61 -22.23 12.64
N GLY A 453 2.51 -22.82 13.12
CA GLY A 453 1.18 -22.28 12.85
C GLY A 453 0.06 -23.00 13.59
N ILE A 454 -1.09 -22.35 13.68
CA ILE A 454 -2.22 -22.92 14.41
C ILE A 454 -3.48 -23.01 13.56
N GLY A 455 -3.97 -24.22 13.37
CA GLY A 455 -5.20 -24.39 12.59
C GLY A 455 -6.39 -24.81 13.43
N THR A 456 -7.23 -25.67 12.85
CA THR A 456 -8.33 -26.29 13.58
C THR A 456 -8.09 -27.78 13.67
N GLY A 457 -8.16 -28.32 14.89
CA GLY A 457 -7.81 -29.72 15.09
C GLY A 457 -6.31 -29.94 15.32
N TRP A 458 -5.47 -29.33 14.49
CA TRP A 458 -4.02 -29.48 14.65
C TRP A 458 -3.27 -28.16 14.67
N ALA A 459 -2.02 -28.25 15.08
CA ALA A 459 -1.13 -27.11 15.07
C ALA A 459 0.23 -27.65 14.70
N CYS A 460 1.09 -26.77 14.19
CA CYS A 460 2.44 -27.12 13.85
C CYS A 460 3.44 -26.36 14.70
N LYS A 461 4.48 -27.06 15.15
CA LYS A 461 5.62 -26.41 15.75
C LYS A 461 6.87 -27.19 15.41
N LEU A 462 7.82 -26.50 14.79
CA LEU A 462 9.15 -27.05 14.50
C LEU A 462 10.20 -26.02 14.91
N PRO A 463 11.27 -26.46 15.57
CA PRO A 463 12.38 -25.57 15.92
C PRO A 463 13.33 -25.41 14.72
N ASN A 464 14.29 -24.50 14.83
CA ASN A 464 15.29 -24.30 13.78
C ASN A 464 16.36 -25.38 13.79
N TYR A 465 16.88 -25.71 12.61
CA TYR A 465 18.00 -26.65 12.52
C TYR A 465 19.13 -25.99 11.74
N ASP A 466 20.34 -26.48 11.91
CA ASP A 466 21.50 -25.82 11.35
C ASP A 466 21.62 -26.10 9.87
N ALA A 467 21.80 -25.05 9.07
CA ALA A 467 21.81 -25.21 7.62
C ALA A 467 22.99 -26.06 7.11
N ARG A 468 24.16 -25.89 7.70
CA ARG A 468 25.33 -26.68 7.32
C ARG A 468 25.23 -28.13 7.77
N GLU A 469 24.62 -28.35 8.92
CA GLU A 469 24.36 -29.69 9.39
C GLU A 469 23.43 -30.43 8.39
N ILE A 470 22.39 -29.75 7.91
CA ILE A 470 21.45 -30.33 6.95
C ILE A 470 22.10 -30.58 5.60
N VAL A 471 22.95 -29.65 5.17
CA VAL A 471 23.70 -29.85 3.94
C VAL A 471 24.55 -31.13 4.04
N ASN A 472 25.30 -31.27 5.12
CA ASN A 472 26.14 -32.45 5.35
CA ASN A 472 26.15 -32.44 5.32
C ASN A 472 25.37 -33.76 5.36
N ASN A 473 24.17 -33.73 5.95
CA ASN A 473 23.35 -34.94 5.96
C ASN A 473 22.80 -35.29 4.58
N VAL A 474 22.47 -34.27 3.80
CA VAL A 474 21.98 -34.49 2.44
C VAL A 474 23.10 -35.08 1.59
N ARG A 475 24.32 -34.55 1.76
CA ARG A 475 25.49 -35.14 1.11
C ARG A 475 25.70 -36.59 1.55
N ARG A 476 25.53 -36.86 2.84
CA ARG A 476 25.63 -38.25 3.33
C ARG A 476 24.67 -39.17 2.62
N MET A 477 23.39 -38.78 2.54
CA MET A 477 22.38 -39.60 1.89
C MET A 477 22.61 -39.73 0.38
N LEU A 478 23.25 -38.73 -0.21
CA LEU A 478 23.65 -38.81 -1.63
C LEU A 478 24.73 -39.86 -1.84
N ASP A 479 25.39 -40.24 -0.75
CA ASP A 479 26.46 -41.23 -0.75
C ASP A 479 25.97 -42.61 -0.37
N GLY A 480 24.68 -42.71 -0.06
CA GLY A 480 24.09 -43.97 0.34
C GLY A 480 24.15 -44.23 1.84
N LEU A 481 24.82 -43.34 2.57
CA LEU A 481 24.94 -43.44 4.03
C LEU A 481 23.69 -42.97 4.77
N ASP A 482 23.67 -43.18 6.07
CA ASP A 482 22.55 -42.74 6.89
C ASP A 482 22.85 -41.37 7.45
N PRO A 483 21.81 -40.53 7.56
CA PRO A 483 21.99 -39.20 8.15
C PRO A 483 22.26 -39.29 9.64
N HIS A 484 23.13 -38.42 10.12
CA HIS A 484 23.32 -38.23 11.55
C HIS A 484 22.07 -37.63 12.21
N PRO A 485 21.86 -37.90 13.49
CA PRO A 485 20.73 -37.29 14.18
C PRO A 485 20.96 -35.80 14.32
N MET A 486 19.90 -35.01 14.23
CA MET A 486 20.04 -33.56 14.33
C MET A 486 19.38 -32.96 15.57
N LEU A 487 20.09 -32.08 16.27
CA LEU A 487 19.48 -31.34 17.38
C LEU A 487 19.03 -29.98 16.87
N PRO A 488 17.99 -29.42 17.48
CA PRO A 488 17.63 -28.05 17.11
C PRO A 488 18.84 -27.11 17.27
N ASN A 489 18.88 -26.07 16.45
CA ASN A 489 20.03 -25.19 16.41
C ASN A 489 19.64 -23.80 15.94
N TYR A 490 19.96 -22.77 16.72
CA TYR A 490 19.60 -21.41 16.34
C TYR A 490 20.81 -20.55 15.98
N LYS A 491 20.79 -19.97 14.78
CA LYS A 491 21.86 -19.10 14.34
C LYS A 491 22.17 -18.01 15.37
N ASN A 492 23.44 -17.95 15.77
CA ASN A 492 23.97 -16.93 16.71
C ASN A 492 23.55 -17.10 18.18
N PHE A 493 22.88 -18.20 18.48
CA PHE A 493 22.54 -18.52 19.85
C PHE A 493 23.80 -19.04 20.55
N LYS A 494 24.19 -18.39 21.65
CA LYS A 494 25.41 -18.76 22.38
C LYS A 494 25.18 -19.82 23.45
N GLY A 495 23.93 -20.25 23.64
CA GLY A 495 23.61 -21.23 24.66
C GLY A 495 23.69 -22.68 24.22
N THR A 496 22.95 -23.54 24.91
CA THR A 496 23.04 -24.98 24.70
C THR A 496 21.66 -25.62 24.53
N ILE A 497 21.59 -26.59 23.65
CA ILE A 497 20.35 -27.33 23.49
C ILE A 497 20.64 -28.82 23.65
N GLN A 498 20.19 -29.39 24.78
CA GLN A 498 20.44 -30.81 25.02
C GLN A 498 19.18 -31.69 25.02
N GLU A 499 19.31 -32.84 24.39
CA GLU A 499 18.23 -33.83 24.32
C GLU A 499 17.86 -34.35 25.72
N LEU A 500 16.56 -34.43 25.99
CA LEU A 500 16.08 -34.88 27.31
C LEU A 500 15.24 -36.13 27.19
N GLY A 501 14.74 -36.39 26.00
CA GLY A 501 13.77 -37.44 25.78
C GLY A 501 13.40 -37.44 24.33
N GLN A 502 12.33 -38.14 23.98
CA GLN A 502 11.86 -38.12 22.62
C GLN A 502 11.20 -36.76 22.38
N ASN A 503 11.77 -36.03 21.42
CA ASN A 503 11.28 -34.72 21.01
C ASN A 503 11.18 -33.70 22.14
N GLN A 504 12.12 -33.74 23.08
CA GLN A 504 12.12 -32.81 24.21
C GLN A 504 13.52 -32.30 24.48
N TYR A 505 13.65 -31.01 24.70
CA TYR A 505 14.97 -30.40 24.76
C TYR A 505 15.10 -29.39 25.87
N ALA A 506 16.28 -29.33 26.47
CA ALA A 506 16.58 -28.27 27.41
C ALA A 506 17.34 -27.18 26.69
N VAL A 507 16.82 -25.96 26.75
CA VAL A 507 17.44 -24.80 26.13
C VAL A 507 17.92 -23.89 27.24
N SER A 508 19.23 -23.70 27.32
CA SER A 508 19.82 -22.97 28.43
C SER A 508 20.55 -21.72 27.97
N GLY A 509 20.41 -20.64 28.72
CA GLY A 509 21.19 -19.45 28.46
C GLY A 509 22.54 -19.56 29.17
N GLU A 510 23.24 -18.44 29.27
CA GLU A 510 24.58 -18.42 29.86
C GLU A 510 24.68 -17.50 31.06
N ILE A 511 25.10 -18.06 32.18
CA ILE A 511 25.31 -17.28 33.39
C ILE A 511 26.59 -17.73 34.06
N PHE A 512 27.55 -16.84 34.25
CA PHE A 512 28.83 -17.20 34.86
CA PHE A 512 28.76 -17.26 34.94
C PHE A 512 29.09 -16.39 36.13
N VAL A 513 29.40 -17.06 37.25
CA VAL A 513 29.76 -16.37 38.51
C VAL A 513 31.11 -15.66 38.42
N VAL A 514 31.10 -14.34 38.48
CA VAL A 514 32.32 -13.55 38.30
C VAL A 514 33.16 -13.39 39.57
N ASP A 515 32.55 -12.85 40.63
CA ASP A 515 33.18 -12.87 41.95
C ASP A 515 32.17 -13.33 42.99
N ARG A 516 32.41 -13.05 44.25
CA ARG A 516 31.51 -13.53 45.29
C ARG A 516 30.24 -12.69 45.37
N ASN A 517 30.23 -11.56 44.68
CA ASN A 517 29.09 -10.63 44.70
C ASN A 517 28.46 -10.42 43.34
N THR A 518 28.93 -11.15 42.33
CA THR A 518 28.58 -10.80 40.96
C THR A 518 28.39 -12.00 40.05
N VAL A 519 27.24 -12.07 39.40
CA VAL A 519 27.07 -12.99 38.29
C VAL A 519 26.90 -12.17 37.03
N GLU A 520 27.20 -12.78 35.89
CA GLU A 520 27.07 -12.16 34.57
C GLU A 520 26.16 -13.00 33.71
N ILE A 521 25.20 -12.37 33.04
CA ILE A 521 24.30 -13.10 32.16
C ILE A 521 24.59 -12.66 30.74
N THR A 522 24.97 -13.60 29.88
CA THR A 522 25.42 -13.21 28.53
C THR A 522 24.60 -13.85 27.43
N GLU A 523 23.68 -14.73 27.80
CA GLU A 523 22.73 -15.29 26.83
C GLU A 523 21.42 -15.62 27.50
N LEU A 524 20.34 -15.30 26.81
CA LEU A 524 19.02 -15.75 27.24
C LEU A 524 18.63 -16.94 26.37
N PRO A 525 17.90 -17.91 26.95
CA PRO A 525 17.40 -19.03 26.13
C PRO A 525 16.57 -18.55 24.94
N VAL A 526 16.61 -19.31 23.85
CA VAL A 526 15.95 -18.95 22.60
C VAL A 526 14.52 -18.53 22.84
N ARG A 527 14.13 -17.41 22.24
CA ARG A 527 12.78 -16.87 22.37
C ARG A 527 12.44 -16.27 23.72
N THR A 528 13.44 -16.10 24.59
CA THR A 528 13.32 -15.16 25.70
C THR A 528 13.85 -13.81 25.24
N TRP A 529 12.98 -12.81 25.25
CA TRP A 529 13.33 -11.50 24.73
C TRP A 529 13.87 -10.64 25.85
N THR A 530 14.82 -9.77 25.53
CA THR A 530 15.61 -9.08 26.54
C THR A 530 14.73 -8.22 27.45
N GLN A 531 13.86 -7.41 26.86
CA GLN A 531 13.01 -6.53 27.65
C GLN A 531 12.11 -7.37 28.55
N VAL A 532 11.58 -8.46 28.02
CA VAL A 532 10.69 -9.32 28.78
C VAL A 532 11.41 -9.98 29.97
N TYR A 533 12.63 -10.45 29.74
CA TYR A 533 13.42 -11.03 30.83
C TYR A 533 13.66 -9.96 31.90
N LYS A 534 14.05 -8.76 31.47
CA LYS A 534 14.27 -7.68 32.40
C LYS A 534 13.05 -7.38 33.25
N GLU A 535 11.87 -7.31 32.62
CA GLU A 535 10.67 -6.90 33.34
C GLU A 535 10.07 -8.02 34.16
N GLN A 536 10.15 -9.25 33.65
CA GLN A 536 9.49 -10.35 34.32
C GLN A 536 10.39 -11.14 35.23
N VAL A 537 11.70 -11.03 35.04
CA VAL A 537 12.64 -11.74 35.92
C VAL A 537 13.51 -10.84 36.80
N LEU A 538 14.28 -9.95 36.18
CA LEU A 538 15.27 -9.16 36.94
C LEU A 538 14.64 -8.10 37.85
N GLU A 539 13.69 -7.34 37.31
CA GLU A 539 12.93 -6.41 38.13
C GLU A 539 12.31 -7.07 39.39
N PRO A 540 11.48 -8.12 39.23
CA PRO A 540 10.97 -8.79 40.44
C PRO A 540 12.10 -9.26 41.37
N MET A 541 13.23 -9.70 40.82
CA MET A 541 14.37 -10.07 41.64
C MET A 541 14.98 -8.89 42.40
N LEU A 542 15.03 -7.73 41.76
CA LEU A 542 15.52 -6.52 42.42
C LEU A 542 14.55 -5.98 43.46
N ASN A 543 13.26 -5.95 43.12
CA ASN A 543 12.28 -5.23 43.92
C ASN A 543 11.46 -6.09 44.84
N GLY A 544 11.50 -7.40 44.64
CA GLY A 544 10.53 -8.28 45.26
C GLY A 544 9.13 -8.02 44.72
N THR A 545 8.19 -8.90 45.05
CA THR A 545 6.80 -8.69 44.70
C THR A 545 5.94 -8.92 45.93
N ASP A 546 4.62 -8.92 45.75
CA ASP A 546 3.74 -9.23 46.87
C ASP A 546 3.90 -10.69 47.28
N LYS A 547 4.24 -11.54 46.32
CA LYS A 547 4.37 -12.98 46.53
C LYS A 547 5.80 -13.53 46.59
N THR A 548 6.81 -12.73 46.23
CA THR A 548 8.20 -13.21 46.21
C THR A 548 9.16 -12.20 46.86
N PRO A 549 10.25 -12.69 47.45
CA PRO A 549 11.22 -11.74 48.01
C PRO A 549 12.23 -11.24 46.97
N ALA A 550 12.95 -10.19 47.31
CA ALA A 550 14.04 -9.73 46.49
C ALA A 550 15.18 -10.74 46.59
N LEU A 551 15.95 -10.86 45.53
CA LEU A 551 17.04 -11.82 45.53
C LEU A 551 18.37 -11.14 45.16
N ILE A 552 18.31 -9.99 44.49
CA ILE A 552 19.52 -9.31 44.05
C ILE A 552 19.56 -7.85 44.52
N SER A 553 20.76 -7.29 44.57
CA SER A 553 20.94 -5.93 45.08
CA SER A 553 20.99 -5.94 45.09
C SER A 553 21.00 -4.89 43.99
N ASP A 554 21.36 -5.32 42.78
CA ASP A 554 21.43 -4.41 41.64
C ASP A 554 21.63 -5.21 40.35
N TYR A 555 21.24 -4.64 39.22
CA TYR A 555 21.69 -5.18 37.95
C TYR A 555 21.97 -4.02 37.02
N LYS A 556 22.91 -4.21 36.11
CA LYS A 556 23.26 -3.21 35.10
C LYS A 556 23.23 -3.89 33.73
N GLU A 557 22.86 -3.13 32.70
CA GLU A 557 22.66 -3.66 31.36
C GLU A 557 23.73 -3.18 30.35
N TYR A 558 24.23 -4.08 29.51
CA TYR A 558 25.22 -3.68 28.52
C TYR A 558 24.93 -4.34 27.17
N HIS A 559 23.67 -4.40 26.79
CA HIS A 559 23.29 -5.04 25.56
C HIS A 559 23.69 -4.21 24.35
N THR A 560 23.87 -4.89 23.23
CA THR A 560 23.85 -4.25 21.94
C THR A 560 22.51 -4.66 21.34
N ASP A 561 22.24 -4.30 20.09
CA ASP A 561 20.93 -4.61 19.54
C ASP A 561 20.80 -6.09 19.18
N THR A 562 21.92 -6.80 19.19
CA THR A 562 21.90 -8.23 18.88
C THR A 562 22.48 -9.13 19.97
N THR A 563 22.96 -8.54 21.06
CA THR A 563 23.54 -9.35 22.15
C THR A 563 22.95 -9.04 23.50
N VAL A 564 23.29 -9.86 24.49
CA VAL A 564 22.73 -9.73 25.82
C VAL A 564 23.85 -9.69 26.87
N LYS A 565 23.84 -8.67 27.73
CA LYS A 565 24.73 -8.65 28.88
C LYS A 565 24.12 -7.98 30.10
N PHE A 566 23.84 -8.79 31.12
CA PHE A 566 23.40 -8.27 32.40
C PHE A 566 24.49 -8.53 33.42
N VAL A 567 24.85 -7.52 34.19
CA VAL A 567 25.73 -7.74 35.33
C VAL A 567 24.90 -7.60 36.60
N VAL A 568 24.85 -8.67 37.39
CA VAL A 568 23.98 -8.74 38.57
C VAL A 568 24.79 -8.76 39.88
N LYS A 569 24.47 -7.84 40.79
CA LYS A 569 25.06 -7.85 42.13
C LYS A 569 24.17 -8.56 43.17
N MET A 570 24.78 -9.36 44.04
CA MET A 570 24.06 -10.00 45.14
C MET A 570 24.93 -10.03 46.41
N THR A 571 24.33 -10.33 47.55
CA THR A 571 25.10 -10.58 48.75
C THR A 571 25.79 -11.94 48.62
N GLU A 572 26.93 -12.13 49.27
CA GLU A 572 27.61 -13.43 49.22
C GLU A 572 26.67 -14.54 49.67
N GLU A 573 25.77 -14.22 50.60
CA GLU A 573 24.88 -15.23 51.12
C GLU A 573 23.89 -15.67 50.05
N LYS A 574 23.26 -14.70 49.39
CA LYS A 574 22.23 -15.02 48.41
C LYS A 574 22.77 -15.71 47.17
N LEU A 575 23.94 -15.27 46.69
CA LEU A 575 24.60 -15.97 45.58
C LEU A 575 24.85 -17.43 45.94
N ALA A 576 25.33 -17.66 47.16
CA ALA A 576 25.63 -19.00 47.65
C ALA A 576 24.40 -19.90 47.67
N GLN A 577 23.26 -19.32 48.03
CA GLN A 577 22.00 -20.05 47.96
C GLN A 577 21.59 -20.32 46.53
N ALA A 578 21.65 -19.29 45.69
CA ALA A 578 21.33 -19.43 44.27
C ALA A 578 22.13 -20.55 43.60
N GLU A 579 23.45 -20.60 43.78
CA GLU A 579 24.27 -21.70 43.26
C GLU A 579 23.76 -23.05 43.71
N ALA A 580 23.56 -23.19 45.01
CA ALA A 580 23.12 -24.44 45.60
C ALA A 580 21.79 -24.89 45.00
N ALA A 581 20.97 -23.92 44.61
CA ALA A 581 19.65 -24.23 44.07
C ALA A 581 19.71 -24.45 42.56
N GLY A 582 20.80 -23.99 41.94
CA GLY A 582 20.98 -24.04 40.49
C GLY A 582 20.80 -22.70 39.79
N LEU A 583 21.91 -22.07 39.40
CA LEU A 583 21.87 -20.71 38.85
C LEU A 583 20.89 -20.51 37.68
N HIS A 584 20.93 -21.41 36.69
CA HIS A 584 20.07 -21.26 35.53
C HIS A 584 18.63 -21.40 35.95
N LYS A 585 18.39 -22.32 36.87
CA LYS A 585 17.06 -22.56 37.42
C LYS A 585 16.54 -21.28 38.10
N VAL A 586 17.31 -20.75 39.04
CA VAL A 586 16.92 -19.55 39.78
C VAL A 586 16.74 -18.35 38.85
N PHE A 587 17.65 -18.18 37.90
CA PHE A 587 17.58 -17.03 36.99
C PHE A 587 16.69 -17.22 35.75
N LYS A 588 15.87 -18.27 35.74
CA LYS A 588 15.01 -18.58 34.60
C LYS A 588 15.76 -18.54 33.27
N LEU A 589 16.90 -19.21 33.22
CA LEU A 589 17.74 -19.20 32.04
C LEU A 589 17.69 -20.57 31.40
N GLN A 590 16.67 -21.33 31.75
CA GLN A 590 16.54 -22.68 31.26
C GLN A 590 15.08 -22.93 30.97
N THR A 591 14.76 -23.20 29.71
CA THR A 591 13.37 -23.52 29.37
C THR A 591 13.36 -24.86 28.64
N THR A 592 12.20 -25.52 28.56
CA THR A 592 12.13 -26.75 27.78
C THR A 592 11.49 -26.48 26.43
N LEU A 593 11.70 -27.39 25.50
CA LEU A 593 11.17 -27.25 24.16
C LEU A 593 10.65 -28.63 23.73
N THR A 594 9.36 -28.71 23.49
CA THR A 594 8.72 -29.99 23.20
C THR A 594 8.06 -29.97 21.84
N CYS A 595 8.42 -30.96 21.04
CA CYS A 595 8.06 -30.99 19.65
C CYS A 595 7.24 -32.23 19.30
N ASN A 596 6.11 -32.38 19.95
CA ASN A 596 5.27 -33.53 19.66
C ASN A 596 4.16 -33.18 18.68
N SER A 597 4.36 -32.11 17.93
CA SER A 597 3.32 -31.65 17.01
C SER A 597 3.86 -31.26 15.66
N MET A 598 4.82 -32.02 15.17
CA MET A 598 5.36 -31.78 13.84
C MET A 598 4.38 -32.20 12.76
N VAL A 599 3.36 -31.37 12.55
CA VAL A 599 2.31 -31.66 11.58
C VAL A 599 2.52 -30.83 10.32
N LEU A 600 2.64 -31.49 9.18
CA LEU A 600 2.88 -30.80 7.93
C LEU A 600 2.01 -31.39 6.82
N PHE A 601 1.86 -30.68 5.71
CA PHE A 601 1.21 -31.24 4.52
C PHE A 601 2.30 -31.88 3.68
N ASP A 602 2.11 -33.15 3.31
CA ASP A 602 3.09 -33.84 2.48
C ASP A 602 2.92 -33.37 1.05
N HIS A 603 3.68 -33.95 0.12
CA HIS A 603 3.73 -33.41 -1.23
C HIS A 603 2.45 -33.64 -2.04
N MET A 604 1.65 -34.64 -1.65
CA MET A 604 0.41 -34.94 -2.35
CA MET A 604 0.40 -34.95 -2.34
C MET A 604 -0.68 -33.98 -1.91
N GLY A 605 -0.51 -33.43 -0.71
CA GLY A 605 -1.44 -32.46 -0.16
C GLY A 605 -2.09 -33.03 1.08
N CYS A 606 -1.47 -34.05 1.67
CA CYS A 606 -2.05 -34.75 2.80
C CYS A 606 -1.43 -34.32 4.12
N LEU A 607 -2.30 -34.05 5.08
CA LEU A 607 -1.85 -33.63 6.38
C LEU A 607 -1.33 -34.85 7.16
N LYS A 608 -0.03 -34.83 7.50
CA LYS A 608 0.57 -35.93 8.24
CA LYS A 608 0.58 -35.93 8.23
C LYS A 608 1.27 -35.45 9.50
N LYS A 609 1.41 -36.35 10.47
CA LYS A 609 2.13 -36.04 11.69
C LYS A 609 3.47 -36.76 11.55
N TYR A 610 4.55 -36.09 11.87
CA TYR A 610 5.86 -36.70 11.77
C TYR A 610 6.46 -36.85 13.15
N GLU A 611 6.95 -38.05 13.43
CA GLU A 611 7.46 -38.37 14.77
C GLU A 611 8.88 -37.89 15.00
N THR A 612 9.68 -37.83 13.94
CA THR A 612 11.05 -37.34 14.04
C THR A 612 11.37 -36.45 12.85
N VAL A 613 12.38 -35.60 12.99
CA VAL A 613 12.82 -34.78 11.88
C VAL A 613 13.62 -35.59 10.85
N GLN A 614 14.13 -36.76 11.22
CA GLN A 614 14.75 -37.66 10.22
C GLN A 614 13.69 -38.16 9.24
N ASP A 615 12.47 -38.38 9.73
CA ASP A 615 11.38 -38.76 8.85
C ASP A 615 11.11 -37.63 7.86
N ILE A 616 11.10 -36.40 8.37
CA ILE A 616 10.88 -35.23 7.53
C ILE A 616 12.01 -35.12 6.49
N LEU A 617 13.24 -35.10 6.97
CA LEU A 617 14.42 -35.12 6.13
C LEU A 617 14.41 -36.20 5.02
N LYS A 618 13.93 -37.40 5.33
CA LYS A 618 14.02 -38.51 4.37
C LYS A 618 12.92 -38.43 3.31
N GLU A 619 11.75 -37.99 3.72
CA GLU A 619 10.68 -37.80 2.78
C GLU A 619 11.01 -36.63 1.85
N PHE A 620 11.55 -35.55 2.41
CA PHE A 620 12.03 -34.46 1.57
C PHE A 620 13.09 -34.93 0.59
N PHE A 621 14.02 -35.75 1.07
CA PHE A 621 15.17 -36.16 0.27
C PHE A 621 14.77 -36.97 -0.96
N ASP A 622 13.84 -37.92 -0.77
CA ASP A 622 13.44 -38.78 -1.87
C ASP A 622 12.79 -37.95 -2.96
N LEU A 623 11.99 -36.98 -2.55
CA LEU A 623 11.29 -36.12 -3.48
C LEU A 623 12.24 -35.19 -4.23
N ARG A 624 13.13 -34.53 -3.50
CA ARG A 624 14.10 -33.61 -4.11
C ARG A 624 14.99 -34.35 -5.10
N LEU A 625 15.37 -35.59 -4.74
CA LEU A 625 16.19 -36.39 -5.63
C LEU A 625 15.49 -36.68 -6.95
N SER A 626 14.21 -37.08 -6.89
CA SER A 626 13.52 -37.34 -8.14
C SER A 626 13.32 -36.06 -8.96
N TYR A 627 13.11 -34.92 -8.29
CA TYR A 627 13.06 -33.66 -9.03
C TYR A 627 14.38 -33.23 -9.70
N TYR A 628 15.53 -33.68 -9.15
CA TYR A 628 16.81 -33.50 -9.84
C TYR A 628 16.90 -34.34 -11.11
N GLY A 629 16.24 -35.50 -11.11
CA GLY A 629 16.13 -36.32 -12.29
C GLY A 629 15.21 -35.67 -13.31
N LEU A 630 14.15 -35.03 -12.82
CA LEU A 630 13.23 -34.32 -13.71
C LEU A 630 13.94 -33.12 -14.33
N ARG A 631 14.78 -32.45 -13.54
CA ARG A 631 15.54 -31.33 -14.04
C ARG A 631 16.52 -31.73 -15.12
N LYS A 632 17.20 -32.85 -14.92
CA LYS A 632 18.09 -33.36 -15.96
C LYS A 632 17.35 -33.67 -17.26
N GLU A 633 16.21 -34.37 -17.17
CA GLU A 633 15.48 -34.72 -18.36
C GLU A 633 15.08 -33.44 -19.07
N TRP A 634 14.69 -32.43 -18.29
CA TRP A 634 14.23 -31.16 -18.86
C TRP A 634 15.35 -30.41 -19.54
N LEU A 635 16.50 -30.30 -18.87
CA LEU A 635 17.66 -29.63 -19.45
C LEU A 635 18.22 -30.32 -20.69
N VAL A 636 18.13 -31.64 -20.75
CA VAL A 636 18.65 -32.35 -21.92
C VAL A 636 17.75 -32.07 -23.12
N GLY A 637 16.44 -32.11 -22.88
CA GLY A 637 15.47 -31.80 -23.91
C GLY A 637 15.62 -30.39 -24.42
N MET A 638 15.61 -29.44 -23.49
CA MET A 638 15.78 -28.02 -23.81
C MET A 638 17.13 -27.69 -24.45
N LEU A 639 18.24 -28.06 -23.81
CA LEU A 639 19.56 -27.82 -24.39
C LEU A 639 19.73 -28.49 -25.75
N GLY A 640 19.14 -29.67 -25.91
CA GLY A 640 19.18 -30.35 -27.19
C GLY A 640 18.40 -29.59 -28.24
N ALA A 641 17.25 -29.07 -27.86
CA ALA A 641 16.42 -28.30 -28.78
C ALA A 641 17.16 -27.03 -29.21
N GLU A 642 17.82 -26.38 -28.26
CA GLU A 642 18.63 -25.20 -28.57
C GLU A 642 19.80 -25.53 -29.50
N SER A 643 20.40 -26.70 -29.30
CA SER A 643 21.50 -27.14 -30.17
C SER A 643 21.02 -27.26 -31.60
N THR A 644 20.03 -28.10 -31.80
CA THR A 644 19.33 -28.23 -33.08
C THR A 644 19.00 -26.86 -33.69
N LYS A 645 18.41 -25.98 -32.90
CA LYS A 645 18.02 -24.64 -33.38
C LYS A 645 19.23 -23.85 -33.88
N LEU A 646 20.28 -23.77 -33.07
CA LEU A 646 21.51 -23.16 -33.53
C LEU A 646 22.09 -23.82 -34.81
N ASN A 647 21.97 -25.13 -34.94
CA ASN A 647 22.54 -25.81 -36.10
C ASN A 647 21.83 -25.37 -37.37
N ASN A 648 20.51 -25.34 -37.32
CA ASN A 648 19.71 -24.87 -38.44
C ASN A 648 20.00 -23.41 -38.82
N GLN A 649 20.12 -22.54 -37.82
CA GLN A 649 20.45 -21.14 -38.04
C GLN A 649 21.82 -21.01 -38.65
N ALA A 650 22.80 -21.70 -38.09
CA ALA A 650 24.16 -21.62 -38.58
C ALA A 650 24.30 -22.22 -39.98
N ARG A 651 23.45 -23.18 -40.31
CA ARG A 651 23.49 -23.82 -41.61
C ARG A 651 22.95 -22.87 -42.68
N PHE A 652 21.89 -22.15 -42.33
CA PHE A 652 21.27 -21.17 -43.23
C PHE A 652 22.23 -20.03 -43.54
N ILE A 653 22.79 -19.45 -42.50
CA ILE A 653 23.78 -18.38 -42.65
C ILE A 653 24.91 -18.80 -43.60
N LEU A 654 25.44 -20.00 -43.44
CA LEU A 654 26.46 -20.53 -44.35
C LEU A 654 25.93 -20.78 -45.78
N GLU A 655 24.77 -21.44 -45.90
CA GLU A 655 24.16 -21.66 -47.21
C GLU A 655 23.88 -20.33 -47.92
N LYS A 656 23.68 -19.27 -47.13
CA LYS A 656 23.39 -17.93 -47.66
C LYS A 656 24.65 -17.24 -48.18
N ILE A 657 25.70 -17.20 -47.38
CA ILE A 657 26.93 -16.53 -47.78
C ILE A 657 27.73 -17.28 -48.84
N GLN A 658 27.17 -18.36 -49.37
CA GLN A 658 27.84 -19.11 -50.43
C GLN A 658 27.01 -19.12 -51.70
N GLY A 659 25.89 -18.43 -51.68
CA GLY A 659 25.00 -18.42 -52.82
C GLY A 659 24.20 -19.70 -52.97
N LYS A 660 24.31 -20.61 -52.02
CA LYS A 660 23.59 -21.87 -52.11
C LYS A 660 22.09 -21.66 -51.94
N ILE A 661 21.73 -20.56 -51.28
CA ILE A 661 20.32 -20.22 -51.08
C ILE A 661 20.10 -18.72 -51.15
N THR A 662 18.97 -18.31 -51.72
CA THR A 662 18.63 -16.90 -51.72
C THR A 662 17.19 -16.67 -51.29
N ILE A 663 16.98 -15.65 -50.48
CA ILE A 663 15.64 -15.28 -50.05
C ILE A 663 15.19 -14.00 -50.75
N GLU A 664 16.14 -13.30 -51.38
CA GLU A 664 15.90 -11.97 -51.96
C GLU A 664 14.72 -11.95 -52.90
N ASN A 665 13.69 -11.20 -52.51
CA ASN A 665 12.47 -11.02 -53.31
C ASN A 665 11.58 -12.27 -53.47
N ARG A 666 12.01 -13.40 -52.90
CA ARG A 666 11.15 -14.58 -52.81
C ARG A 666 9.93 -14.31 -51.93
N SER A 667 8.77 -14.85 -52.32
CA SER A 667 7.56 -14.63 -51.53
C SER A 667 7.56 -15.47 -50.25
N LYS A 668 6.74 -15.08 -49.28
CA LYS A 668 6.69 -15.79 -48.00
C LYS A 668 6.51 -17.28 -48.23
N LYS A 669 5.44 -17.61 -48.95
CA LYS A 669 5.07 -18.98 -49.29
C LYS A 669 6.20 -19.78 -49.95
N ASP A 670 6.81 -19.24 -50.99
CA ASP A 670 7.93 -19.93 -51.63
C ASP A 670 9.16 -20.06 -50.74
N LEU A 671 9.34 -19.12 -49.82
CA LEU A 671 10.50 -19.16 -48.95
C LEU A 671 10.35 -20.31 -47.98
N ILE A 672 9.12 -20.48 -47.49
CA ILE A 672 8.81 -21.55 -46.56
C ILE A 672 8.98 -22.91 -47.24
N GLN A 673 8.44 -23.05 -48.44
CA GLN A 673 8.52 -24.31 -49.18
C GLN A 673 9.95 -24.65 -49.61
N MET A 674 10.75 -23.62 -49.86
CA MET A 674 12.14 -23.85 -50.21
C MET A 674 12.84 -24.43 -49.00
N LEU A 675 12.51 -23.86 -47.85
CA LEU A 675 13.19 -24.24 -46.62
C LEU A 675 12.82 -25.66 -46.23
N VAL A 676 11.53 -25.99 -46.38
CA VAL A 676 11.08 -27.34 -46.11
C VAL A 676 11.83 -28.32 -47.00
N GLN A 677 11.78 -28.09 -48.32
CA GLN A 677 12.45 -28.96 -49.28
C GLN A 677 13.96 -29.15 -49.05
N ARG A 678 14.58 -28.24 -48.31
CA ARG A 678 16.01 -28.37 -48.05
C ARG A 678 16.28 -28.92 -46.63
N GLY A 679 15.22 -29.42 -46.00
CA GLY A 679 15.36 -30.13 -44.75
C GLY A 679 15.71 -29.27 -43.54
N TYR A 680 15.30 -28.02 -43.58
CA TYR A 680 15.39 -27.16 -42.41
C TYR A 680 14.27 -27.54 -41.45
N GLU A 681 14.59 -27.62 -40.16
CA GLU A 681 13.61 -28.06 -39.18
C GLU A 681 12.75 -26.89 -38.67
N SER A 682 11.44 -27.11 -38.56
CA SER A 682 10.54 -26.15 -37.89
C SER A 682 11.06 -25.88 -36.47
N ASP A 683 10.75 -24.70 -35.92
CA ASP A 683 11.29 -24.26 -34.62
C ASP A 683 11.36 -25.39 -33.60
N PRO A 684 12.57 -25.89 -33.32
CA PRO A 684 12.85 -27.03 -32.45
C PRO A 684 12.53 -26.70 -31.01
N VAL A 685 12.86 -25.48 -30.57
CA VAL A 685 12.59 -25.11 -29.19
C VAL A 685 11.09 -24.98 -28.97
N LYS A 686 10.38 -24.45 -29.96
CA LYS A 686 8.93 -24.34 -29.86
C LYS A 686 8.28 -25.73 -29.93
N ALA A 687 8.78 -26.55 -30.85
CA ALA A 687 8.31 -27.93 -30.99
C ALA A 687 8.49 -28.72 -29.70
N TRP A 688 9.58 -28.46 -29.00
CA TRP A 688 9.88 -29.18 -27.78
C TRP A 688 8.93 -28.75 -26.67
N LYS A 689 8.83 -27.44 -26.46
CA LYS A 689 7.87 -26.91 -25.50
C LYS A 689 6.46 -27.43 -25.76
N GLU A 690 6.10 -27.53 -27.04
CA GLU A 690 4.76 -28.02 -27.42
C GLU A 690 4.56 -29.45 -26.96
N ALA A 691 5.57 -30.29 -27.18
CA ALA A 691 5.53 -31.69 -26.81
C ALA A 691 5.75 -31.89 -25.30
N GLN A 692 5.51 -30.83 -24.54
CA GLN A 692 5.58 -30.91 -23.09
C GLN A 692 4.19 -30.70 -22.47
N GLU A 693 3.15 -30.73 -23.30
CA GLU A 693 1.77 -30.75 -22.82
C GLU A 693 0.84 -31.45 -23.82
N GLY A 717 1.37 -25.40 -39.05
CA GLY A 717 2.29 -25.00 -40.10
C GLY A 717 3.73 -24.93 -39.60
N PRO A 718 4.71 -25.15 -40.50
CA PRO A 718 6.13 -25.08 -40.16
C PRO A 718 6.51 -23.66 -39.74
N ASP A 719 7.34 -23.53 -38.72
CA ASP A 719 7.74 -22.23 -38.18
C ASP A 719 9.21 -21.97 -38.42
N PHE A 720 9.50 -21.06 -39.34
CA PHE A 720 10.89 -20.72 -39.63
C PHE A 720 11.29 -19.31 -39.16
N ASN A 721 10.45 -18.69 -38.33
CA ASN A 721 10.76 -17.37 -37.80
C ASN A 721 12.08 -17.28 -37.03
N TYR A 722 12.50 -18.36 -36.36
CA TYR A 722 13.77 -18.30 -35.64
C TYR A 722 14.92 -18.08 -36.59
N ILE A 723 14.72 -18.42 -37.86
CA ILE A 723 15.73 -18.16 -38.87
C ILE A 723 15.58 -16.75 -39.45
N LEU A 724 14.42 -16.48 -40.04
CA LEU A 724 14.23 -15.24 -40.78
C LEU A 724 14.11 -13.98 -39.91
N ASN A 725 13.96 -14.15 -38.59
CA ASN A 725 14.01 -12.99 -37.69
C ASN A 725 15.41 -12.59 -37.32
N MET A 726 16.40 -13.32 -37.81
CA MET A 726 17.77 -12.91 -37.56
C MET A 726 18.02 -11.56 -38.26
N SER A 727 18.93 -10.78 -37.71
CA SER A 727 19.20 -9.47 -38.27
C SER A 727 20.16 -9.60 -39.44
N LEU A 728 20.22 -8.58 -40.31
CA LEU A 728 21.13 -8.61 -41.46
C LEU A 728 22.59 -8.67 -41.02
N TRP A 729 22.87 -8.20 -39.80
CA TRP A 729 24.19 -8.35 -39.22
C TRP A 729 24.66 -9.81 -39.25
N SER A 730 23.72 -10.74 -39.07
CA SER A 730 24.03 -12.17 -39.04
C SER A 730 24.85 -12.67 -40.22
N LEU A 731 24.75 -11.97 -41.35
CA LEU A 731 25.45 -12.35 -42.58
C LEU A 731 26.89 -11.84 -42.60
N THR A 732 27.22 -10.87 -41.74
CA THR A 732 28.58 -10.32 -41.71
C THR A 732 29.59 -11.27 -41.08
N LYS A 733 30.87 -11.02 -41.39
CA LYS A 733 32.00 -11.91 -41.08
C LYS A 733 32.15 -12.26 -39.59
N GLU A 734 32.21 -11.25 -38.75
CA GLU A 734 32.32 -11.48 -37.32
C GLU A 734 31.10 -12.25 -36.77
N LYS A 735 29.91 -11.86 -37.22
CA LYS A 735 28.69 -12.51 -36.75
C LYS A 735 28.58 -13.95 -37.21
N VAL A 736 29.13 -14.25 -38.39
CA VAL A 736 29.15 -15.64 -38.85
C VAL A 736 30.09 -16.47 -37.97
N GLU A 737 31.28 -15.94 -37.71
CA GLU A 737 32.22 -16.57 -36.79
C GLU A 737 31.59 -16.77 -35.41
N GLU A 738 30.96 -15.72 -34.90
CA GLU A 738 30.39 -15.75 -33.57
C GLU A 738 29.25 -16.77 -33.49
N LEU A 739 28.46 -16.87 -34.55
CA LEU A 739 27.38 -17.85 -34.59
C LEU A 739 27.89 -19.29 -34.57
N ILE A 740 29.06 -19.53 -35.15
CA ILE A 740 29.63 -20.87 -35.20
C ILE A 740 30.12 -21.23 -33.81
N LYS A 741 30.84 -20.30 -33.18
CA LYS A 741 31.32 -20.53 -31.83
C LYS A 741 30.17 -20.84 -30.87
N GLN A 742 29.01 -20.22 -31.07
CA GLN A 742 27.89 -20.44 -30.17
C GLN A 742 27.24 -21.80 -30.43
N ARG A 743 27.07 -22.13 -31.71
CA ARG A 743 26.54 -23.43 -32.10
C ARG A 743 27.37 -24.56 -31.50
N ASP A 744 28.69 -24.40 -31.57
CA ASP A 744 29.62 -25.40 -31.11
C ASP A 744 29.57 -25.47 -29.59
N ALA A 745 29.60 -24.30 -28.96
CA ALA A 745 29.55 -24.21 -27.50
C ALA A 745 28.29 -24.85 -26.90
N LYS A 746 27.18 -24.79 -27.63
CA LYS A 746 25.93 -25.38 -27.16
C LYS A 746 26.05 -26.89 -27.19
N GLY A 747 26.65 -27.41 -28.26
CA GLY A 747 26.89 -28.83 -28.40
C GLY A 747 27.70 -29.33 -27.23
N ARG A 748 28.80 -28.65 -26.95
CA ARG A 748 29.61 -29.02 -25.81
C ARG A 748 28.83 -28.89 -24.51
N GLU A 749 27.89 -27.95 -24.46
CA GLU A 749 27.09 -27.73 -23.25
C GLU A 749 26.03 -28.83 -23.05
N VAL A 750 25.48 -29.33 -24.16
CA VAL A 750 24.54 -30.44 -24.09
C VAL A 750 25.26 -31.65 -23.50
N ASN A 751 26.45 -31.92 -24.01
CA ASN A 751 27.20 -33.07 -23.57
C ASN A 751 27.72 -32.95 -22.14
N ASP A 752 28.12 -31.75 -21.73
CA ASP A 752 28.64 -31.54 -20.38
C ASP A 752 27.54 -31.78 -19.36
N LEU A 753 26.31 -31.47 -19.77
CA LEU A 753 25.16 -31.74 -18.94
C LEU A 753 24.83 -33.22 -18.86
N LYS A 754 24.84 -33.93 -20.00
CA LYS A 754 24.58 -35.38 -19.99
C LYS A 754 25.57 -36.14 -19.08
N ARG A 755 26.78 -35.64 -18.96
CA ARG A 755 27.79 -36.28 -18.12
C ARG A 755 27.51 -36.12 -16.62
N LYS A 756 26.65 -35.16 -16.27
CA LYS A 756 26.31 -34.93 -14.87
C LYS A 756 25.11 -35.78 -14.42
N SER A 757 25.25 -36.44 -13.27
CA SER A 757 24.12 -37.17 -12.69
C SER A 757 23.21 -36.19 -11.94
N PRO A 758 21.96 -36.62 -11.68
CA PRO A 758 21.15 -35.82 -10.76
C PRO A 758 21.92 -35.51 -9.47
N SER A 759 22.59 -36.50 -8.89
CA SER A 759 23.43 -36.29 -7.72
CA SER A 759 23.42 -36.26 -7.71
C SER A 759 24.49 -35.20 -7.94
N ASP A 760 25.06 -35.18 -9.14
CA ASP A 760 26.10 -34.19 -9.48
C ASP A 760 25.51 -32.80 -9.48
N LEU A 761 24.36 -32.67 -10.14
CA LEU A 761 23.64 -31.41 -10.23
C LEU A 761 23.32 -30.92 -8.83
N TRP A 762 22.82 -31.83 -8.01
CA TRP A 762 22.51 -31.48 -6.63
C TRP A 762 23.77 -30.99 -5.93
N LYS A 763 24.83 -31.80 -5.94
CA LYS A 763 26.06 -31.41 -5.26
C LYS A 763 26.58 -30.03 -5.71
N GLU A 764 26.38 -29.69 -6.99
CA GLU A 764 26.74 -28.36 -7.49
C GLU A 764 25.93 -27.26 -6.77
N ASP A 765 24.60 -27.42 -6.77
CA ASP A 765 23.73 -26.48 -6.08
C ASP A 765 24.14 -26.26 -4.62
N LEU A 766 24.41 -27.37 -3.92
CA LEU A 766 24.78 -27.34 -2.51
C LEU A 766 26.11 -26.62 -2.30
N ALA A 767 27.07 -26.85 -3.19
CA ALA A 767 28.36 -26.20 -3.08
C ALA A 767 28.23 -24.68 -3.25
N ALA A 768 27.48 -24.28 -4.28
CA ALA A 768 27.25 -22.87 -4.59
C ALA A 768 26.58 -22.18 -3.41
N PHE A 769 25.55 -22.83 -2.88
CA PHE A 769 24.84 -22.33 -1.72
C PHE A 769 25.77 -22.07 -0.54
N VAL A 770 26.64 -23.03 -0.25
CA VAL A 770 27.48 -22.93 0.95
C VAL A 770 28.54 -21.85 0.80
N GLU A 771 29.06 -21.69 -0.40
CA GLU A 771 30.00 -20.63 -0.71
C GLU A 771 29.37 -19.29 -0.34
N GLU A 772 28.13 -19.10 -0.78
CA GLU A 772 27.44 -17.83 -0.59
C GLU A 772 26.96 -17.66 0.84
N LEU A 773 26.45 -18.74 1.43
CA LEU A 773 26.10 -18.73 2.84
C LEU A 773 27.29 -18.31 3.73
N ASP A 774 28.48 -18.80 3.41
CA ASP A 774 29.69 -18.43 4.16
C ASP A 774 29.96 -16.93 3.99
N LYS A 775 29.86 -16.45 2.76
CA LYS A 775 30.11 -15.05 2.48
C LYS A 775 29.07 -14.15 3.15
N VAL A 776 27.80 -14.51 3.02
CA VAL A 776 26.72 -13.74 3.62
C VAL A 776 26.80 -13.69 5.16
N GLU A 777 27.12 -14.81 5.80
CA GLU A 777 27.22 -14.81 7.27
C GLU A 777 28.46 -14.09 7.77
N SER A 778 29.50 -14.09 6.94
CA SER A 778 30.72 -13.38 7.24
C SER A 778 30.53 -11.87 7.16
N GLN A 779 29.79 -11.42 6.17
CA GLN A 779 29.50 -9.99 6.03
C GLN A 779 28.57 -9.53 7.14
N GLU A 780 27.71 -10.42 7.61
CA GLU A 780 26.80 -10.12 8.72
C GLU A 780 27.54 -9.92 10.05
N ARG A 781 28.65 -10.61 10.24
CA ARG A 781 29.42 -10.48 11.47
C ARG A 781 30.31 -9.24 11.47
N GLU A 782 30.58 -8.71 10.28
CA GLU A 782 31.33 -7.46 10.15
C GLU A 782 30.39 -6.25 10.25
N ASP A 783 29.30 -6.28 9.49
CA ASP A 783 28.30 -5.20 9.51
C ASP A 783 27.62 -5.11 10.88
N SER B 31 6.09 15.73 42.83
CA SER B 31 5.01 15.43 41.87
C SER B 31 5.39 14.53 40.68
N LYS B 32 4.56 13.51 40.40
CA LYS B 32 4.70 12.66 39.21
C LYS B 32 3.61 12.94 38.16
N ILE B 33 3.57 12.11 37.12
CA ILE B 33 2.58 12.21 36.05
C ILE B 33 2.11 10.81 35.66
N LYS B 34 0.79 10.63 35.55
CA LYS B 34 0.19 9.29 35.48
C LYS B 34 -0.44 8.87 34.15
N GLY B 35 -1.55 9.50 33.77
CA GLY B 35 -2.34 9.05 32.64
C GLY B 35 -1.95 9.62 31.28
N ILE B 36 -0.65 9.67 31.02
CA ILE B 36 -0.13 10.12 29.74
C ILE B 36 0.77 9.04 29.22
N PRO B 37 0.19 8.08 28.49
CA PRO B 37 0.84 6.78 28.24
C PRO B 37 2.18 6.89 27.49
N LYS B 38 2.27 7.82 26.54
CA LYS B 38 3.43 7.91 25.64
C LYS B 38 4.61 8.70 26.19
N LEU B 39 4.47 9.25 27.39
CA LEU B 39 5.53 10.06 28.02
C LEU B 39 6.60 9.22 28.70
N ASP B 40 7.87 9.58 28.48
CA ASP B 40 8.97 9.08 29.32
C ASP B 40 9.48 10.21 30.16
N ASP B 41 9.01 10.29 31.40
CA ASP B 41 9.37 11.40 32.27
C ASP B 41 10.82 11.27 32.68
N ALA B 42 11.50 12.40 32.77
CA ALA B 42 12.84 12.43 33.33
C ALA B 42 12.77 11.96 34.79
N ASN B 43 13.70 11.11 35.19
CA ASN B 43 13.77 10.66 36.59
C ASN B 43 13.75 11.82 37.60
N ASP B 44 14.53 12.88 37.34
CA ASP B 44 14.60 14.01 38.25
C ASP B 44 13.58 15.08 37.96
N ALA B 45 12.58 14.77 37.15
CA ALA B 45 11.61 15.79 36.80
C ALA B 45 10.54 15.87 37.88
N GLY B 46 10.21 17.09 38.27
CA GLY B 46 9.26 17.32 39.35
C GLY B 46 9.89 17.31 40.73
N GLY B 47 11.20 17.11 40.78
CA GLY B 47 11.95 17.15 42.03
C GLY B 47 12.68 18.47 42.26
N LYS B 48 13.71 18.45 43.09
CA LYS B 48 14.46 19.67 43.35
C LYS B 48 15.26 20.05 42.10
N HIS B 49 15.74 19.04 41.39
CA HIS B 49 16.51 19.24 40.18
C HIS B 49 15.64 19.40 38.94
N SER B 50 14.43 19.94 39.12
CA SER B 50 13.50 20.17 38.02
C SER B 50 14.09 21.05 36.92
N LEU B 51 14.44 22.29 37.25
CA LEU B 51 14.88 23.27 36.25
C LEU B 51 16.13 22.87 35.45
N GLU B 52 16.76 21.76 35.82
CA GLU B 52 17.89 21.24 35.03
C GLU B 52 17.42 20.11 34.12
N CYS B 53 16.12 19.85 34.15
CA CYS B 53 15.56 18.80 33.31
C CYS B 53 15.02 19.34 31.99
N THR B 54 15.12 18.50 30.96
CA THR B 54 14.72 18.88 29.62
C THR B 54 13.69 17.92 29.06
N LEU B 55 12.59 18.48 28.57
CA LEU B 55 11.58 17.71 27.90
C LEU B 55 11.79 17.76 26.40
N ILE B 56 12.04 16.61 25.79
CA ILE B 56 12.16 16.50 24.35
C ILE B 56 10.80 16.18 23.72
N LEU B 57 10.23 17.15 22.98
CA LEU B 57 9.04 16.91 22.16
C LEU B 57 9.46 16.49 20.76
N THR B 58 9.04 15.29 20.35
CA THR B 58 9.40 14.79 19.03
C THR B 58 8.27 14.89 17.98
N GLU B 59 8.65 14.91 16.71
CA GLU B 59 7.70 14.79 15.61
C GLU B 59 7.46 13.31 15.33
N GLY B 60 6.43 12.75 15.98
CA GLY B 60 6.06 11.35 15.80
C GLY B 60 6.76 10.38 16.73
N ASP B 61 6.16 9.21 16.93
CA ASP B 61 6.70 8.18 17.82
C ASP B 61 8.07 7.64 17.36
N SER B 62 8.24 7.56 16.04
CA SER B 62 9.52 7.17 15.46
C SER B 62 10.72 7.94 16.04
N ALA B 63 10.66 9.27 15.95
CA ALA B 63 11.72 10.12 16.48
C ALA B 63 11.81 10.03 18.01
N LYS B 64 10.72 9.63 18.66
CA LYS B 64 10.69 9.48 20.11
C LYS B 64 11.55 8.30 20.53
N SER B 65 11.59 7.26 19.69
CA SER B 65 12.33 6.06 20.02
C SER B 65 13.82 6.25 19.76
N LEU B 66 14.15 7.10 18.81
CA LEU B 66 15.54 7.37 18.48
C LEU B 66 16.18 8.28 19.52
N ALA B 67 15.34 9.07 20.19
CA ALA B 67 15.80 9.90 21.28
C ALA B 67 15.95 9.04 22.53
N VAL B 68 15.02 8.11 22.73
CA VAL B 68 15.09 7.17 23.84
C VAL B 68 16.37 6.34 23.80
N SER B 69 16.69 5.77 22.64
CA SER B 69 17.95 5.06 22.47
C SER B 69 19.14 5.98 22.67
N GLY B 70 19.08 7.16 22.05
CA GLY B 70 20.16 8.12 22.14
C GLY B 70 20.48 8.55 23.56
N LEU B 71 19.46 8.62 24.41
CA LEU B 71 19.66 8.97 25.80
C LEU B 71 20.27 7.80 26.56
N GLY B 72 19.98 6.59 26.09
CA GLY B 72 20.39 5.39 26.79
C GLY B 72 19.82 5.36 28.20
N VAL B 73 20.63 4.87 29.13
CA VAL B 73 20.22 4.74 30.53
C VAL B 73 20.68 5.98 31.31
N ILE B 74 21.81 6.54 30.88
CA ILE B 74 22.37 7.73 31.52
C ILE B 74 21.40 8.90 31.38
N GLY B 75 21.02 9.19 30.13
CA GLY B 75 20.16 10.30 29.81
C GLY B 75 18.79 10.34 30.48
N ARG B 76 18.28 9.16 30.87
CA ARG B 76 16.93 9.08 31.44
C ARG B 76 16.72 9.87 32.73
N ASP B 77 17.78 10.46 33.25
CA ASP B 77 17.69 11.20 34.50
C ASP B 77 17.31 12.67 34.30
N ARG B 78 17.94 13.32 33.34
CA ARG B 78 17.67 14.74 33.11
C ARG B 78 16.84 15.01 31.85
N TYR B 79 16.59 13.97 31.06
CA TYR B 79 15.88 14.14 29.80
C TYR B 79 14.53 13.41 29.75
N GLY B 80 13.47 14.18 29.45
CA GLY B 80 12.17 13.60 29.21
C GLY B 80 11.85 13.52 27.73
N VAL B 81 11.04 12.54 27.33
CA VAL B 81 10.64 12.40 25.94
C VAL B 81 9.11 12.22 25.77
N PHE B 82 8.49 13.08 24.96
CA PHE B 82 7.07 12.98 24.66
C PHE B 82 6.79 13.25 23.18
N PRO B 83 6.07 12.32 22.51
CA PRO B 83 5.88 12.51 21.07
C PRO B 83 4.56 13.23 20.75
N LEU B 84 4.58 14.06 19.73
CA LEU B 84 3.39 14.68 19.20
C LEU B 84 3.09 14.07 17.84
N ARG B 85 1.86 13.60 17.64
CA ARG B 85 1.46 13.13 16.33
C ARG B 85 0.65 14.20 15.58
N GLY B 86 1.22 14.70 14.49
CA GLY B 86 0.49 15.64 13.66
C GLY B 86 0.73 17.12 13.94
N LYS B 87 0.18 17.96 13.09
CA LYS B 87 0.22 19.39 13.30
C LYS B 87 -0.58 19.71 14.57
N ILE B 88 -0.18 20.75 15.28
CA ILE B 88 -0.84 21.06 16.53
C ILE B 88 -1.63 22.35 16.44
N LEU B 89 -2.52 22.55 17.41
CA LEU B 89 -3.39 23.72 17.45
C LEU B 89 -2.61 25.05 17.44
N ASN B 90 -3.01 25.98 16.58
CA ASN B 90 -2.53 27.36 16.68
C ASN B 90 -3.31 28.08 17.79
N VAL B 91 -2.73 28.19 18.98
CA VAL B 91 -3.47 28.68 20.15
C VAL B 91 -3.78 30.18 20.17
N ARG B 92 -2.90 30.98 19.58
CA ARG B 92 -3.21 32.37 19.31
C ARG B 92 -4.50 32.35 18.49
N GLU B 93 -5.46 33.18 18.86
CA GLU B 93 -6.79 33.17 18.21
C GLU B 93 -7.39 31.77 17.91
N ALA B 94 -7.65 30.98 18.96
CA ALA B 94 -8.42 29.74 18.86
C ALA B 94 -9.52 29.86 19.90
N SER B 95 -10.66 29.24 19.64
CA SER B 95 -11.78 29.32 20.58
C SER B 95 -11.34 28.82 21.96
N HIS B 96 -11.98 29.33 23.00
CA HIS B 96 -11.66 28.89 24.34
C HIS B 96 -11.88 27.38 24.46
N LYS B 97 -12.96 26.92 23.83
CA LYS B 97 -13.33 25.51 23.81
C LYS B 97 -12.23 24.65 23.18
N GLN B 98 -11.73 25.11 22.04
CA GLN B 98 -10.71 24.35 21.32
C GLN B 98 -9.48 24.14 22.15
N ILE B 99 -9.09 25.21 22.84
CA ILE B 99 -7.92 25.19 23.69
C ILE B 99 -8.10 24.22 24.85
N MET B 100 -9.25 24.27 25.51
CA MET B 100 -9.47 23.42 26.68
C MET B 100 -9.58 21.93 26.31
N GLU B 101 -10.14 21.62 25.14
CA GLU B 101 -10.38 20.22 24.76
C GLU B 101 -9.22 19.54 24.02
N ASN B 102 -8.19 20.29 23.69
CA ASN B 102 -7.10 19.78 22.86
C ASN B 102 -6.10 18.92 23.64
N ALA B 103 -5.84 17.71 23.16
CA ALA B 103 -4.99 16.76 23.87
C ALA B 103 -3.51 17.13 23.99
N GLU B 104 -2.88 17.55 22.90
CA GLU B 104 -1.44 17.84 22.99
C GLU B 104 -1.12 19.00 23.92
N ILE B 105 -1.78 20.14 23.77
CA ILE B 105 -1.52 21.33 24.59
CA ILE B 105 -1.41 21.27 24.60
C ILE B 105 -1.72 21.04 26.07
N ASN B 106 -2.83 20.39 26.38
CA ASN B 106 -3.10 20.04 27.76
C ASN B 106 -2.09 19.04 28.33
N ASN B 107 -1.63 18.14 27.49
CA ASN B 107 -0.59 17.21 27.88
C ASN B 107 0.74 17.88 28.16
N ILE B 108 1.14 18.81 27.29
CA ILE B 108 2.42 19.51 27.47
C ILE B 108 2.37 20.27 28.79
N ILE B 109 1.25 20.96 29.01
CA ILE B 109 0.99 21.68 30.24
C ILE B 109 1.11 20.81 31.52
N LYS B 110 0.53 19.62 31.55
CA LYS B 110 0.66 18.74 32.72
C LYS B 110 2.10 18.28 32.92
N ILE B 111 2.73 17.82 31.84
CA ILE B 111 4.10 17.31 31.90
C ILE B 111 5.10 18.37 32.39
N VAL B 112 4.93 19.60 31.92
CA VAL B 112 5.86 20.67 32.27
C VAL B 112 5.44 21.36 33.59
N GLY B 113 4.14 21.40 33.84
CA GLY B 113 3.62 22.05 35.03
C GLY B 113 3.30 23.52 34.82
N LEU B 114 3.04 23.91 33.56
CA LEU B 114 2.73 25.31 33.30
C LEU B 114 1.36 25.68 33.84
N GLN B 115 1.14 26.96 34.07
CA GLN B 115 -0.20 27.44 34.41
C GLN B 115 -0.53 28.67 33.60
N TYR B 116 -1.70 28.69 33.00
CA TYR B 116 -2.14 29.87 32.28
C TYR B 116 -2.06 31.11 33.17
N LYS B 117 -1.83 32.26 32.57
CA LYS B 117 -1.92 33.56 33.23
C LYS B 117 -0.95 33.76 34.41
N LYS B 118 0.23 33.15 34.31
CA LYS B 118 1.28 33.31 35.31
C LYS B 118 2.58 33.76 34.66
N SER B 119 3.12 34.89 35.12
CA SER B 119 4.41 35.40 34.65
C SER B 119 5.57 34.62 35.25
N TYR B 120 6.45 34.12 34.39
CA TYR B 120 7.66 33.44 34.83
C TYR B 120 8.85 34.38 34.74
N ASP B 121 8.72 35.53 35.40
CA ASP B 121 9.74 36.58 35.37
C ASP B 121 10.92 36.36 36.33
N ASP B 122 10.64 36.23 37.63
CA ASP B 122 11.73 36.02 38.60
C ASP B 122 12.16 34.55 38.65
N ALA B 123 12.91 34.18 39.69
CA ALA B 123 13.38 32.81 39.83
C ALA B 123 12.56 32.03 40.86
N GLU B 124 11.66 32.73 41.55
CA GLU B 124 10.74 32.07 42.46
C GLU B 124 9.58 31.47 41.66
N SER B 125 9.19 32.16 40.60
CA SER B 125 8.06 31.72 39.79
C SER B 125 8.40 30.43 39.06
N LEU B 126 9.68 30.22 38.80
CA LEU B 126 10.13 28.98 38.15
C LEU B 126 10.11 27.79 39.11
N LYS B 127 9.78 28.04 40.36
CA LYS B 127 9.79 26.95 41.34
C LYS B 127 8.69 25.91 41.04
N THR B 128 7.69 26.30 40.26
CA THR B 128 6.54 25.43 40.01
C THR B 128 6.61 24.58 38.73
N LEU B 129 7.77 24.52 38.06
CA LEU B 129 7.88 23.76 36.81
C LEU B 129 8.59 22.44 37.03
N ARG B 130 8.09 21.39 36.40
CA ARG B 130 8.68 20.05 36.49
C ARG B 130 9.86 19.91 35.55
N TYR B 131 10.00 20.87 34.63
CA TYR B 131 11.07 20.90 33.62
C TYR B 131 11.53 22.34 33.40
N GLY B 132 12.82 22.52 33.13
CA GLY B 132 13.36 23.86 32.95
C GLY B 132 13.45 24.33 31.51
N LYS B 133 13.32 23.40 30.58
CA LYS B 133 13.36 23.73 29.17
C LYS B 133 12.72 22.64 28.31
N ILE B 134 12.23 23.04 27.14
CA ILE B 134 11.73 22.10 26.16
C ILE B 134 12.67 22.04 24.95
N MET B 135 13.07 20.83 24.58
CA MET B 135 13.86 20.68 23.36
C MET B 135 13.05 20.05 22.24
N ILE B 136 12.76 20.84 21.20
CA ILE B 136 12.00 20.39 20.05
C ILE B 136 12.80 19.55 19.06
N MET B 137 12.36 18.33 18.80
CA MET B 137 13.08 17.48 17.87
C MET B 137 12.19 17.05 16.72
N THR B 138 12.32 17.69 15.56
CA THR B 138 11.50 17.40 14.40
C THR B 138 12.33 17.02 13.17
N ASP B 139 11.64 16.60 12.11
CA ASP B 139 12.27 16.33 10.82
C ASP B 139 12.92 17.60 10.34
N GLN B 140 14.04 17.49 9.64
CA GLN B 140 14.65 18.69 9.09
C GLN B 140 14.11 18.97 7.70
N ASP B 141 12.79 19.16 7.63
CA ASP B 141 12.11 19.47 6.40
C ASP B 141 11.17 20.62 6.71
N GLN B 142 10.45 21.11 5.72
CA GLN B 142 9.63 22.31 5.92
C GLN B 142 8.47 22.04 6.88
N ASP B 143 7.89 20.84 6.84
CA ASP B 143 6.80 20.57 7.76
C ASP B 143 7.23 20.49 9.23
N GLY B 144 8.47 20.07 9.45
CA GLY B 144 9.07 20.10 10.77
C GLY B 144 9.17 21.52 11.29
N SER B 145 9.57 22.44 10.41
CA SER B 145 9.75 23.83 10.79
C SER B 145 8.43 24.43 11.25
N HIS B 146 7.35 23.94 10.65
CA HIS B 146 6.03 24.43 10.95
C HIS B 146 5.61 24.01 12.36
N ILE B 147 5.84 22.74 12.69
CA ILE B 147 5.57 22.25 14.04
C ILE B 147 6.43 23.00 15.07
N LYS B 148 7.71 23.22 14.77
CA LYS B 148 8.55 24.04 15.63
C LYS B 148 7.88 25.38 15.88
N GLY B 149 7.47 26.04 14.79
CA GLY B 149 6.91 27.37 14.88
C GLY B 149 5.65 27.42 15.72
N LEU B 150 4.81 26.40 15.56
CA LEU B 150 3.55 26.33 16.26
C LEU B 150 3.78 26.10 17.75
N LEU B 151 4.81 25.33 18.07
CA LEU B 151 5.22 25.14 19.47
C LEU B 151 5.72 26.45 20.06
N ILE B 152 6.65 27.11 19.35
CA ILE B 152 7.09 28.44 19.72
C ILE B 152 5.91 29.39 19.90
N ASN B 153 4.97 29.35 18.96
CA ASN B 153 3.74 30.13 19.02
C ASN B 153 2.98 29.88 20.32
N PHE B 154 2.82 28.60 20.65
CA PHE B 154 2.17 28.18 21.89
C PHE B 154 2.80 28.85 23.13
N ILE B 155 4.09 28.61 23.37
CA ILE B 155 4.82 29.24 24.48
C ILE B 155 4.78 30.76 24.42
N HIS B 156 5.07 31.34 23.25
CA HIS B 156 5.07 32.78 23.08
C HIS B 156 3.77 33.46 23.48
N HIS B 157 2.66 32.84 23.12
CA HIS B 157 1.35 33.47 23.28
C HIS B 157 0.81 33.37 24.71
N ASN B 158 1.29 32.35 25.43
CA ASN B 158 0.81 32.10 26.77
C ASN B 158 1.79 32.54 27.82
N TRP B 159 3.09 32.46 27.48
CA TRP B 159 4.13 32.75 28.46
C TRP B 159 5.37 33.37 27.82
N PRO B 160 5.24 34.61 27.32
CA PRO B 160 6.39 35.32 26.73
C PRO B 160 7.56 35.39 27.68
N SER B 161 7.25 35.76 28.92
CA SER B 161 8.12 35.59 30.09
C SER B 161 9.18 34.49 29.97
N LEU B 162 8.76 33.31 29.53
CA LEU B 162 9.64 32.14 29.47
C LEU B 162 10.65 32.18 28.35
N LEU B 163 10.29 32.85 27.25
CA LEU B 163 11.19 32.96 26.11
C LEU B 163 12.47 33.74 26.41
N LYS B 164 12.32 34.80 27.21
CA LYS B 164 13.45 35.56 27.73
C LYS B 164 14.47 34.69 28.47
N HIS B 165 14.00 33.79 29.33
CA HIS B 165 14.88 32.91 30.10
C HIS B 165 15.54 31.83 29.26
N GLY B 166 15.15 31.72 27.99
CA GLY B 166 15.71 30.74 27.09
C GLY B 166 15.15 29.36 27.38
N PHE B 167 13.82 29.28 27.36
CA PHE B 167 13.08 28.08 27.70
C PHE B 167 13.14 27.06 26.57
N LEU B 168 13.19 27.55 25.34
CA LEU B 168 13.12 26.69 24.17
C LEU B 168 14.47 26.43 23.52
N GLU B 169 14.69 25.19 23.09
CA GLU B 169 15.89 24.76 22.35
C GLU B 169 15.43 23.81 21.26
N GLU B 170 16.36 23.41 20.38
CA GLU B 170 16.04 22.43 19.35
C GLU B 170 17.20 21.50 19.04
N PHE B 171 16.87 20.30 18.56
CA PHE B 171 17.87 19.31 18.22
C PHE B 171 17.84 19.03 16.71
N ILE B 172 18.88 19.49 16.02
CA ILE B 172 19.03 19.28 14.59
C ILE B 172 19.46 17.84 14.33
N THR B 173 19.00 17.27 13.22
CA THR B 173 19.17 15.84 12.97
C THR B 173 19.19 15.59 11.46
N PRO B 174 19.84 14.49 11.01
CA PRO B 174 19.80 14.14 9.57
C PRO B 174 18.38 13.94 9.03
N PHE B 226 24.48 11.48 18.19
CA PHE B 226 23.75 11.78 19.42
C PHE B 226 24.67 11.98 20.63
N ALA B 227 25.73 11.18 20.72
CA ALA B 227 26.74 11.35 21.79
C ALA B 227 27.59 12.60 21.52
N ASP B 228 27.37 13.18 20.35
CA ASP B 228 27.91 14.48 19.97
C ASP B 228 26.77 15.49 20.03
N MET B 229 25.85 15.26 20.98
CA MET B 229 24.63 16.06 21.12
C MET B 229 24.85 17.56 21.01
N GLU B 230 25.90 18.07 21.64
CA GLU B 230 26.04 19.51 21.80
C GLU B 230 26.23 20.27 20.48
N ARG B 231 26.75 19.60 19.46
CA ARG B 231 26.88 20.24 18.15
C ARG B 231 25.51 20.33 17.44
N HIS B 232 24.63 19.39 17.78
CA HIS B 232 23.25 19.31 17.25
C HIS B 232 22.24 20.23 17.95
N ARG B 233 22.69 20.99 18.95
CA ARG B 233 21.77 21.64 19.87
C ARG B 233 21.71 23.15 19.69
N ILE B 234 20.61 23.65 19.15
CA ILE B 234 20.49 25.08 18.91
C ILE B 234 19.55 25.66 19.93
N LEU B 235 19.96 26.78 20.50
CA LEU B 235 19.12 27.49 21.45
CA LEU B 235 19.11 27.49 21.45
C LEU B 235 18.42 28.63 20.74
N PHE B 236 17.20 28.90 21.14
CA PHE B 236 16.47 30.00 20.58
C PHE B 236 16.75 31.18 21.49
N ARG B 237 17.05 32.32 20.89
CA ARG B 237 17.31 33.54 21.64
C ARG B 237 16.24 34.58 21.40
N TYR B 238 15.81 35.23 22.46
CA TYR B 238 14.89 36.34 22.32
C TYR B 238 15.71 37.62 22.41
N ALA B 239 15.68 38.43 21.36
CA ALA B 239 16.57 39.57 21.27
C ALA B 239 15.87 40.92 21.32
N GLY B 240 14.56 40.94 21.09
CA GLY B 240 13.82 42.19 21.15
C GLY B 240 12.44 42.10 20.53
N PRO B 241 11.70 43.20 20.56
CA PRO B 241 10.32 43.19 20.04
C PRO B 241 10.24 42.85 18.55
N GLU B 242 11.38 42.72 17.90
CA GLU B 242 11.41 42.24 16.53
C GLU B 242 11.18 40.74 16.49
N ASP B 243 11.52 40.06 17.57
CA ASP B 243 11.20 38.63 17.72
C ASP B 243 9.71 38.40 17.96
N ASP B 244 9.07 39.31 18.68
CA ASP B 244 7.65 39.25 18.89
C ASP B 244 6.92 39.46 17.59
N ALA B 245 7.40 40.43 16.82
CA ALA B 245 6.74 40.77 15.56
C ALA B 245 6.87 39.63 14.57
N ALA B 246 8.02 38.95 14.58
CA ALA B 246 8.24 37.85 13.63
C ALA B 246 7.28 36.71 13.88
N ILE B 247 7.12 36.35 15.14
CA ILE B 247 6.23 35.27 15.54
C ILE B 247 4.77 35.65 15.26
N THR B 248 4.39 36.86 15.62
CA THR B 248 3.03 37.32 15.35
C THR B 248 2.71 37.33 13.85
N LEU B 249 3.66 37.76 13.03
CA LEU B 249 3.47 37.83 11.59
C LEU B 249 3.19 36.43 11.04
N ALA B 250 3.92 35.44 11.55
CA ALA B 250 3.74 34.07 11.12
C ALA B 250 2.41 33.41 11.57
N PHE B 251 1.96 33.67 12.81
CA PHE B 251 0.83 32.91 13.36
C PHE B 251 -0.46 33.64 13.73
N SER B 252 -0.52 34.95 13.51
CA SER B 252 -1.72 35.71 13.83
C SER B 252 -2.73 35.80 12.70
N LYS B 253 -3.99 35.53 13.02
CA LYS B 253 -5.08 35.69 12.07
C LYS B 253 -5.20 37.16 11.62
N LYS B 254 -4.61 38.08 12.36
CA LYS B 254 -4.74 39.49 11.99
C LYS B 254 -3.71 39.97 10.97
N LYS B 255 -2.68 39.17 10.70
CA LYS B 255 -1.61 39.59 9.80
C LYS B 255 -1.54 38.79 8.50
N ILE B 256 -2.71 38.49 7.92
CA ILE B 256 -2.73 37.81 6.62
C ILE B 256 -2.08 38.68 5.56
N ASP B 257 -2.44 39.96 5.53
CA ASP B 257 -1.89 40.91 4.55
C ASP B 257 -0.40 41.05 4.66
N ASP B 258 0.13 41.06 5.88
CA ASP B 258 1.56 41.16 6.10
C ASP B 258 2.26 39.89 5.61
N ARG B 259 1.60 38.74 5.76
CA ARG B 259 2.16 37.49 5.23
C ARG B 259 2.22 37.50 3.71
N LYS B 260 1.22 38.11 3.07
CA LYS B 260 1.24 38.29 1.62
C LYS B 260 2.48 39.09 1.20
N GLU B 261 2.68 40.23 1.84
CA GLU B 261 3.84 41.08 1.60
C GLU B 261 5.15 40.35 1.91
N TRP B 262 5.19 39.67 3.05
CA TRP B 262 6.35 38.89 3.51
C TRP B 262 6.79 37.87 2.46
N LEU B 263 5.84 37.14 1.92
CA LEU B 263 6.13 36.09 0.96
C LEU B 263 6.41 36.65 -0.45
N THR B 264 5.76 37.77 -0.78
CA THR B 264 6.00 38.45 -2.06
C THR B 264 7.46 38.86 -2.20
N ASN B 265 8.01 39.48 -1.14
CA ASN B 265 9.45 39.77 -1.08
C ASN B 265 10.31 38.52 -1.25
N PHE B 266 9.98 37.47 -0.51
CA PHE B 266 10.74 36.23 -0.59
C PHE B 266 10.76 35.64 -2.01
N MET B 267 9.61 35.66 -2.68
CA MET B 267 9.48 35.05 -4.00
C MET B 267 10.24 35.88 -5.02
N GLU B 268 10.28 37.20 -4.77
CA GLU B 268 10.99 38.13 -5.62
C GLU B 268 12.50 38.03 -5.46
N ASP B 269 12.99 38.10 -4.23
CA ASP B 269 14.41 37.91 -3.96
C ASP B 269 14.92 36.59 -4.55
N ARG B 270 14.11 35.55 -4.49
CA ARG B 270 14.49 34.25 -4.99
C ARG B 270 14.47 34.21 -6.51
N ARG B 271 13.62 35.05 -7.10
CA ARG B 271 13.55 35.16 -8.56
C ARG B 271 14.82 35.82 -9.07
N GLN B 272 15.35 36.73 -8.26
CA GLN B 272 16.57 37.47 -8.61
C GLN B 272 17.83 36.61 -8.44
N ARG B 273 18.03 36.08 -7.24
CA ARG B 273 19.12 35.14 -6.96
C ARG B 273 19.21 34.04 -8.01
N ARG B 274 18.04 33.62 -8.51
CA ARG B 274 17.95 32.52 -9.46
C ARG B 274 18.59 32.88 -10.80
N LEU B 275 18.27 34.07 -11.28
CA LEU B 275 18.86 34.60 -12.51
C LEU B 275 20.38 34.65 -12.40
N HIS B 276 20.86 35.15 -11.27
CA HIS B 276 22.29 35.36 -11.04
C HIS B 276 22.89 34.16 -10.29
N GLY B 277 23.28 34.38 -9.02
CA GLY B 277 23.83 33.31 -8.20
C GLY B 277 23.38 33.35 -6.75
N THR B 288 25.91 28.63 13.56
CA THR B 288 25.63 29.31 14.82
C THR B 288 25.08 28.35 15.87
N LYS B 289 24.88 28.85 17.08
CA LYS B 289 24.42 28.03 18.19
C LYS B 289 23.19 28.66 18.84
N HIS B 290 23.02 29.96 18.65
CA HIS B 290 21.94 30.68 19.31
C HIS B 290 21.03 31.42 18.34
N LEU B 291 20.12 30.67 17.73
CA LEU B 291 19.16 31.19 16.76
C LEU B 291 18.12 32.12 17.39
N THR B 292 17.94 33.31 16.83
CA THR B 292 16.91 34.20 17.33
C THR B 292 15.57 33.85 16.68
N TYR B 293 14.47 34.26 17.30
CA TYR B 293 13.16 33.89 16.76
C TYR B 293 12.93 34.54 15.41
N ASN B 294 13.26 35.83 15.32
CA ASN B 294 13.18 36.58 14.07
C ASN B 294 13.91 35.90 12.93
N ASP B 295 15.07 35.30 13.21
CA ASP B 295 15.82 34.58 12.19
C ASP B 295 15.25 33.21 11.87
N PHE B 296 14.52 32.63 12.83
CA PHE B 296 13.89 31.33 12.57
C PHE B 296 12.71 31.55 11.66
N ILE B 297 11.93 32.57 11.97
CA ILE B 297 10.76 32.93 11.18
C ILE B 297 11.14 33.31 9.77
N ASN B 298 12.10 34.22 9.64
CA ASN B 298 12.43 34.85 8.34
C ASN B 298 13.40 34.07 7.47
N LYS B 299 14.03 33.04 8.04
CA LYS B 299 14.97 32.24 7.27
C LYS B 299 14.60 30.78 7.24
N GLU B 300 13.80 30.33 8.20
CA GLU B 300 13.41 28.91 8.21
C GLU B 300 11.93 28.68 7.96
N LEU B 301 11.07 29.35 8.72
CA LEU B 301 9.64 29.07 8.63
C LEU B 301 9.09 29.49 7.28
N ILE B 302 9.63 30.58 6.76
CA ILE B 302 9.20 31.14 5.49
C ILE B 302 9.39 30.10 4.39
N LEU B 303 10.37 29.21 4.59
CA LEU B 303 10.60 28.16 3.62
C LEU B 303 9.41 27.21 3.61
N PHE B 304 8.81 26.98 4.76
CA PHE B 304 7.60 26.16 4.81
C PHE B 304 6.39 26.88 4.19
N SER B 305 6.20 28.13 4.57
CA SER B 305 5.07 28.91 4.10
C SER B 305 5.06 28.92 2.59
N ASN B 306 6.25 29.02 1.99
CA ASN B 306 6.33 29.06 0.55
C ASN B 306 6.02 27.68 -0.02
N SER B 307 6.65 26.64 0.53
CA SER B 307 6.34 25.28 0.13
C SER B 307 4.86 24.93 0.29
N ASP B 308 4.20 25.57 1.26
CA ASP B 308 2.80 25.33 1.51
C ASP B 308 2.03 25.80 0.28
N ASN B 309 2.40 26.97 -0.20
CA ASN B 309 1.81 27.53 -1.41
C ASN B 309 2.09 26.68 -2.66
N GLU B 310 3.34 26.25 -2.80
CA GLU B 310 3.73 25.46 -3.97
C GLU B 310 3.00 24.15 -4.05
N ARG B 311 2.53 23.65 -2.90
CA ARG B 311 1.88 22.36 -2.91
C ARG B 311 0.36 22.48 -2.85
N SER B 312 -0.13 23.65 -2.45
CA SER B 312 -1.57 23.84 -2.21
C SER B 312 -2.28 24.67 -3.28
N ILE B 313 -1.54 25.53 -3.98
CA ILE B 313 -2.11 26.41 -5.00
C ILE B 313 -1.87 25.81 -6.40
N PRO B 314 -2.91 25.72 -7.21
CA PRO B 314 -2.74 25.01 -8.48
C PRO B 314 -2.03 25.85 -9.54
N SER B 315 -1.56 25.21 -10.60
CA SER B 315 -1.00 25.93 -11.74
C SER B 315 -2.09 26.34 -12.71
N LEU B 316 -1.94 27.52 -13.30
CA LEU B 316 -2.90 27.99 -14.28
C LEU B 316 -2.90 27.08 -15.51
N VAL B 317 -1.71 26.58 -15.85
CA VAL B 317 -1.52 25.85 -17.10
C VAL B 317 -2.31 24.54 -17.18
N ASP B 318 -2.24 23.70 -16.15
CA ASP B 318 -2.93 22.42 -16.20
C ASP B 318 -3.95 22.23 -15.06
N GLY B 319 -4.04 23.23 -14.17
CA GLY B 319 -4.97 23.15 -13.05
C GLY B 319 -4.59 22.12 -12.00
N PHE B 320 -3.33 21.66 -12.04
CA PHE B 320 -2.83 20.68 -11.10
C PHE B 320 -1.98 21.29 -9.98
N LYS B 321 -1.99 20.64 -8.82
CA LYS B 321 -0.96 20.87 -7.82
C LYS B 321 0.06 19.75 -7.98
N PRO B 322 1.29 19.92 -7.45
CA PRO B 322 2.32 18.90 -7.65
C PRO B 322 1.92 17.45 -7.30
N GLY B 323 1.27 17.22 -6.17
CA GLY B 323 0.77 15.89 -5.84
C GLY B 323 -0.07 15.31 -6.97
N GLN B 324 -1.08 16.07 -7.41
CA GLN B 324 -1.95 15.70 -8.51
C GLN B 324 -1.17 15.40 -9.80
N ARG B 325 -0.26 16.30 -10.17
CA ARG B 325 0.57 16.11 -11.36
C ARG B 325 1.33 14.79 -11.32
N LYS B 326 1.89 14.47 -10.15
CA LYS B 326 2.66 13.23 -9.98
C LYS B 326 1.80 11.98 -10.20
N VAL B 327 0.55 12.05 -9.75
CA VAL B 327 -0.37 10.95 -9.94
C VAL B 327 -0.64 10.70 -11.42
N LEU B 328 -0.88 11.78 -12.16
CA LEU B 328 -1.13 11.69 -13.60
C LEU B 328 0.10 11.16 -14.34
N PHE B 329 1.25 11.80 -14.10
CA PHE B 329 2.51 11.39 -14.67
C PHE B 329 2.74 9.87 -14.51
N THR B 330 2.55 9.37 -13.29
CA THR B 330 2.59 7.93 -13.01
C THR B 330 1.56 7.13 -13.82
N CYS B 331 0.30 7.56 -13.82
CA CYS B 331 -0.72 6.85 -14.63
C CYS B 331 -0.35 6.74 -16.11
N PHE B 332 0.14 7.83 -16.68
CA PHE B 332 0.58 7.88 -18.06
C PHE B 332 1.73 6.90 -18.26
N LYS B 333 2.76 7.02 -17.43
CA LYS B 333 3.92 6.14 -17.47
C LYS B 333 3.51 4.67 -17.37
N ARG B 334 2.56 4.38 -16.49
CA ARG B 334 2.09 3.02 -16.28
C ARG B 334 1.23 2.50 -17.43
N ASN B 335 0.37 3.35 -17.96
CA ASN B 335 -0.60 2.95 -18.98
C ASN B 335 -1.37 1.68 -18.62
N ASP B 336 -1.99 1.65 -17.45
CA ASP B 336 -2.79 0.50 -17.04
C ASP B 336 -3.96 0.26 -17.98
N LYS B 337 -4.12 -0.98 -18.40
CA LYS B 337 -5.20 -1.34 -19.30
C LYS B 337 -6.37 -1.92 -18.51
N ARG B 338 -6.10 -2.21 -17.23
CA ARG B 338 -7.14 -2.59 -16.27
C ARG B 338 -6.93 -1.89 -14.91
N GLU B 339 -7.95 -1.95 -14.06
CA GLU B 339 -7.92 -1.24 -12.77
C GLU B 339 -6.79 -1.68 -11.84
N VAL B 340 -6.37 -0.72 -10.99
CA VAL B 340 -5.36 -0.90 -9.98
C VAL B 340 -6.03 -0.50 -8.68
N LYS B 341 -5.69 -1.14 -7.57
CA LYS B 341 -6.12 -0.65 -6.26
C LYS B 341 -5.51 0.74 -6.03
N VAL B 342 -6.30 1.62 -5.42
CA VAL B 342 -5.87 2.99 -5.13
C VAL B 342 -4.61 3.00 -4.24
N ALA B 343 -4.61 2.16 -3.20
CA ALA B 343 -3.44 2.05 -2.34
C ALA B 343 -2.21 1.64 -3.14
N GLN B 344 -2.39 0.72 -4.09
CA GLN B 344 -1.25 0.28 -4.86
CA GLN B 344 -1.28 0.25 -4.90
C GLN B 344 -0.75 1.38 -5.78
N LEU B 345 -1.67 2.09 -6.44
CA LEU B 345 -1.30 3.21 -7.29
C LEU B 345 -0.57 4.30 -6.50
N ALA B 346 -1.00 4.54 -5.26
CA ALA B 346 -0.31 5.51 -4.43
C ALA B 346 1.16 5.13 -4.23
N GLY B 347 1.40 3.86 -3.97
CA GLY B 347 2.75 3.38 -3.76
C GLY B 347 3.56 3.51 -5.04
N SER B 348 2.90 3.20 -6.14
CA SER B 348 3.47 3.36 -7.48
C SER B 348 3.87 4.80 -7.75
N VAL B 349 2.98 5.75 -7.42
CA VAL B 349 3.29 7.17 -7.57
C VAL B 349 4.50 7.57 -6.75
N ALA B 350 4.56 7.10 -5.51
CA ALA B 350 5.64 7.50 -4.60
C ALA B 350 6.97 7.07 -5.16
N GLU B 351 7.02 5.84 -5.66
CA GLU B 351 8.21 5.24 -6.22
C GLU B 351 8.60 5.98 -7.50
N MET B 352 7.66 6.00 -8.45
CA MET B 352 7.87 6.57 -9.78
C MET B 352 8.07 8.10 -9.86
N SER B 353 7.53 8.86 -8.91
CA SER B 353 7.60 10.31 -9.05
C SER B 353 8.29 11.01 -7.89
N ALA B 354 8.94 10.23 -7.02
CA ALA B 354 9.69 10.77 -5.90
C ALA B 354 8.80 11.55 -4.95
N TYR B 355 7.66 10.97 -4.57
CA TYR B 355 6.74 11.62 -3.66
C TYR B 355 7.23 11.40 -2.25
N HIS B 356 7.56 12.51 -1.59
CA HIS B 356 8.29 12.50 -0.33
C HIS B 356 7.42 12.55 0.92
N HIS B 357 6.16 12.17 0.80
CA HIS B 357 5.22 12.37 1.88
C HIS B 357 4.49 11.09 2.19
N GLY B 358 3.65 11.11 3.22
CA GLY B 358 2.88 9.96 3.59
C GLY B 358 1.94 9.60 2.46
N GLU B 359 1.67 8.32 2.30
CA GLU B 359 0.89 7.89 1.16
C GLU B 359 -0.61 8.07 1.36
N GLN B 360 -1.06 8.17 2.60
CA GLN B 360 -2.48 8.39 2.83
C GLN B 360 -2.98 9.66 2.16
N ALA B 361 -2.15 10.71 2.21
CA ALA B 361 -2.51 11.97 1.57
C ALA B 361 -2.66 11.75 0.07
N LEU B 362 -1.80 10.91 -0.49
CA LEU B 362 -1.80 10.69 -1.91
C LEU B 362 -3.03 9.84 -2.30
N MET B 363 -3.43 8.92 -1.42
CA MET B 363 -4.58 8.09 -1.68
C MET B 363 -5.84 8.94 -1.68
N MET B 364 -5.86 9.93 -0.79
CA MET B 364 -6.98 10.85 -0.74
C MET B 364 -7.03 11.75 -1.98
N THR B 365 -5.87 12.18 -2.45
CA THR B 365 -5.78 12.98 -3.65
C THR B 365 -6.30 12.21 -4.84
N ILE B 366 -5.91 10.94 -4.93
CA ILE B 366 -6.37 10.06 -6.00
C ILE B 366 -7.89 9.93 -5.98
N VAL B 367 -8.46 9.71 -4.79
CA VAL B 367 -9.91 9.61 -4.65
C VAL B 367 -10.61 10.88 -5.11
N ASN B 368 -9.99 12.02 -4.81
CA ASN B 368 -10.54 13.31 -5.15
C ASN B 368 -10.55 13.50 -6.66
N LEU B 369 -9.50 13.02 -7.32
CA LEU B 369 -9.35 13.14 -8.77
C LEU B 369 -10.35 12.29 -9.51
N ALA B 370 -10.93 11.30 -8.82
CA ALA B 370 -11.76 10.32 -9.49
C ALA B 370 -13.25 10.53 -9.24
N GLN B 371 -13.58 11.38 -8.27
CA GLN B 371 -14.98 11.56 -7.92
C GLN B 371 -15.79 12.19 -9.05
N ASN B 372 -17.05 11.78 -9.16
CA ASN B 372 -17.91 12.27 -10.24
C ASN B 372 -19.33 12.60 -9.79
N PHE B 373 -19.57 12.73 -8.49
CA PHE B 373 -20.92 13.08 -8.06
C PHE B 373 -21.21 14.58 -8.26
N VAL B 374 -22.48 14.96 -8.22
CA VAL B 374 -22.84 16.36 -8.45
C VAL B 374 -22.12 17.25 -7.46
N GLY B 375 -21.27 18.13 -7.99
CA GLY B 375 -20.54 19.09 -7.17
C GLY B 375 -19.05 18.78 -7.06
N SER B 376 -18.63 17.67 -7.64
CA SER B 376 -17.20 17.32 -7.61
C SER B 376 -16.58 17.65 -8.95
N ASN B 377 -16.13 16.65 -9.70
CA ASN B 377 -15.48 16.93 -11.00
C ASN B 377 -16.46 16.95 -12.16
N ASN B 378 -16.24 17.88 -13.08
CA ASN B 378 -16.99 17.93 -14.33
C ASN B 378 -16.45 16.90 -15.32
N ILE B 379 -15.13 16.71 -15.29
CA ILE B 379 -14.46 15.65 -16.03
C ILE B 379 -13.46 14.99 -15.10
N ASN B 380 -13.83 13.84 -14.55
CA ASN B 380 -12.91 13.08 -13.72
C ASN B 380 -11.85 12.40 -14.58
N LEU B 381 -10.59 12.72 -14.34
CA LEU B 381 -9.49 12.14 -15.14
C LEU B 381 -9.15 10.70 -14.76
N LEU B 382 -9.56 10.27 -13.58
CA LEU B 382 -9.42 8.90 -13.13
C LEU B 382 -10.83 8.33 -12.88
N GLN B 383 -11.00 7.02 -13.07
CA GLN B 383 -12.32 6.42 -12.96
C GLN B 383 -12.67 5.90 -11.57
N PRO B 384 -13.85 6.23 -11.08
CA PRO B 384 -14.24 5.70 -9.78
C PRO B 384 -14.81 4.27 -9.90
N ILE B 385 -13.94 3.29 -9.88
CA ILE B 385 -14.37 1.89 -9.89
CA ILE B 385 -14.36 1.89 -9.88
C ILE B 385 -14.46 1.34 -8.46
N GLY B 386 -15.64 1.48 -7.85
CA GLY B 386 -15.87 1.12 -6.46
C GLY B 386 -16.60 2.27 -5.78
N GLN B 387 -16.74 2.24 -4.45
CA GLN B 387 -17.40 3.35 -3.75
C GLN B 387 -16.47 4.53 -3.43
N PHE B 388 -16.51 5.58 -4.25
CA PHE B 388 -15.65 6.75 -4.09
C PHE B 388 -16.37 7.90 -3.40
N GLY B 389 -17.52 7.61 -2.81
CA GLY B 389 -18.30 8.63 -2.14
C GLY B 389 -19.42 9.14 -3.02
N THR B 390 -20.39 9.77 -2.40
CA THR B 390 -21.61 10.17 -3.08
C THR B 390 -22.00 11.57 -2.62
N ARG B 391 -22.99 12.17 -3.26
CA ARG B 391 -23.42 13.51 -2.88
C ARG B 391 -24.14 13.46 -1.55
N LEU B 392 -24.54 12.27 -1.14
CA LEU B 392 -25.18 12.06 0.16
C LEU B 392 -24.36 12.60 1.36
N HIS B 393 -23.04 12.50 1.29
CA HIS B 393 -22.16 12.88 2.39
C HIS B 393 -20.98 13.73 1.94
N GLY B 394 -21.04 14.24 0.72
CA GLY B 394 -19.92 14.95 0.15
C GLY B 394 -18.69 14.11 -0.12
N GLY B 395 -18.87 12.83 -0.41
CA GLY B 395 -17.75 11.95 -0.71
C GLY B 395 -17.07 11.37 0.52
N LYS B 396 -17.45 11.88 1.69
CA LYS B 396 -16.91 11.40 2.95
C LYS B 396 -17.26 9.93 3.18
N ASP B 397 -18.18 9.39 2.40
CA ASP B 397 -18.54 7.98 2.50
C ASP B 397 -17.77 7.06 1.53
N ALA B 398 -16.61 7.50 1.07
CA ALA B 398 -15.76 6.67 0.23
C ALA B 398 -15.22 5.50 1.03
N ALA B 399 -14.99 4.38 0.37
CA ALA B 399 -14.42 3.23 1.05
C ALA B 399 -12.91 3.45 1.23
N SER B 400 -12.29 2.57 1.99
CA SER B 400 -10.85 2.59 2.17
C SER B 400 -10.12 2.40 0.84
N PRO B 401 -9.01 3.11 0.67
CA PRO B 401 -8.18 3.06 -0.53
C PRO B 401 -7.69 1.66 -0.90
N ARG B 402 -7.88 0.69 -0.01
CA ARG B 402 -7.40 -0.66 -0.30
C ARG B 402 -8.53 -1.56 -0.83
N TYR B 403 -9.71 -0.99 -0.97
CA TYR B 403 -10.86 -1.74 -1.44
C TYR B 403 -11.57 -1.06 -2.60
N ILE B 404 -10.89 -0.11 -3.25
CA ILE B 404 -11.42 0.52 -4.46
C ILE B 404 -10.34 0.66 -5.53
N PHE B 405 -10.79 0.76 -6.78
CA PHE B 405 -9.88 0.65 -7.92
C PHE B 405 -10.01 1.83 -8.86
N THR B 406 -8.97 2.10 -9.63
CA THR B 406 -9.03 3.19 -10.58
C THR B 406 -8.13 2.96 -11.80
N MET B 407 -8.33 3.76 -12.82
CA MET B 407 -7.47 3.80 -14.00
C MET B 407 -7.80 5.08 -14.74
N LEU B 408 -7.08 5.35 -15.82
CA LEU B 408 -7.32 6.57 -16.56
C LEU B 408 -8.69 6.52 -17.26
N SER B 409 -9.37 7.65 -17.24
CA SER B 409 -10.46 7.90 -18.15
C SER B 409 -9.93 7.87 -19.60
N THR B 410 -10.73 7.39 -20.53
CA THR B 410 -10.39 7.50 -21.94
C THR B 410 -10.21 8.95 -22.38
N LEU B 411 -10.75 9.88 -21.58
CA LEU B 411 -10.64 11.32 -21.85
C LEU B 411 -9.31 11.93 -21.47
N ALA B 412 -8.53 11.23 -20.63
CA ALA B 412 -7.27 11.76 -20.11
C ALA B 412 -6.25 12.13 -21.20
N ARG B 413 -5.89 11.18 -22.05
CA ARG B 413 -4.87 11.41 -23.08
C ARG B 413 -5.40 12.25 -24.25
N LEU B 414 -6.71 12.44 -24.29
CA LEU B 414 -7.29 13.31 -25.29
C LEU B 414 -7.11 14.75 -24.85
N LEU B 415 -7.24 14.97 -23.55
CA LEU B 415 -7.05 16.30 -22.98
C LEU B 415 -5.58 16.62 -22.87
N PHE B 416 -4.78 15.60 -22.55
CA PHE B 416 -3.33 15.73 -22.39
C PHE B 416 -2.63 14.84 -23.40
N PRO B 417 -2.54 15.29 -24.66
CA PRO B 417 -2.02 14.43 -25.75
C PRO B 417 -0.54 14.04 -25.57
N ALA B 418 -0.23 12.77 -25.83
CA ALA B 418 1.08 12.21 -25.49
C ALA B 418 2.22 12.92 -26.20
N VAL B 419 1.98 13.27 -27.47
CA VAL B 419 2.97 13.93 -28.28
C VAL B 419 3.47 15.25 -27.64
N ASP B 420 2.61 15.91 -26.86
CA ASP B 420 2.98 17.15 -26.20
C ASP B 420 3.99 16.95 -25.08
N ASP B 421 4.03 15.75 -24.51
CA ASP B 421 5.06 15.37 -23.52
C ASP B 421 6.47 15.75 -23.99
N ASN B 422 6.69 15.70 -25.30
CA ASN B 422 7.99 16.04 -25.86
C ASN B 422 8.36 17.49 -25.71
N LEU B 423 7.40 18.33 -25.31
CA LEU B 423 7.63 19.77 -25.23
C LEU B 423 7.77 20.21 -23.78
N LEU B 424 7.52 19.30 -22.85
CA LEU B 424 7.48 19.63 -21.44
C LEU B 424 8.87 19.66 -20.83
N LYS B 425 9.04 20.48 -19.81
CA LYS B 425 10.26 20.46 -19.02
C LYS B 425 10.08 19.53 -17.81
N PHE B 426 10.52 18.28 -17.94
CA PHE B 426 10.50 17.35 -16.82
C PHE B 426 11.51 17.70 -15.71
N LEU B 427 11.08 17.53 -14.47
CA LEU B 427 11.90 17.81 -13.30
C LEU B 427 12.71 16.61 -12.87
N TYR B 428 13.78 16.87 -12.13
CA TYR B 428 14.62 15.81 -11.59
C TYR B 428 14.59 15.79 -10.07
N ASP B 429 14.48 14.60 -9.51
CA ASP B 429 14.70 14.45 -8.07
C ASP B 429 15.94 13.58 -7.83
N ASP B 430 17.10 14.23 -7.87
CA ASP B 430 18.41 13.60 -7.68
C ASP B 430 18.59 12.33 -8.52
N ASN B 431 18.97 12.52 -9.78
CA ASN B 431 19.23 11.41 -10.71
C ASN B 431 17.99 10.59 -11.05
N GLN B 432 16.82 11.22 -10.98
CA GLN B 432 15.59 10.58 -11.43
C GLN B 432 14.70 11.61 -12.10
N ARG B 433 14.27 11.30 -13.33
CA ARG B 433 13.35 12.17 -14.02
C ARG B 433 11.96 11.91 -13.48
N VAL B 434 11.27 12.98 -13.10
CA VAL B 434 9.93 12.84 -12.55
C VAL B 434 8.89 13.66 -13.36
N GLU B 435 7.80 14.09 -12.71
CA GLU B 435 6.73 14.82 -13.38
C GLU B 435 7.22 16.14 -13.98
N PRO B 436 6.51 16.65 -15.01
CA PRO B 436 6.91 17.94 -15.56
C PRO B 436 6.55 19.11 -14.64
N GLU B 437 7.08 20.29 -14.94
CA GLU B 437 6.76 21.46 -14.16
C GLU B 437 5.29 21.83 -14.38
N TRP B 438 4.79 21.51 -15.57
CA TRP B 438 3.36 21.39 -15.83
C TRP B 438 3.08 20.59 -17.07
N TYR B 439 1.87 20.03 -17.14
CA TYR B 439 1.32 19.52 -18.39
C TYR B 439 0.63 20.67 -19.12
N ILE B 440 0.46 20.54 -20.43
CA ILE B 440 -0.25 21.57 -21.18
C ILE B 440 -1.48 20.99 -21.91
N PRO B 441 -2.62 20.91 -21.19
CA PRO B 441 -3.86 20.29 -21.71
C PRO B 441 -4.44 21.07 -22.90
N ILE B 442 -5.50 20.56 -23.52
CA ILE B 442 -6.00 21.21 -24.75
C ILE B 442 -7.13 22.20 -24.50
N ILE B 443 -7.64 22.20 -23.28
CA ILE B 443 -8.50 23.26 -22.79
C ILE B 443 -8.06 23.56 -21.35
N PRO B 444 -8.38 24.74 -20.80
CA PRO B 444 -7.85 25.02 -19.46
C PRO B 444 -8.51 24.19 -18.35
N MET B 445 -7.92 23.04 -18.00
CA MET B 445 -8.48 22.14 -17.00
C MET B 445 -8.74 22.81 -15.67
N VAL B 446 -7.95 23.84 -15.36
CA VAL B 446 -8.15 24.64 -14.15
C VAL B 446 -9.59 25.20 -14.03
N LEU B 447 -10.26 25.41 -15.17
CA LEU B 447 -11.65 25.89 -15.13
C LEU B 447 -12.66 24.76 -15.10
N ILE B 448 -12.27 23.59 -15.58
CA ILE B 448 -13.20 22.49 -15.77
C ILE B 448 -13.59 21.88 -14.45
N ASN B 449 -12.61 21.51 -13.65
CA ASN B 449 -12.91 20.89 -12.37
C ASN B 449 -12.77 21.85 -11.20
N GLY B 450 -12.51 23.11 -11.52
CA GLY B 450 -12.52 24.18 -10.54
C GLY B 450 -11.53 24.02 -9.40
N ALA B 451 -10.26 24.23 -9.71
CA ALA B 451 -9.18 24.31 -8.73
C ALA B 451 -9.56 24.94 -7.40
N GLU B 452 -9.05 24.35 -6.31
CA GLU B 452 -9.15 25.01 -5.03
C GLU B 452 -8.15 24.55 -3.96
N GLY B 453 -7.51 25.50 -3.28
CA GLY B 453 -6.52 25.18 -2.27
C GLY B 453 -6.26 26.31 -1.28
N ILE B 454 -5.72 25.95 -0.12
CA ILE B 454 -5.37 26.92 0.90
C ILE B 454 -3.86 26.89 1.21
N GLY B 455 -3.19 28.03 1.04
CA GLY B 455 -1.77 28.14 1.34
C GLY B 455 -1.45 29.01 2.55
N THR B 456 -0.34 29.73 2.47
CA THR B 456 -0.04 30.72 3.50
C THR B 456 -0.03 32.05 2.79
N GLY B 457 -0.72 33.03 3.39
CA GLY B 457 -0.91 34.30 2.74
C GLY B 457 -2.02 34.29 1.70
N TRP B 458 -2.06 33.25 0.87
CA TRP B 458 -3.08 33.12 -0.18
C TRP B 458 -3.84 31.81 -0.18
N ALA B 459 -5.02 31.84 -0.79
CA ALA B 459 -5.83 30.67 -1.00
C ALA B 459 -6.44 30.82 -2.38
N CYS B 460 -6.95 29.71 -2.91
CA CYS B 460 -7.48 29.70 -4.26
C CYS B 460 -8.83 29.02 -4.26
N LYS B 461 -9.84 29.68 -4.85
CA LYS B 461 -11.07 29.01 -5.17
C LYS B 461 -11.50 29.34 -6.59
N LEU B 462 -11.93 28.31 -7.31
CA LEU B 462 -12.48 28.48 -8.65
CA LEU B 462 -12.45 28.47 -8.66
C LEU B 462 -13.62 27.52 -8.83
N PRO B 463 -14.74 28.00 -9.39
CA PRO B 463 -15.86 27.08 -9.59
C PRO B 463 -15.68 26.26 -10.88
N ASN B 464 -16.50 25.22 -11.05
CA ASN B 464 -16.45 24.42 -12.26
C ASN B 464 -17.06 25.16 -13.46
N TYR B 465 -16.56 24.87 -14.65
CA TYR B 465 -17.10 25.45 -15.88
C TYR B 465 -17.46 24.35 -16.86
N ASP B 466 -18.35 24.65 -17.80
CA ASP B 466 -18.78 23.64 -18.74
C ASP B 466 -17.74 23.34 -19.81
N ALA B 467 -17.43 22.05 -19.99
CA ALA B 467 -16.39 21.63 -20.94
C ALA B 467 -16.71 22.08 -22.35
N ARG B 468 -17.92 21.85 -22.79
CA ARG B 468 -18.27 22.22 -24.16
C ARG B 468 -18.26 23.74 -24.39
N GLU B 469 -18.69 24.51 -23.39
CA GLU B 469 -18.67 25.96 -23.53
C GLU B 469 -17.25 26.42 -23.72
N ILE B 470 -16.33 25.79 -22.98
CA ILE B 470 -14.93 26.20 -23.05
C ILE B 470 -14.33 25.85 -24.42
N VAL B 471 -14.64 24.65 -24.92
CA VAL B 471 -14.19 24.25 -26.24
C VAL B 471 -14.64 25.28 -27.27
N ASN B 472 -15.87 25.74 -27.13
CA ASN B 472 -16.45 26.67 -28.08
C ASN B 472 -15.85 28.08 -27.99
N ASN B 473 -15.53 28.55 -26.77
CA ASN B 473 -14.74 29.77 -26.62
C ASN B 473 -13.32 29.65 -27.19
N VAL B 474 -12.71 28.48 -27.06
CA VAL B 474 -11.41 28.25 -27.67
C VAL B 474 -11.50 28.38 -29.19
N ARG B 475 -12.44 27.67 -29.80
CA ARG B 475 -12.71 27.78 -31.23
C ARG B 475 -12.96 29.22 -31.70
N ARG B 476 -13.74 29.97 -30.93
CA ARG B 476 -14.03 31.34 -31.27
C ARG B 476 -12.76 32.18 -31.27
N MET B 477 -11.91 32.01 -30.26
CA MET B 477 -10.71 32.82 -30.16
C MET B 477 -9.74 32.44 -31.27
N LEU B 478 -9.80 31.18 -31.68
CA LEU B 478 -8.97 30.68 -32.79
C LEU B 478 -9.37 31.38 -34.09
N ASP B 479 -10.65 31.74 -34.18
CA ASP B 479 -11.17 32.42 -35.36
C ASP B 479 -11.09 33.91 -35.17
N GLY B 480 -10.38 34.35 -34.14
CA GLY B 480 -10.22 35.77 -33.88
C GLY B 480 -11.45 36.49 -33.36
N LEU B 481 -12.54 35.76 -33.10
CA LEU B 481 -13.73 36.35 -32.49
C LEU B 481 -13.51 36.65 -31.00
N ASP B 482 -14.53 37.23 -30.37
CA ASP B 482 -14.51 37.49 -28.94
C ASP B 482 -15.01 36.27 -28.18
N PRO B 483 -14.41 35.99 -27.02
CA PRO B 483 -14.94 34.89 -26.21
C PRO B 483 -16.18 35.34 -25.46
N HIS B 484 -17.26 34.57 -25.56
CA HIS B 484 -18.43 34.76 -24.72
C HIS B 484 -18.07 34.71 -23.22
N PRO B 485 -18.80 35.46 -22.40
CA PRO B 485 -18.57 35.37 -20.95
C PRO B 485 -19.12 34.04 -20.45
N MET B 486 -18.56 33.49 -19.38
CA MET B 486 -18.94 32.15 -18.95
C MET B 486 -19.53 32.12 -17.56
N LEU B 487 -20.61 31.37 -17.41
CA LEU B 487 -21.13 31.09 -16.09
C LEU B 487 -20.63 29.76 -15.59
N PRO B 488 -20.35 29.67 -14.29
CA PRO B 488 -20.14 28.39 -13.63
C PRO B 488 -21.17 27.32 -14.05
N ASN B 489 -20.68 26.10 -14.26
CA ASN B 489 -21.54 25.01 -14.66
C ASN B 489 -21.09 23.74 -13.96
N TYR B 490 -22.03 23.07 -13.31
CA TYR B 490 -21.72 21.81 -12.67
C TYR B 490 -22.46 20.70 -13.38
N LYS B 491 -21.70 19.75 -13.89
CA LYS B 491 -22.27 18.58 -14.57
C LYS B 491 -23.36 17.91 -13.72
N ASN B 492 -24.52 17.69 -14.34
CA ASN B 492 -25.71 17.06 -13.71
C ASN B 492 -26.41 17.87 -12.60
N PHE B 493 -26.07 19.15 -12.48
CA PHE B 493 -26.76 20.02 -11.53
C PHE B 493 -28.05 20.49 -12.16
N LYS B 494 -29.18 20.25 -11.51
CA LYS B 494 -30.47 20.53 -12.14
C LYS B 494 -30.99 21.90 -11.77
N GLY B 495 -30.32 22.55 -10.83
CA GLY B 495 -30.74 23.85 -10.34
C GLY B 495 -30.31 25.00 -11.22
N THR B 496 -30.03 26.13 -10.60
CA THR B 496 -29.79 27.38 -11.32
C THR B 496 -28.57 28.13 -10.78
N ILE B 497 -27.73 28.65 -11.68
CA ILE B 497 -26.63 29.53 -11.28
C ILE B 497 -26.75 30.88 -12.00
N GLN B 498 -26.98 31.95 -11.25
CA GLN B 498 -27.27 33.26 -11.81
C GLN B 498 -26.17 34.23 -11.46
N GLU B 499 -25.80 35.09 -12.40
CA GLU B 499 -24.76 36.05 -12.11
C GLU B 499 -25.32 37.31 -11.46
N LEU B 500 -24.84 37.61 -10.26
CA LEU B 500 -25.21 38.82 -9.57
C LEU B 500 -24.29 39.95 -10.00
N GLY B 501 -23.04 39.63 -10.27
CA GLY B 501 -22.04 40.63 -10.64
C GLY B 501 -20.74 39.92 -10.88
N GLN B 502 -19.67 40.66 -11.13
CA GLN B 502 -18.38 40.04 -11.39
C GLN B 502 -17.97 39.13 -10.24
N ASN B 503 -17.76 37.85 -10.56
CA ASN B 503 -17.37 36.81 -9.61
C ASN B 503 -18.34 36.60 -8.45
N GLN B 504 -19.61 36.94 -8.67
CA GLN B 504 -20.65 36.76 -7.66
C GLN B 504 -21.86 36.03 -8.25
N TYR B 505 -22.28 34.93 -7.62
CA TYR B 505 -23.34 34.11 -8.18
C TYR B 505 -24.30 33.65 -7.11
N ALA B 506 -25.53 33.39 -7.52
CA ALA B 506 -26.51 32.82 -6.63
C ALA B 506 -26.86 31.46 -7.21
N VAL B 507 -26.82 30.44 -6.35
CA VAL B 507 -27.01 29.07 -6.77
C VAL B 507 -28.24 28.56 -6.07
N SER B 508 -29.22 28.12 -6.84
CA SER B 508 -30.49 27.70 -6.25
C SER B 508 -30.79 26.24 -6.55
N GLY B 509 -31.32 25.55 -5.56
CA GLY B 509 -31.85 24.22 -5.79
C GLY B 509 -33.23 24.32 -6.38
N GLU B 510 -34.00 23.24 -6.29
CA GLU B 510 -35.33 23.22 -6.87
C GLU B 510 -36.43 22.87 -5.88
N ILE B 511 -37.41 23.74 -5.77
CA ILE B 511 -38.54 23.51 -4.89
C ILE B 511 -39.86 23.85 -5.60
N PHE B 512 -40.79 22.90 -5.59
CA PHE B 512 -42.06 23.06 -6.29
C PHE B 512 -43.25 22.75 -5.39
N VAL B 513 -44.27 23.60 -5.48
CA VAL B 513 -45.52 23.36 -4.77
C VAL B 513 -46.33 22.26 -5.48
N VAL B 514 -46.66 21.20 -4.74
CA VAL B 514 -47.40 20.08 -5.29
C VAL B 514 -48.90 20.26 -5.06
N ASP B 515 -49.26 20.63 -3.84
CA ASP B 515 -50.61 21.02 -3.47
C ASP B 515 -50.53 22.04 -2.34
N ARG B 516 -51.67 22.45 -1.77
CA ARG B 516 -51.63 23.51 -0.77
C ARG B 516 -51.16 23.03 0.60
N ASN B 517 -50.78 21.74 0.65
CA ASN B 517 -50.22 21.12 1.84
C ASN B 517 -48.81 20.58 1.62
N THR B 518 -48.28 20.71 0.40
CA THR B 518 -47.13 19.90 0.04
C THR B 518 -46.12 20.61 -0.87
N VAL B 519 -44.84 20.54 -0.51
CA VAL B 519 -43.80 20.99 -1.42
C VAL B 519 -42.83 19.87 -1.74
N GLU B 520 -42.11 20.05 -2.84
CA GLU B 520 -41.18 19.02 -3.28
C GLU B 520 -39.82 19.63 -3.62
N ILE B 521 -38.76 19.07 -3.04
CA ILE B 521 -37.43 19.57 -3.25
C ILE B 521 -36.72 18.55 -4.10
N THR B 522 -36.29 18.95 -5.30
CA THR B 522 -35.69 17.99 -6.24
C THR B 522 -34.24 18.28 -6.59
N GLU B 523 -33.73 19.41 -6.11
CA GLU B 523 -32.32 19.70 -6.27
C GLU B 523 -31.87 20.54 -5.13
N LEU B 524 -30.68 20.23 -4.61
CA LEU B 524 -30.09 21.05 -3.57
C LEU B 524 -29.03 21.90 -4.26
N PRO B 525 -28.75 23.09 -3.71
CA PRO B 525 -27.70 23.90 -4.33
C PRO B 525 -26.36 23.17 -4.35
N VAL B 526 -25.49 23.52 -5.30
CA VAL B 526 -24.20 22.87 -5.48
C VAL B 526 -23.34 22.90 -4.20
N ARG B 527 -22.92 21.71 -3.76
CA ARG B 527 -22.10 21.49 -2.55
C ARG B 527 -22.90 21.49 -1.26
N THR B 528 -24.22 21.54 -1.36
CA THR B 528 -25.02 21.15 -0.22
C THR B 528 -25.24 19.63 -0.31
N TRP B 529 -24.78 18.91 0.70
CA TRP B 529 -24.86 17.46 0.69
C TRP B 529 -26.15 17.05 1.35
N THR B 530 -26.70 15.92 0.91
CA THR B 530 -28.06 15.53 1.26
C THR B 530 -28.26 15.29 2.74
N GLN B 531 -27.38 14.51 3.36
CA GLN B 531 -27.54 14.21 4.79
C GLN B 531 -27.40 15.46 5.61
N VAL B 532 -26.59 16.39 5.14
CA VAL B 532 -26.34 17.61 5.88
C VAL B 532 -27.55 18.53 5.86
N TYR B 533 -28.14 18.67 4.68
CA TYR B 533 -29.39 19.43 4.51
C TYR B 533 -30.49 18.86 5.39
N LYS B 534 -30.66 17.54 5.33
CA LYS B 534 -31.64 16.89 6.18
C LYS B 534 -31.39 17.22 7.65
N GLU B 535 -30.17 17.03 8.13
CA GLU B 535 -29.84 17.21 9.54
C GLU B 535 -29.93 18.65 10.02
N GLN B 536 -29.49 19.59 9.19
CA GLN B 536 -29.37 20.99 9.57
C GLN B 536 -30.54 21.90 9.15
N VAL B 537 -31.33 21.44 8.18
CA VAL B 537 -32.44 22.25 7.71
C VAL B 537 -33.78 21.60 8.00
N LEU B 538 -34.00 20.41 7.48
CA LEU B 538 -35.32 19.80 7.58
C LEU B 538 -35.67 19.38 9.00
N GLU B 539 -34.77 18.65 9.65
CA GLU B 539 -34.94 18.28 11.06
C GLU B 539 -35.31 19.48 11.97
N PRO B 540 -34.50 20.56 11.97
CA PRO B 540 -34.94 21.72 12.76
C PRO B 540 -36.36 22.20 12.42
N MET B 541 -36.77 22.04 11.17
CA MET B 541 -38.08 22.53 10.76
C MET B 541 -39.19 21.61 11.26
N LEU B 542 -38.87 20.33 11.41
CA LEU B 542 -39.82 19.36 11.91
C LEU B 542 -39.92 19.40 13.44
N ASN B 543 -38.82 19.76 14.10
CA ASN B 543 -38.68 19.71 15.57
C ASN B 543 -38.73 21.08 16.27
N GLY B 544 -37.65 21.84 16.18
CA GLY B 544 -37.60 23.16 16.79
C GLY B 544 -36.24 23.54 17.34
N PRO B 549 -39.10 27.42 16.22
CA PRO B 549 -40.51 26.97 16.31
C PRO B 549 -40.94 26.17 15.07
N ALA B 550 -41.33 24.91 15.25
CA ALA B 550 -41.54 23.94 14.15
C ALA B 550 -42.38 24.45 12.96
N LEU B 551 -41.79 24.38 11.77
CA LEU B 551 -42.41 24.95 10.58
C LEU B 551 -43.10 23.92 9.67
N ILE B 552 -42.74 22.64 9.78
CA ILE B 552 -43.31 21.64 8.90
C ILE B 552 -43.86 20.45 9.69
N SER B 553 -44.74 19.70 9.06
CA SER B 553 -45.51 18.67 9.74
C SER B 553 -44.93 17.30 9.48
N ASP B 554 -44.25 17.17 8.35
CA ASP B 554 -43.54 15.93 8.06
C ASP B 554 -42.65 16.09 6.85
N TYR B 555 -41.81 15.09 6.61
CA TYR B 555 -41.08 14.99 5.37
C TYR B 555 -40.69 13.54 5.08
N LYS B 556 -40.73 13.17 3.80
CA LYS B 556 -40.26 11.86 3.38
C LYS B 556 -39.12 12.01 2.39
N GLU B 557 -38.31 10.97 2.28
CA GLU B 557 -37.15 10.97 1.38
C GLU B 557 -37.28 9.94 0.26
N TYR B 558 -37.00 10.37 -0.96
CA TYR B 558 -36.97 9.45 -2.10
C TYR B 558 -35.69 9.68 -2.93
N HIS B 559 -34.57 9.70 -2.23
CA HIS B 559 -33.28 9.95 -2.86
C HIS B 559 -32.88 8.70 -3.62
N THR B 560 -31.98 8.87 -4.59
CA THR B 560 -31.18 7.76 -5.08
C THR B 560 -29.73 8.09 -4.73
N ASP B 561 -28.79 7.30 -5.24
CA ASP B 561 -27.39 7.57 -4.95
C ASP B 561 -26.96 8.92 -5.45
N THR B 562 -27.57 9.36 -6.55
CA THR B 562 -27.12 10.52 -7.30
C THR B 562 -28.14 11.66 -7.42
N THR B 563 -29.32 11.48 -6.84
CA THR B 563 -30.40 12.48 -6.97
C THR B 563 -31.05 12.79 -5.63
N VAL B 564 -31.69 13.95 -5.52
CA VAL B 564 -32.31 14.35 -4.27
C VAL B 564 -33.81 14.53 -4.41
N LYS B 565 -34.59 13.87 -3.56
CA LYS B 565 -36.03 14.12 -3.55
C LYS B 565 -36.63 14.07 -2.14
N PHE B 566 -37.04 15.23 -1.65
CA PHE B 566 -37.78 15.34 -0.40
C PHE B 566 -39.23 15.73 -0.69
N VAL B 567 -40.17 15.02 -0.09
CA VAL B 567 -41.55 15.51 -0.08
C VAL B 567 -41.83 16.05 1.32
N VAL B 568 -42.22 17.32 1.40
CA VAL B 568 -42.43 17.98 2.69
C VAL B 568 -43.90 18.33 2.89
N LYS B 569 -44.47 17.90 4.02
CA LYS B 569 -45.88 18.21 4.34
C LYS B 569 -45.99 19.38 5.31
N MET B 570 -46.80 20.37 4.96
CA MET B 570 -46.99 21.56 5.79
C MET B 570 -48.45 21.91 5.99
N THR B 571 -48.69 22.76 6.98
CA THR B 571 -50.01 23.29 7.22
C THR B 571 -50.28 24.35 6.16
N GLU B 572 -51.48 24.30 5.59
CA GLU B 572 -51.89 25.23 4.52
C GLU B 572 -51.59 26.71 4.84
N GLU B 573 -51.62 27.07 6.12
CA GLU B 573 -51.33 28.45 6.56
C GLU B 573 -49.84 28.71 6.55
N LYS B 574 -49.09 27.71 7.00
CA LYS B 574 -47.64 27.82 7.06
C LYS B 574 -47.03 27.88 5.67
N LEU B 575 -47.55 27.06 4.75
CA LEU B 575 -47.09 27.11 3.36
C LEU B 575 -47.30 28.48 2.75
N ALA B 576 -48.50 29.03 2.92
CA ALA B 576 -48.81 30.35 2.36
C ALA B 576 -47.85 31.39 2.91
N GLN B 577 -47.47 31.24 4.18
CA GLN B 577 -46.46 32.08 4.80
C GLN B 577 -45.08 31.82 4.20
N ALA B 578 -44.69 30.54 4.17
CA ALA B 578 -43.44 30.13 3.55
C ALA B 578 -43.40 30.61 2.10
N GLU B 579 -44.53 30.53 1.41
CA GLU B 579 -44.57 30.95 0.03
C GLU B 579 -44.56 32.48 -0.08
N ALA B 580 -44.95 33.15 1.01
CA ALA B 580 -44.98 34.60 1.06
C ALA B 580 -43.56 35.16 1.11
N ALA B 581 -42.76 34.61 2.02
CA ALA B 581 -41.31 34.81 1.97
C ALA B 581 -40.83 33.94 0.82
N GLY B 582 -39.54 34.01 0.50
CA GLY B 582 -39.04 33.10 -0.53
C GLY B 582 -39.13 31.61 -0.15
N LEU B 583 -39.75 30.80 -1.01
CA LEU B 583 -39.69 29.34 -0.84
C LEU B 583 -38.25 28.84 -0.84
N HIS B 584 -37.44 29.33 -1.76
CA HIS B 584 -36.02 29.00 -1.75
C HIS B 584 -35.32 29.59 -0.54
N LYS B 585 -35.85 30.69 -0.02
CA LYS B 585 -35.24 31.36 1.13
C LYS B 585 -35.53 30.61 2.42
N VAL B 586 -36.80 30.36 2.66
CA VAL B 586 -37.25 29.63 3.84
C VAL B 586 -36.60 28.24 3.95
N PHE B 587 -36.49 27.55 2.82
CA PHE B 587 -35.95 26.19 2.81
C PHE B 587 -34.44 26.16 2.57
N LYS B 588 -33.81 27.33 2.59
CA LYS B 588 -32.37 27.48 2.41
C LYS B 588 -31.85 26.71 1.20
N LEU B 589 -32.47 26.98 0.05
CA LEU B 589 -32.10 26.32 -1.19
C LEU B 589 -31.43 27.32 -2.10
N GLN B 590 -30.98 28.41 -1.50
CA GLN B 590 -30.19 29.38 -2.23
C GLN B 590 -28.93 29.70 -1.46
N THR B 591 -27.79 29.52 -2.10
CA THR B 591 -26.54 29.94 -1.52
C THR B 591 -25.82 30.89 -2.49
N THR B 592 -24.92 31.70 -1.95
CA THR B 592 -24.09 32.53 -2.82
C THR B 592 -22.68 31.94 -2.99
N LEU B 593 -22.12 32.23 -4.14
CA LEU B 593 -20.81 31.75 -4.49
C LEU B 593 -20.05 32.98 -4.92
N THR B 594 -18.90 33.22 -4.30
CA THR B 594 -18.14 34.43 -4.57
C THR B 594 -16.70 34.08 -4.83
N CYS B 595 -16.16 34.61 -5.92
CA CYS B 595 -14.88 34.13 -6.45
C CYS B 595 -13.86 35.23 -6.60
N ASN B 596 -13.51 35.86 -5.47
CA ASN B 596 -12.53 36.93 -5.50
C ASN B 596 -11.13 36.53 -5.06
N SER B 597 -10.85 35.23 -5.08
CA SER B 597 -9.51 34.72 -4.78
C SER B 597 -9.08 33.66 -5.79
N MET B 598 -9.07 34.04 -7.05
CA MET B 598 -8.61 33.15 -8.09
C MET B 598 -7.10 33.31 -8.25
N VAL B 599 -6.36 32.81 -7.26
CA VAL B 599 -4.90 32.92 -7.25
C VAL B 599 -4.32 31.64 -7.80
N LEU B 600 -3.39 31.78 -8.74
CA LEU B 600 -2.79 30.65 -9.41
C LEU B 600 -1.34 30.94 -9.74
N PHE B 601 -0.54 29.88 -9.88
CA PHE B 601 0.78 29.99 -10.46
C PHE B 601 0.68 30.12 -11.98
N ASP B 602 1.33 31.14 -12.53
CA ASP B 602 1.36 31.27 -13.98
C ASP B 602 2.37 30.30 -14.59
N HIS B 603 2.51 30.34 -15.92
CA HIS B 603 3.38 29.39 -16.59
C HIS B 603 4.86 29.55 -16.20
N MET B 604 5.23 30.75 -15.72
CA MET B 604 6.60 31.06 -15.32
C MET B 604 6.87 30.71 -13.86
N GLY B 605 5.87 30.19 -13.16
CA GLY B 605 6.03 29.86 -11.75
C GLY B 605 5.80 31.02 -10.79
N CYS B 606 5.25 32.13 -11.28
CA CYS B 606 4.90 33.25 -10.41
C CYS B 606 3.45 33.14 -9.93
N LEU B 607 3.24 33.51 -8.68
CA LEU B 607 1.92 33.52 -8.10
C LEU B 607 1.19 34.78 -8.57
N LYS B 608 -0.03 34.62 -9.06
CA LYS B 608 -0.77 35.74 -9.64
C LYS B 608 -2.23 35.68 -9.25
N LYS B 609 -2.82 36.86 -9.07
CA LYS B 609 -4.23 36.95 -8.77
C LYS B 609 -4.93 37.34 -10.05
N TYR B 610 -5.81 36.46 -10.54
CA TYR B 610 -6.58 36.73 -11.75
C TYR B 610 -7.94 37.28 -11.37
N GLU B 611 -8.37 38.35 -12.06
CA GLU B 611 -9.63 39.02 -11.77
C GLU B 611 -10.87 38.38 -12.41
N THR B 612 -10.73 37.84 -13.62
CA THR B 612 -11.89 37.19 -14.26
C THR B 612 -11.41 35.89 -14.88
N VAL B 613 -12.34 34.96 -15.12
N VAL B 613 -12.34 34.96 -15.12
CA VAL B 613 -11.96 33.72 -15.80
CA VAL B 613 -11.97 33.72 -15.79
C VAL B 613 -11.50 34.01 -17.23
C VAL B 613 -11.51 34.01 -17.22
N GLN B 614 -12.10 35.04 -17.84
CA GLN B 614 -11.71 35.49 -19.17
CA GLN B 614 -11.69 35.46 -19.18
C GLN B 614 -10.20 35.76 -19.22
N ASP B 615 -9.67 36.33 -18.13
CA ASP B 615 -8.23 36.57 -18.05
C ASP B 615 -7.46 35.24 -18.02
N ILE B 616 -7.93 34.32 -17.20
CA ILE B 616 -7.32 33.00 -17.10
C ILE B 616 -7.35 32.34 -18.47
N LEU B 617 -8.49 32.43 -19.15
CA LEU B 617 -8.67 31.86 -20.48
C LEU B 617 -7.68 32.44 -21.51
N LYS B 618 -7.62 33.76 -21.62
CA LYS B 618 -6.66 34.40 -22.49
C LYS B 618 -5.23 33.90 -22.26
N GLU B 619 -4.73 34.05 -21.04
CA GLU B 619 -3.37 33.60 -20.69
C GLU B 619 -3.11 32.11 -21.03
N PHE B 620 -3.99 31.23 -20.59
CA PHE B 620 -3.92 29.86 -21.03
C PHE B 620 -3.83 29.76 -22.56
N PHE B 621 -4.69 30.51 -23.23
CA PHE B 621 -4.86 30.41 -24.68
C PHE B 621 -3.58 30.79 -25.44
N ASP B 622 -2.96 31.90 -25.03
CA ASP B 622 -1.78 32.38 -25.73
C ASP B 622 -0.64 31.39 -25.61
N LEU B 623 -0.58 30.73 -24.47
CA LEU B 623 0.45 29.75 -24.20
C LEU B 623 0.20 28.44 -24.95
N ARG B 624 -1.04 27.97 -24.97
CA ARG B 624 -1.35 26.70 -25.64
C ARG B 624 -1.26 26.79 -27.16
N LEU B 625 -1.61 27.95 -27.71
CA LEU B 625 -1.49 28.16 -29.16
C LEU B 625 -0.03 28.09 -29.51
N SER B 626 0.77 28.73 -28.67
CA SER B 626 2.20 28.76 -28.84
C SER B 626 2.83 27.35 -28.73
N TYR B 627 2.27 26.49 -27.89
CA TYR B 627 2.75 25.11 -27.83
C TYR B 627 2.25 24.24 -28.97
N TYR B 628 1.19 24.65 -29.67
CA TYR B 628 0.83 23.95 -30.91
C TYR B 628 1.84 24.27 -32.01
N GLY B 629 2.35 25.50 -31.99
CA GLY B 629 3.47 25.83 -32.83
C GLY B 629 4.65 24.91 -32.59
N LEU B 630 5.09 24.82 -31.33
CA LEU B 630 6.17 23.93 -30.94
C LEU B 630 5.95 22.46 -31.32
N ARG B 631 4.73 21.98 -31.14
CA ARG B 631 4.42 20.59 -31.48
C ARG B 631 4.55 20.34 -32.96
N LYS B 632 4.08 21.31 -33.75
CA LYS B 632 4.27 21.26 -35.20
C LYS B 632 5.75 21.23 -35.61
N GLU B 633 6.54 22.18 -35.13
CA GLU B 633 7.97 22.18 -35.43
C GLU B 633 8.60 20.88 -35.03
N TRP B 634 8.27 20.42 -33.82
CA TRP B 634 8.82 19.18 -33.31
C TRP B 634 8.41 18.01 -34.22
N LEU B 635 7.13 17.91 -34.55
CA LEU B 635 6.65 16.85 -35.44
C LEU B 635 7.21 16.90 -36.88
N VAL B 636 7.37 18.10 -37.43
CA VAL B 636 7.97 18.23 -38.75
C VAL B 636 9.41 17.68 -38.71
N GLY B 637 10.15 18.02 -37.66
CA GLY B 637 11.51 17.56 -37.50
C GLY B 637 11.66 16.06 -37.31
N MET B 638 10.85 15.50 -36.44
CA MET B 638 10.92 14.09 -36.06
C MET B 638 10.39 13.18 -37.19
N LEU B 639 9.22 13.52 -37.71
CA LEU B 639 8.64 12.79 -38.85
C LEU B 639 9.57 12.91 -40.06
N GLY B 640 10.21 14.07 -40.19
CA GLY B 640 11.22 14.28 -41.21
C GLY B 640 12.36 13.28 -41.05
N ALA B 641 12.90 13.17 -39.85
CA ALA B 641 13.95 12.18 -39.58
C ALA B 641 13.46 10.77 -39.87
N GLU B 642 12.23 10.47 -39.44
CA GLU B 642 11.68 9.15 -39.68
C GLU B 642 11.58 8.88 -41.16
N SER B 643 11.22 9.90 -41.93
CA SER B 643 11.08 9.75 -43.38
C SER B 643 12.42 9.42 -44.02
N THR B 644 13.44 10.16 -43.60
CA THR B 644 14.81 9.93 -44.04
C THR B 644 15.27 8.53 -43.67
N LYS B 645 15.00 8.14 -42.42
CA LYS B 645 15.33 6.81 -41.94
C LYS B 645 14.71 5.74 -42.84
N LEU B 646 13.42 5.89 -43.14
CA LEU B 646 12.76 4.90 -43.98
C LEU B 646 13.28 4.92 -45.41
N ASN B 647 13.63 6.12 -45.89
CA ASN B 647 14.21 6.25 -47.24
C ASN B 647 15.45 5.39 -47.34
N ASN B 648 16.38 5.59 -46.40
CA ASN B 648 17.61 4.84 -46.39
C ASN B 648 17.36 3.34 -46.27
N GLN B 649 16.45 2.96 -45.37
CA GLN B 649 16.17 1.54 -45.16
C GLN B 649 15.62 0.88 -46.41
N ALA B 650 14.63 1.52 -47.03
CA ALA B 650 14.07 1.06 -48.30
C ALA B 650 15.15 0.97 -49.38
N ARG B 651 15.98 2.00 -49.47
CA ARG B 651 17.06 2.01 -50.43
C ARG B 651 17.92 0.76 -50.25
N PHE B 652 18.50 0.56 -49.06
CA PHE B 652 19.31 -0.63 -48.77
C PHE B 652 18.64 -1.93 -49.21
N ILE B 653 17.38 -2.11 -48.82
CA ILE B 653 16.61 -3.28 -49.21
C ILE B 653 16.55 -3.49 -50.73
N LEU B 654 16.22 -2.43 -51.47
CA LEU B 654 16.13 -2.48 -52.92
C LEU B 654 17.48 -2.73 -53.57
N GLU B 655 18.54 -2.21 -52.96
CA GLU B 655 19.87 -2.45 -53.48
C GLU B 655 20.36 -3.88 -53.18
N LYS B 656 19.85 -4.46 -52.09
CA LYS B 656 20.24 -5.81 -51.71
C LYS B 656 19.55 -6.82 -52.61
N ILE B 657 18.24 -6.66 -52.80
CA ILE B 657 17.50 -7.58 -53.63
C ILE B 657 17.86 -7.50 -55.12
N GLN B 658 18.78 -6.60 -55.47
CA GLN B 658 19.14 -6.39 -56.88
C GLN B 658 20.61 -6.68 -57.15
N GLY B 659 21.36 -6.97 -56.10
CA GLY B 659 22.76 -7.30 -56.25
C GLY B 659 23.65 -6.08 -56.25
N LYS B 660 23.04 -4.90 -56.15
CA LYS B 660 23.79 -3.65 -56.18
C LYS B 660 24.67 -3.51 -54.94
N ILE B 661 24.34 -4.26 -53.91
CA ILE B 661 25.12 -4.22 -52.67
C ILE B 661 25.09 -5.61 -52.05
N THR B 662 26.19 -6.01 -51.41
CA THR B 662 26.23 -7.29 -50.71
C THR B 662 26.90 -7.07 -49.37
N ILE B 663 26.44 -7.80 -48.35
CA ILE B 663 27.03 -7.69 -47.02
C ILE B 663 27.60 -9.02 -46.58
N GLU B 664 27.18 -10.09 -47.27
CA GLU B 664 27.63 -11.46 -46.97
C GLU B 664 29.14 -11.57 -46.78
N ASN B 665 29.54 -12.04 -45.60
CA ASN B 665 30.94 -12.30 -45.29
C ASN B 665 31.85 -11.07 -45.27
N ARG B 666 31.26 -9.88 -45.26
CA ARG B 666 32.07 -8.65 -45.16
C ARG B 666 32.35 -8.34 -43.71
N SER B 667 33.57 -7.91 -43.41
CA SER B 667 33.91 -7.50 -42.06
CA SER B 667 33.91 -7.50 -42.06
C SER B 667 33.07 -6.30 -41.68
N LYS B 668 32.96 -6.03 -40.38
CA LYS B 668 32.17 -4.91 -39.92
C LYS B 668 32.71 -3.60 -40.47
N LYS B 669 34.02 -3.36 -40.28
CA LYS B 669 34.67 -2.13 -40.76
C LYS B 669 34.45 -1.89 -42.24
N ASP B 670 34.66 -2.91 -43.06
CA ASP B 670 34.51 -2.76 -44.49
C ASP B 670 33.08 -2.43 -44.86
N LEU B 671 32.14 -2.97 -44.10
CA LEU B 671 30.73 -2.76 -44.37
C LEU B 671 30.29 -1.38 -43.92
N ILE B 672 30.81 -0.92 -42.79
CA ILE B 672 30.51 0.43 -42.33
C ILE B 672 31.12 1.47 -43.27
N GLN B 673 32.38 1.27 -43.64
CA GLN B 673 33.07 2.14 -44.58
C GLN B 673 32.40 2.13 -45.96
N MET B 674 31.92 0.98 -46.38
CA MET B 674 31.25 0.89 -47.67
C MET B 674 29.96 1.72 -47.70
N LEU B 675 29.20 1.63 -46.63
CA LEU B 675 27.90 2.31 -46.54
C LEU B 675 28.11 3.81 -46.60
N VAL B 676 29.14 4.29 -45.89
CA VAL B 676 29.49 5.70 -45.97
C VAL B 676 29.76 6.11 -47.42
N GLN B 677 30.71 5.43 -48.07
CA GLN B 677 31.03 5.69 -49.47
C GLN B 677 29.82 5.74 -50.39
N ARG B 678 28.74 5.06 -50.05
CA ARG B 678 27.56 5.05 -50.92
C ARG B 678 26.51 6.06 -50.48
N GLY B 679 26.84 6.83 -49.45
CA GLY B 679 26.00 7.94 -49.03
C GLY B 679 24.79 7.55 -48.19
N TYR B 680 24.87 6.41 -47.52
CA TYR B 680 23.84 6.05 -46.56
C TYR B 680 24.05 6.93 -45.35
N GLU B 681 22.96 7.34 -44.71
CA GLU B 681 23.05 8.33 -43.62
C GLU B 681 23.03 7.66 -42.27
N SER B 682 23.94 8.09 -41.40
CA SER B 682 23.95 7.61 -40.03
C SER B 682 22.58 7.88 -39.42
N ASP B 683 22.13 6.99 -38.54
CA ASP B 683 20.77 7.01 -37.97
C ASP B 683 20.18 8.43 -37.90
N PRO B 684 19.31 8.74 -38.85
CA PRO B 684 18.67 10.07 -38.98
C PRO B 684 17.91 10.48 -37.72
N VAL B 685 17.15 9.57 -37.14
CA VAL B 685 16.38 9.88 -35.95
C VAL B 685 17.29 10.13 -34.75
N LYS B 686 18.25 9.23 -34.54
CA LYS B 686 19.23 9.38 -33.48
C LYS B 686 19.89 10.75 -33.58
N ALA B 687 20.35 11.07 -34.79
CA ALA B 687 20.98 12.35 -35.08
C ALA B 687 20.07 13.52 -34.74
N TRP B 688 18.81 13.41 -35.13
CA TRP B 688 17.87 14.49 -34.89
C TRP B 688 17.69 14.69 -33.40
N LYS B 689 17.48 13.60 -32.66
CA LYS B 689 17.31 13.66 -31.20
C LYS B 689 18.52 14.26 -30.50
N GLU B 690 19.71 13.85 -30.93
CA GLU B 690 20.95 14.38 -30.36
C GLU B 690 21.05 15.87 -30.62
N ALA B 691 20.45 16.33 -31.73
CA ALA B 691 20.58 17.72 -32.17
C ALA B 691 19.91 18.75 -31.26
N GLN B 692 19.40 18.31 -30.11
CA GLN B 692 18.99 19.21 -29.03
C GLN B 692 18.83 18.46 -27.69
N GLY B 717 31.64 7.81 -34.75
CA GLY B 717 31.47 7.28 -36.10
C GLY B 717 30.01 7.11 -36.46
N PRO B 718 29.72 6.78 -37.73
CA PRO B 718 28.33 6.71 -38.19
C PRO B 718 27.62 5.43 -37.73
N ASP B 719 26.31 5.54 -37.47
CA ASP B 719 25.50 4.44 -36.94
C ASP B 719 24.53 3.87 -38.00
N PHE B 720 24.76 2.64 -38.42
CA PHE B 720 23.91 2.03 -39.44
C PHE B 720 23.07 0.87 -38.88
N ASN B 721 23.08 0.72 -37.57
CA ASN B 721 22.29 -0.31 -36.90
C ASN B 721 20.81 -0.33 -37.28
N TYR B 722 20.24 0.82 -37.60
CA TYR B 722 18.82 0.87 -37.97
C TYR B 722 18.56 0.14 -39.29
N ILE B 723 19.62 -0.05 -40.09
CA ILE B 723 19.51 -0.75 -41.34
C ILE B 723 19.85 -2.21 -41.11
N LEU B 724 20.97 -2.44 -40.42
CA LEU B 724 21.48 -3.79 -40.25
C LEU B 724 20.78 -4.64 -39.17
N ASN B 725 19.98 -4.01 -38.30
CA ASN B 725 19.15 -4.76 -37.37
C ASN B 725 17.85 -5.26 -37.98
N MET B 726 17.57 -4.90 -39.22
CA MET B 726 16.38 -5.39 -39.88
C MET B 726 16.47 -6.91 -40.06
N SER B 727 15.33 -7.58 -39.94
CA SER B 727 15.28 -9.02 -40.02
C SER B 727 15.57 -9.45 -41.45
N LEU B 728 15.96 -10.71 -41.63
CA LEU B 728 16.11 -11.26 -42.97
C LEU B 728 14.78 -11.24 -43.71
N TRP B 729 13.67 -11.30 -42.96
CA TRP B 729 12.35 -11.23 -43.56
C TRP B 729 12.20 -10.01 -44.48
N SER B 730 12.98 -8.97 -44.19
CA SER B 730 12.89 -7.70 -44.90
C SER B 730 13.14 -7.84 -46.38
N LEU B 731 13.92 -8.85 -46.74
CA LEU B 731 14.29 -9.06 -48.13
C LEU B 731 13.24 -9.86 -48.89
N THR B 732 12.16 -10.28 -48.22
CA THR B 732 11.16 -11.07 -48.91
C THR B 732 10.11 -10.18 -49.59
N LYS B 733 9.48 -10.74 -50.61
CA LYS B 733 8.59 -9.99 -51.49
C LYS B 733 7.58 -9.12 -50.75
N GLU B 734 6.77 -9.73 -49.90
CA GLU B 734 5.70 -9.02 -49.18
C GLU B 734 6.26 -7.92 -48.31
N LYS B 735 7.42 -8.16 -47.72
CA LYS B 735 8.03 -7.20 -46.80
C LYS B 735 8.64 -6.02 -47.54
N VAL B 736 9.19 -6.27 -48.73
CA VAL B 736 9.71 -5.19 -49.56
C VAL B 736 8.59 -4.22 -49.94
N GLU B 737 7.44 -4.74 -50.34
CA GLU B 737 6.31 -3.89 -50.69
C GLU B 737 5.77 -3.11 -49.49
N GLU B 738 5.69 -3.78 -48.34
CA GLU B 738 5.20 -3.15 -47.12
C GLU B 738 6.14 -2.01 -46.70
N LEU B 739 7.44 -2.20 -46.88
CA LEU B 739 8.41 -1.17 -46.55
C LEU B 739 8.28 0.06 -47.45
N ILE B 740 8.06 -0.19 -48.74
CA ILE B 740 7.83 0.86 -49.72
C ILE B 740 6.56 1.64 -49.39
N LYS B 741 5.51 0.93 -49.00
CA LYS B 741 4.27 1.63 -48.63
C LYS B 741 4.47 2.48 -47.38
N GLN B 742 5.18 1.94 -46.41
CA GLN B 742 5.45 2.68 -45.19
C GLN B 742 6.27 3.94 -45.45
N ARG B 743 7.27 3.82 -46.31
CA ARG B 743 8.11 4.96 -46.64
C ARG B 743 7.29 6.10 -47.24
N ASP B 744 6.44 5.77 -48.18
CA ASP B 744 5.58 6.76 -48.82
C ASP B 744 4.56 7.33 -47.85
N ALA B 745 4.12 6.50 -46.91
CA ALA B 745 3.09 6.91 -45.97
C ALA B 745 3.63 8.03 -45.09
N LYS B 746 4.87 7.83 -44.65
CA LYS B 746 5.59 8.78 -43.83
C LYS B 746 5.87 10.06 -44.63
N GLY B 747 6.18 9.90 -45.92
CA GLY B 747 6.34 11.03 -46.82
C GLY B 747 5.11 11.90 -46.78
N ARG B 748 3.96 11.32 -47.10
CA ARG B 748 2.70 12.03 -47.04
C ARG B 748 2.45 12.68 -45.66
N GLU B 749 2.73 11.94 -44.60
CA GLU B 749 2.53 12.43 -43.25
C GLU B 749 3.33 13.71 -42.96
N VAL B 750 4.60 13.76 -43.36
CA VAL B 750 5.39 14.96 -43.16
C VAL B 750 4.78 16.11 -43.95
N ASN B 751 4.49 15.86 -45.22
CA ASN B 751 3.92 16.88 -46.08
C ASN B 751 2.57 17.38 -45.59
N ASP B 752 1.69 16.46 -45.22
CA ASP B 752 0.37 16.81 -44.71
C ASP B 752 0.49 17.71 -43.50
N LEU B 753 1.44 17.38 -42.64
CA LEU B 753 1.59 18.13 -41.42
C LEU B 753 2.13 19.54 -41.69
N LYS B 754 3.12 19.64 -42.57
CA LYS B 754 3.72 20.93 -42.94
C LYS B 754 2.69 21.95 -43.45
N ARG B 755 1.63 21.47 -44.09
CA ARG B 755 0.65 22.39 -44.67
CA ARG B 755 0.63 22.36 -44.68
C ARG B 755 -0.32 22.95 -43.63
N LYS B 756 -0.44 22.27 -42.49
CA LYS B 756 -1.37 22.67 -41.44
C LYS B 756 -0.88 23.81 -40.54
N SER B 757 -1.81 24.55 -39.95
CA SER B 757 -1.44 25.54 -38.95
C SER B 757 -1.52 24.94 -37.55
N PRO B 758 -0.82 25.56 -36.59
CA PRO B 758 -0.99 25.19 -35.18
C PRO B 758 -2.48 25.16 -34.80
N SER B 759 -3.21 26.18 -35.22
CA SER B 759 -4.65 26.27 -35.06
C SER B 759 -5.45 25.06 -35.62
N ASP B 760 -5.00 24.51 -36.74
CA ASP B 760 -5.66 23.35 -37.35
C ASP B 760 -5.52 22.13 -36.48
N LEU B 761 -4.30 21.96 -35.97
CA LEU B 761 -3.94 20.85 -35.11
C LEU B 761 -4.80 20.92 -33.86
N TRP B 762 -4.95 22.14 -33.34
CA TRP B 762 -5.75 22.35 -32.14
C TRP B 762 -7.20 21.95 -32.40
N LYS B 763 -7.75 22.37 -33.53
CA LYS B 763 -9.13 21.98 -33.84
C LYS B 763 -9.30 20.47 -33.97
N GLU B 764 -8.28 19.79 -34.49
CA GLU B 764 -8.37 18.33 -34.61
C GLU B 764 -8.47 17.67 -33.24
N ASP B 765 -7.62 18.09 -32.30
CA ASP B 765 -7.65 17.58 -30.93
C ASP B 765 -8.99 17.85 -30.24
N LEU B 766 -9.48 19.08 -30.36
CA LEU B 766 -10.79 19.46 -29.77
C LEU B 766 -11.93 18.61 -30.33
N ALA B 767 -11.95 18.45 -31.65
CA ALA B 767 -12.97 17.64 -32.29
C ALA B 767 -12.94 16.20 -31.74
N ALA B 768 -11.74 15.63 -31.65
CA ALA B 768 -11.57 14.28 -31.08
C ALA B 768 -12.00 14.22 -29.62
N PHE B 769 -11.67 15.26 -28.86
CA PHE B 769 -12.02 15.31 -27.45
C PHE B 769 -13.54 15.33 -27.30
N VAL B 770 -14.21 16.24 -28.01
CA VAL B 770 -15.68 16.34 -27.94
C VAL B 770 -16.40 15.04 -28.35
N GLU B 771 -15.87 14.34 -29.35
CA GLU B 771 -16.49 13.09 -29.77
C GLU B 771 -16.47 12.03 -28.67
N GLU B 772 -15.37 11.93 -27.94
CA GLU B 772 -15.27 10.95 -26.85
C GLU B 772 -16.01 11.41 -25.59
N LEU B 773 -16.14 12.72 -25.44
CA LEU B 773 -16.91 13.28 -24.35
C LEU B 773 -18.39 12.94 -24.54
N ASP B 774 -18.89 13.11 -25.76
CA ASP B 774 -20.28 12.76 -26.07
C ASP B 774 -20.52 11.27 -25.84
N LYS B 775 -19.55 10.43 -26.21
CA LYS B 775 -19.68 8.99 -26.06
CA LYS B 775 -19.68 8.99 -26.06
C LYS B 775 -19.67 8.57 -24.60
N VAL B 776 -18.65 9.04 -23.86
CA VAL B 776 -18.48 8.73 -22.43
C VAL B 776 -19.66 9.25 -21.61
N GLU B 777 -20.11 10.45 -21.88
CA GLU B 777 -21.18 11.00 -21.08
C GLU B 777 -22.50 10.34 -21.35
N SER B 778 -22.66 9.87 -22.58
CA SER B 778 -23.86 9.13 -22.96
C SER B 778 -23.91 7.81 -22.20
N GLN B 779 -22.80 7.08 -22.22
CA GLN B 779 -22.67 5.80 -21.49
C GLN B 779 -22.88 5.95 -19.99
N GLU B 780 -22.52 7.10 -19.42
CA GLU B 780 -22.76 7.37 -17.99
C GLU B 780 -24.25 7.55 -17.66
N ARG B 781 -25.02 8.06 -18.62
CA ARG B 781 -26.43 8.35 -18.38
C ARG B 781 -27.31 7.14 -18.72
N GLU B 782 -26.70 5.97 -18.74
CA GLU B 782 -27.41 4.72 -18.97
C GLU B 782 -27.01 3.68 -17.92
N ASP B 783 -25.72 3.67 -17.57
CA ASP B 783 -25.21 2.78 -16.53
C ASP B 783 -25.54 3.37 -15.16
#